data_1UCC
# 
_entry.id   1UCC 
# 
_audit_conform.dict_name       mmcif_pdbx.dic 
_audit_conform.dict_version    5.398 
_audit_conform.dict_location   http://mmcif.pdb.org/dictionaries/ascii/mmcif_pdbx.dic 
# 
loop_
_database_2.database_id 
_database_2.database_code 
_database_2.pdbx_database_accession 
_database_2.pdbx_DOI 
PDB   1UCC         pdb_00001ucc 10.2210/pdb1ucc/pdb 
RCSB  RCSB005671   ?            ?                   
WWPDB D_1000005671 ?            ?                   
# 
loop_
_pdbx_audit_revision_history.ordinal 
_pdbx_audit_revision_history.data_content_type 
_pdbx_audit_revision_history.major_revision 
_pdbx_audit_revision_history.minor_revision 
_pdbx_audit_revision_history.revision_date 
1 'Structure model' 1 0 2003-04-29 
2 'Structure model' 1 1 2008-04-27 
3 'Structure model' 1 2 2011-07-13 
4 'Structure model' 1 3 2023-10-25 
5 'Structure model' 1 4 2024-10-30 
# 
_pdbx_audit_revision_details.ordinal             1 
_pdbx_audit_revision_details.revision_ordinal    1 
_pdbx_audit_revision_details.data_content_type   'Structure model' 
_pdbx_audit_revision_details.provider            repository 
_pdbx_audit_revision_details.type                'Initial release' 
_pdbx_audit_revision_details.description         ? 
_pdbx_audit_revision_details.details             ? 
# 
loop_
_pdbx_audit_revision_group.ordinal 
_pdbx_audit_revision_group.revision_ordinal 
_pdbx_audit_revision_group.data_content_type 
_pdbx_audit_revision_group.group 
1 2 'Structure model' 'Version format compliance' 
2 3 'Structure model' 'Version format compliance' 
3 4 'Structure model' 'Data collection'           
4 4 'Structure model' 'Database references'       
5 4 'Structure model' 'Derived calculations'      
6 4 'Structure model' 'Refinement description'    
7 5 'Structure model' 'Structure summary'         
# 
loop_
_pdbx_audit_revision_category.ordinal 
_pdbx_audit_revision_category.revision_ordinal 
_pdbx_audit_revision_category.data_content_type 
_pdbx_audit_revision_category.category 
1 4 'Structure model' chem_comp_atom                
2 4 'Structure model' chem_comp_bond                
3 4 'Structure model' database_2                    
4 4 'Structure model' pdbx_initial_refinement_model 
5 4 'Structure model' struct_site                   
6 5 'Structure model' pdbx_entry_details            
7 5 'Structure model' pdbx_modification_feature     
# 
loop_
_pdbx_audit_revision_item.ordinal 
_pdbx_audit_revision_item.revision_ordinal 
_pdbx_audit_revision_item.data_content_type 
_pdbx_audit_revision_item.item 
1 4 'Structure model' '_database_2.pdbx_DOI'                
2 4 'Structure model' '_database_2.pdbx_database_accession' 
3 4 'Structure model' '_struct_site.pdbx_auth_asym_id'      
4 4 'Structure model' '_struct_site.pdbx_auth_comp_id'      
5 4 'Structure model' '_struct_site.pdbx_auth_seq_id'       
# 
_pdbx_database_status.status_code                     REL 
_pdbx_database_status.entry_id                        1UCC 
_pdbx_database_status.recvd_initial_deposition_date   2003-04-10 
_pdbx_database_status.deposit_site                    PDBJ 
_pdbx_database_status.process_site                    PDBJ 
_pdbx_database_status.SG_entry                        . 
_pdbx_database_status.pdb_format_compatible           Y 
_pdbx_database_status.status_code_mr                  ? 
_pdbx_database_status.status_code_sf                  ? 
_pdbx_database_status.status_code_cs                  ? 
_pdbx_database_status.status_code_nmr_data            ? 
_pdbx_database_status.methods_development_category    ? 
# 
loop_
_pdbx_database_related.db_name 
_pdbx_database_related.db_id 
_pdbx_database_related.details 
_pdbx_database_related.content_type 
PDB 1BK7 'Substrate-free form'                    unspecified 
PDB 1UCA 
;the same protein complexed with 2'-UMP
;
unspecified 
# 
loop_
_audit_author.name 
_audit_author.pdbx_ordinal 
'Suzuki, A.'   1 
'Yao, M.'      2 
'Tanaka, I.'   3 
'Numata, T.'   4 
'Kikukawa, S.' 5 
'Yamasaki, N.' 6 
'Kimura, M.'   7 
# 
_citation.id                        primary 
_citation.title                     
;Crystal structures of the ribonuclease MC1 from bitter gourd seeds, complexed with 2'-UMP or 3'-UMP, reveal structural basis for uridine specificity
;
_citation.journal_abbrev            Biochem.Biophys.Res.Commun. 
_citation.journal_volume            275 
_citation.page_first                572 
_citation.page_last                 576 
_citation.year                      2000 
_citation.journal_id_ASTM           BBRCA9 
_citation.country                   US 
_citation.journal_id_ISSN           0006-291X 
_citation.journal_id_CSD            0146 
_citation.book_publisher            ? 
_citation.pdbx_database_id_PubMed   10964705 
_citation.pdbx_database_id_DOI      10.1006/bbrc.2000.3318 
# 
loop_
_citation_author.citation_id 
_citation_author.name 
_citation_author.ordinal 
_citation_author.identifier_ORCID 
primary 'Suzuki, A.'   1 ? 
primary 'Yao, M.'      2 ? 
primary 'Tanaka, I.'   3 ? 
primary 'Numata, T.'   4 ? 
primary 'Kikukawa, S.' 5 ? 
primary 'Yamasaki, N.' 6 ? 
primary 'Kimura, M.'   7 ? 
# 
loop_
_entity.id 
_entity.type 
_entity.src_method 
_entity.pdbx_description 
_entity.formula_weight 
_entity.pdbx_number_of_molecules 
_entity.pdbx_ec 
_entity.pdbx_mutation 
_entity.pdbx_fragment 
_entity.details 
1 polymer     nat 'Ribonuclease MC'         21227.010 1  3.1.27.1 ? ? ? 
2 non-polymer syn "3'-URIDINEMONOPHOSPHATE" 324.181   1  ?        ? ? ? 
3 water       nat water                     18.015    94 ?        ? ? ? 
# 
_entity_name_com.entity_id   1 
_entity_name_com.name        'Ribonuclease MC1' 
# 
_entity_poly.entity_id                      1 
_entity_poly.type                           'polypeptide(L)' 
_entity_poly.nstd_linkage                   no 
_entity_poly.nstd_monomer                   no 
_entity_poly.pdbx_seq_one_letter_code       
;FDSFWFVQQWPPAVCSFQKSGSCPGSGLRTFTIHGLWPQQSGTSLTNCPGSPFDITKISHLQSQLNTLWPNVLRANNQQF
WSHEWTKHGTCSESTFNQAAYFKLAVDMRNNYDIIGALRPHAAGPNGRTKSRQAIKGFLKAKFGKFPGLRCRTDPQTKVS
YLVQVVACFAQDGSTLIDCTRDTCGANFIF
;
_entity_poly.pdbx_seq_one_letter_code_can   
;FDSFWFVQQWPPAVCSFQKSGSCPGSGLRTFTIHGLWPQQSGTSLTNCPGSPFDITKISHLQSQLNTLWPNVLRANNQQF
WSHEWTKHGTCSESTFNQAAYFKLAVDMRNNYDIIGALRPHAAGPNGRTKSRQAIKGFLKAKFGKFPGLRCRTDPQTKVS
YLVQVVACFAQDGSTLIDCTRDTCGANFIF
;
_entity_poly.pdbx_strand_id                 A 
_entity_poly.pdbx_target_identifier         ? 
# 
loop_
_pdbx_entity_nonpoly.entity_id 
_pdbx_entity_nonpoly.name 
_pdbx_entity_nonpoly.comp_id 
2 "3'-URIDINEMONOPHOSPHATE" U3P 
3 water                     HOH 
# 
loop_
_entity_poly_seq.entity_id 
_entity_poly_seq.num 
_entity_poly_seq.mon_id 
_entity_poly_seq.hetero 
1 1   PHE n 
1 2   ASP n 
1 3   SER n 
1 4   PHE n 
1 5   TRP n 
1 6   PHE n 
1 7   VAL n 
1 8   GLN n 
1 9   GLN n 
1 10  TRP n 
1 11  PRO n 
1 12  PRO n 
1 13  ALA n 
1 14  VAL n 
1 15  CYS n 
1 16  SER n 
1 17  PHE n 
1 18  GLN n 
1 19  LYS n 
1 20  SER n 
1 21  GLY n 
1 22  SER n 
1 23  CYS n 
1 24  PRO n 
1 25  GLY n 
1 26  SER n 
1 27  GLY n 
1 28  LEU n 
1 29  ARG n 
1 30  THR n 
1 31  PHE n 
1 32  THR n 
1 33  ILE n 
1 34  HIS n 
1 35  GLY n 
1 36  LEU n 
1 37  TRP n 
1 38  PRO n 
1 39  GLN n 
1 40  GLN n 
1 41  SER n 
1 42  GLY n 
1 43  THR n 
1 44  SER n 
1 45  LEU n 
1 46  THR n 
1 47  ASN n 
1 48  CYS n 
1 49  PRO n 
1 50  GLY n 
1 51  SER n 
1 52  PRO n 
1 53  PHE n 
1 54  ASP n 
1 55  ILE n 
1 56  THR n 
1 57  LYS n 
1 58  ILE n 
1 59  SER n 
1 60  HIS n 
1 61  LEU n 
1 62  GLN n 
1 63  SER n 
1 64  GLN n 
1 65  LEU n 
1 66  ASN n 
1 67  THR n 
1 68  LEU n 
1 69  TRP n 
1 70  PRO n 
1 71  ASN n 
1 72  VAL n 
1 73  LEU n 
1 74  ARG n 
1 75  ALA n 
1 76  ASN n 
1 77  ASN n 
1 78  GLN n 
1 79  GLN n 
1 80  PHE n 
1 81  TRP n 
1 82  SER n 
1 83  HIS n 
1 84  GLU n 
1 85  TRP n 
1 86  THR n 
1 87  LYS n 
1 88  HIS n 
1 89  GLY n 
1 90  THR n 
1 91  CYS n 
1 92  SER n 
1 93  GLU n 
1 94  SER n 
1 95  THR n 
1 96  PHE n 
1 97  ASN n 
1 98  GLN n 
1 99  ALA n 
1 100 ALA n 
1 101 TYR n 
1 102 PHE n 
1 103 LYS n 
1 104 LEU n 
1 105 ALA n 
1 106 VAL n 
1 107 ASP n 
1 108 MET n 
1 109 ARG n 
1 110 ASN n 
1 111 ASN n 
1 112 TYR n 
1 113 ASP n 
1 114 ILE n 
1 115 ILE n 
1 116 GLY n 
1 117 ALA n 
1 118 LEU n 
1 119 ARG n 
1 120 PRO n 
1 121 HIS n 
1 122 ALA n 
1 123 ALA n 
1 124 GLY n 
1 125 PRO n 
1 126 ASN n 
1 127 GLY n 
1 128 ARG n 
1 129 THR n 
1 130 LYS n 
1 131 SER n 
1 132 ARG n 
1 133 GLN n 
1 134 ALA n 
1 135 ILE n 
1 136 LYS n 
1 137 GLY n 
1 138 PHE n 
1 139 LEU n 
1 140 LYS n 
1 141 ALA n 
1 142 LYS n 
1 143 PHE n 
1 144 GLY n 
1 145 LYS n 
1 146 PHE n 
1 147 PRO n 
1 148 GLY n 
1 149 LEU n 
1 150 ARG n 
1 151 CYS n 
1 152 ARG n 
1 153 THR n 
1 154 ASP n 
1 155 PRO n 
1 156 GLN n 
1 157 THR n 
1 158 LYS n 
1 159 VAL n 
1 160 SER n 
1 161 TYR n 
1 162 LEU n 
1 163 VAL n 
1 164 GLN n 
1 165 VAL n 
1 166 VAL n 
1 167 ALA n 
1 168 CYS n 
1 169 PHE n 
1 170 ALA n 
1 171 GLN n 
1 172 ASP n 
1 173 GLY n 
1 174 SER n 
1 175 THR n 
1 176 LEU n 
1 177 ILE n 
1 178 ASP n 
1 179 CYS n 
1 180 THR n 
1 181 ARG n 
1 182 ASP n 
1 183 THR n 
1 184 CYS n 
1 185 GLY n 
1 186 ALA n 
1 187 ASN n 
1 188 PHE n 
1 189 ILE n 
1 190 PHE n 
# 
_entity_src_nat.entity_id                  1 
_entity_src_nat.pdbx_src_id                1 
_entity_src_nat.pdbx_alt_source_flag       sample 
_entity_src_nat.pdbx_beg_seq_num           ? 
_entity_src_nat.pdbx_end_seq_num           ? 
_entity_src_nat.common_name                'balsam pear' 
_entity_src_nat.pdbx_organism_scientific   'Momordica charantia' 
_entity_src_nat.pdbx_ncbi_taxonomy_id      3673 
_entity_src_nat.genus                      Momordica 
_entity_src_nat.species                    ? 
_entity_src_nat.strain                     ? 
_entity_src_nat.tissue                     seed 
_entity_src_nat.tissue_fraction            ? 
_entity_src_nat.pdbx_secretion             ? 
_entity_src_nat.pdbx_fragment              ? 
_entity_src_nat.pdbx_variant               ? 
_entity_src_nat.pdbx_cell_line             ? 
_entity_src_nat.pdbx_atcc                  ? 
_entity_src_nat.pdbx_cellular_location     ? 
_entity_src_nat.pdbx_organ                 ? 
_entity_src_nat.pdbx_organelle             ? 
_entity_src_nat.pdbx_cell                  ? 
_entity_src_nat.pdbx_plasmid_name          ? 
_entity_src_nat.pdbx_plasmid_details       ? 
_entity_src_nat.details                    ? 
# 
loop_
_chem_comp.id 
_chem_comp.type 
_chem_comp.mon_nstd_flag 
_chem_comp.name 
_chem_comp.pdbx_synonyms 
_chem_comp.formula 
_chem_comp.formula_weight 
ALA 'L-peptide linking' y ALANINE                   ? 'C3 H7 N O2'     89.093  
ARG 'L-peptide linking' y ARGININE                  ? 'C6 H15 N4 O2 1' 175.209 
ASN 'L-peptide linking' y ASPARAGINE                ? 'C4 H8 N2 O3'    132.118 
ASP 'L-peptide linking' y 'ASPARTIC ACID'           ? 'C4 H7 N O4'     133.103 
CYS 'L-peptide linking' y CYSTEINE                  ? 'C3 H7 N O2 S'   121.158 
GLN 'L-peptide linking' y GLUTAMINE                 ? 'C5 H10 N2 O3'   146.144 
GLU 'L-peptide linking' y 'GLUTAMIC ACID'           ? 'C5 H9 N O4'     147.129 
GLY 'peptide linking'   y GLYCINE                   ? 'C2 H5 N O2'     75.067  
HIS 'L-peptide linking' y HISTIDINE                 ? 'C6 H10 N3 O2 1' 156.162 
HOH non-polymer         . WATER                     ? 'H2 O'           18.015  
ILE 'L-peptide linking' y ISOLEUCINE                ? 'C6 H13 N O2'    131.173 
LEU 'L-peptide linking' y LEUCINE                   ? 'C6 H13 N O2'    131.173 
LYS 'L-peptide linking' y LYSINE                    ? 'C6 H15 N2 O2 1' 147.195 
MET 'L-peptide linking' y METHIONINE                ? 'C5 H11 N O2 S'  149.211 
PHE 'L-peptide linking' y PHENYLALANINE             ? 'C9 H11 N O2'    165.189 
PRO 'L-peptide linking' y PROLINE                   ? 'C5 H9 N O2'     115.130 
SER 'L-peptide linking' y SERINE                    ? 'C3 H7 N O3'     105.093 
THR 'L-peptide linking' y THREONINE                 ? 'C4 H9 N O3'     119.119 
TRP 'L-peptide linking' y TRYPTOPHAN                ? 'C11 H12 N2 O2'  204.225 
TYR 'L-peptide linking' y TYROSINE                  ? 'C9 H11 N O3'    181.189 
U3P non-polymer         . "3'-URIDINEMONOPHOSPHATE" ? 'C9 H13 N2 O9 P' 324.181 
VAL 'L-peptide linking' y VALINE                    ? 'C5 H11 N O2'    117.146 
# 
loop_
_pdbx_poly_seq_scheme.asym_id 
_pdbx_poly_seq_scheme.entity_id 
_pdbx_poly_seq_scheme.seq_id 
_pdbx_poly_seq_scheme.mon_id 
_pdbx_poly_seq_scheme.ndb_seq_num 
_pdbx_poly_seq_scheme.pdb_seq_num 
_pdbx_poly_seq_scheme.auth_seq_num 
_pdbx_poly_seq_scheme.pdb_mon_id 
_pdbx_poly_seq_scheme.auth_mon_id 
_pdbx_poly_seq_scheme.pdb_strand_id 
_pdbx_poly_seq_scheme.pdb_ins_code 
_pdbx_poly_seq_scheme.hetero 
A 1 1   PHE 1   1   1   PHE PHE A . n 
A 1 2   ASP 2   2   2   ASP ASP A . n 
A 1 3   SER 3   3   3   SER SER A . n 
A 1 4   PHE 4   4   4   PHE PHE A . n 
A 1 5   TRP 5   5   5   TRP TRP A . n 
A 1 6   PHE 6   6   6   PHE PHE A . n 
A 1 7   VAL 7   7   7   VAL VAL A . n 
A 1 8   GLN 8   8   8   GLN GLN A . n 
A 1 9   GLN 9   9   9   GLN GLN A . n 
A 1 10  TRP 10  10  10  TRP TRP A . n 
A 1 11  PRO 11  11  11  PRO PRO A . n 
A 1 12  PRO 12  12  12  PRO PRO A . n 
A 1 13  ALA 13  13  13  ALA ALA A . n 
A 1 14  VAL 14  14  14  VAL VAL A . n 
A 1 15  CYS 15  15  15  CYS CYS A . n 
A 1 16  SER 16  16  16  SER SER A . n 
A 1 17  PHE 17  17  17  PHE PHE A . n 
A 1 18  GLN 18  18  18  GLN GLN A . n 
A 1 19  LYS 19  19  19  LYS LYS A . n 
A 1 20  SER 20  20  20  SER SER A . n 
A 1 21  GLY 21  21  21  GLY GLY A . n 
A 1 22  SER 22  22  22  SER SER A . n 
A 1 23  CYS 23  23  23  CYS CYS A . n 
A 1 24  PRO 24  24  24  PRO PRO A . n 
A 1 25  GLY 25  25  25  GLY GLY A . n 
A 1 26  SER 26  26  26  SER SER A . n 
A 1 27  GLY 27  27  27  GLY GLY A . n 
A 1 28  LEU 28  28  28  LEU LEU A . n 
A 1 29  ARG 29  29  29  ARG ARG A . n 
A 1 30  THR 30  30  30  THR THR A . n 
A 1 31  PHE 31  31  31  PHE PHE A . n 
A 1 32  THR 32  32  32  THR THR A . n 
A 1 33  ILE 33  33  33  ILE ILE A . n 
A 1 34  HIS 34  34  34  HIS HIS A . n 
A 1 35  GLY 35  35  35  GLY GLY A . n 
A 1 36  LEU 36  36  36  LEU LEU A . n 
A 1 37  TRP 37  37  37  TRP TRP A . n 
A 1 38  PRO 38  38  38  PRO PRO A . n 
A 1 39  GLN 39  39  39  GLN GLN A . n 
A 1 40  GLN 40  40  40  GLN GLN A . n 
A 1 41  SER 41  41  41  SER SER A . n 
A 1 42  GLY 42  42  42  GLY GLY A . n 
A 1 43  THR 43  43  43  THR THR A . n 
A 1 44  SER 44  44  44  SER SER A . n 
A 1 45  LEU 45  45  45  LEU LEU A . n 
A 1 46  THR 46  46  46  THR THR A . n 
A 1 47  ASN 47  47  47  ASN ASN A . n 
A 1 48  CYS 48  48  48  CYS CYS A . n 
A 1 49  PRO 49  49  49  PRO PRO A . n 
A 1 50  GLY 50  50  50  GLY GLY A . n 
A 1 51  SER 51  51  51  SER SER A . n 
A 1 52  PRO 52  52  52  PRO PRO A . n 
A 1 53  PHE 53  53  53  PHE PHE A . n 
A 1 54  ASP 54  54  54  ASP ASP A . n 
A 1 55  ILE 55  55  55  ILE ILE A . n 
A 1 56  THR 56  56  56  THR THR A . n 
A 1 57  LYS 57  57  57  LYS LYS A . n 
A 1 58  ILE 58  58  58  ILE ILE A . n 
A 1 59  SER 59  59  59  SER SER A . n 
A 1 60  HIS 60  60  60  HIS HIS A . n 
A 1 61  LEU 61  61  61  LEU LEU A . n 
A 1 62  GLN 62  62  62  GLN GLN A . n 
A 1 63  SER 63  63  63  SER SER A . n 
A 1 64  GLN 64  64  64  GLN GLN A . n 
A 1 65  LEU 65  65  65  LEU LEU A . n 
A 1 66  ASN 66  66  66  ASN ASN A . n 
A 1 67  THR 67  67  67  THR THR A . n 
A 1 68  LEU 68  68  68  LEU LEU A . n 
A 1 69  TRP 69  69  69  TRP TRP A . n 
A 1 70  PRO 70  70  70  PRO PRO A . n 
A 1 71  ASN 71  71  71  ASN ASN A . n 
A 1 72  VAL 72  72  72  VAL VAL A . n 
A 1 73  LEU 73  73  73  LEU LEU A . n 
A 1 74  ARG 74  74  74  ARG ARG A . n 
A 1 75  ALA 75  75  75  ALA ALA A . n 
A 1 76  ASN 76  76  76  ASN ASN A . n 
A 1 77  ASN 77  77  77  ASN ASN A . n 
A 1 78  GLN 78  78  78  GLN GLN A . n 
A 1 79  GLN 79  79  79  GLN GLN A . n 
A 1 80  PHE 80  80  80  PHE PHE A . n 
A 1 81  TRP 81  81  81  TRP TRP A . n 
A 1 82  SER 82  82  82  SER SER A . n 
A 1 83  HIS 83  83  83  HIS HIS A . n 
A 1 84  GLU 84  84  84  GLU GLU A . n 
A 1 85  TRP 85  85  85  TRP TRP A . n 
A 1 86  THR 86  86  86  THR THR A . n 
A 1 87  LYS 87  87  87  LYS LYS A . n 
A 1 88  HIS 88  88  88  HIS HIS A . n 
A 1 89  GLY 89  89  89  GLY GLY A . n 
A 1 90  THR 90  90  90  THR THR A . n 
A 1 91  CYS 91  91  91  CYS CYS A . n 
A 1 92  SER 92  92  92  SER SER A . n 
A 1 93  GLU 93  93  93  GLU GLU A . n 
A 1 94  SER 94  94  94  SER SER A . n 
A 1 95  THR 95  95  95  THR THR A . n 
A 1 96  PHE 96  96  96  PHE PHE A . n 
A 1 97  ASN 97  97  97  ASN ASN A . n 
A 1 98  GLN 98  98  98  GLN GLN A . n 
A 1 99  ALA 99  99  99  ALA ALA A . n 
A 1 100 ALA 100 100 100 ALA ALA A . n 
A 1 101 TYR 101 101 101 TYR TYR A . n 
A 1 102 PHE 102 102 102 PHE PHE A . n 
A 1 103 LYS 103 103 103 LYS LYS A . n 
A 1 104 LEU 104 104 104 LEU LEU A . n 
A 1 105 ALA 105 105 105 ALA ALA A . n 
A 1 106 VAL 106 106 106 VAL VAL A . n 
A 1 107 ASP 107 107 107 ASP ASP A . n 
A 1 108 MET 108 108 108 MET MET A . n 
A 1 109 ARG 109 109 109 ARG ARG A . n 
A 1 110 ASN 110 110 110 ASN ASN A . n 
A 1 111 ASN 111 111 111 ASN ASN A . n 
A 1 112 TYR 112 112 112 TYR TYR A . n 
A 1 113 ASP 113 113 113 ASP ASP A . n 
A 1 114 ILE 114 114 114 ILE ILE A . n 
A 1 115 ILE 115 115 115 ILE ILE A . n 
A 1 116 GLY 116 116 116 GLY GLY A . n 
A 1 117 ALA 117 117 117 ALA ALA A . n 
A 1 118 LEU 118 118 118 LEU LEU A . n 
A 1 119 ARG 119 119 119 ARG ARG A . n 
A 1 120 PRO 120 120 120 PRO PRO A . n 
A 1 121 HIS 121 121 121 HIS HIS A . n 
A 1 122 ALA 122 122 122 ALA ALA A . n 
A 1 123 ALA 123 123 123 ALA ALA A . n 
A 1 124 GLY 124 124 124 GLY GLY A . n 
A 1 125 PRO 125 125 125 PRO PRO A . n 
A 1 126 ASN 126 126 126 ASN ASN A . n 
A 1 127 GLY 127 127 127 GLY GLY A . n 
A 1 128 ARG 128 128 128 ARG ARG A . n 
A 1 129 THR 129 129 129 THR THR A . n 
A 1 130 LYS 130 130 130 LYS LYS A . n 
A 1 131 SER 131 131 131 SER SER A . n 
A 1 132 ARG 132 132 132 ARG ARG A . n 
A 1 133 GLN 133 133 133 GLN GLN A . n 
A 1 134 ALA 134 134 134 ALA ALA A . n 
A 1 135 ILE 135 135 135 ILE ILE A . n 
A 1 136 LYS 136 136 136 LYS LYS A . n 
A 1 137 GLY 137 137 137 GLY GLY A . n 
A 1 138 PHE 138 138 138 PHE PHE A . n 
A 1 139 LEU 139 139 139 LEU LEU A . n 
A 1 140 LYS 140 140 140 LYS LYS A . n 
A 1 141 ALA 141 141 141 ALA ALA A . n 
A 1 142 LYS 142 142 142 LYS LYS A . n 
A 1 143 PHE 143 143 143 PHE PHE A . n 
A 1 144 GLY 144 144 144 GLY GLY A . n 
A 1 145 LYS 145 145 145 LYS LYS A . n 
A 1 146 PHE 146 146 146 PHE PHE A . n 
A 1 147 PRO 147 147 147 PRO PRO A . n 
A 1 148 GLY 148 148 148 GLY GLY A . n 
A 1 149 LEU 149 149 149 LEU LEU A . n 
A 1 150 ARG 150 150 150 ARG ARG A . n 
A 1 151 CYS 151 151 151 CYS CYS A . n 
A 1 152 ARG 152 152 152 ARG ARG A . n 
A 1 153 THR 153 153 153 THR THR A . n 
A 1 154 ASP 154 154 154 ASP ASP A . n 
A 1 155 PRO 155 155 155 PRO PRO A . n 
A 1 156 GLN 156 156 156 GLN GLN A . n 
A 1 157 THR 157 157 157 THR THR A . n 
A 1 158 LYS 158 158 158 LYS LYS A . n 
A 1 159 VAL 159 159 159 VAL VAL A . n 
A 1 160 SER 160 160 160 SER SER A . n 
A 1 161 TYR 161 161 161 TYR TYR A . n 
A 1 162 LEU 162 162 162 LEU LEU A . n 
A 1 163 VAL 163 163 163 VAL VAL A . n 
A 1 164 GLN 164 164 164 GLN GLN A . n 
A 1 165 VAL 165 165 165 VAL VAL A . n 
A 1 166 VAL 166 166 166 VAL VAL A . n 
A 1 167 ALA 167 167 167 ALA ALA A . n 
A 1 168 CYS 168 168 168 CYS CYS A . n 
A 1 169 PHE 169 169 169 PHE PHE A . n 
A 1 170 ALA 170 170 170 ALA ALA A . n 
A 1 171 GLN 171 171 171 GLN GLN A . n 
A 1 172 ASP 172 172 172 ASP ASP A . n 
A 1 173 GLY 173 173 173 GLY GLY A . n 
A 1 174 SER 174 174 174 SER SER A . n 
A 1 175 THR 175 175 175 THR THR A . n 
A 1 176 LEU 176 176 176 LEU LEU A . n 
A 1 177 ILE 177 177 177 ILE ILE A . n 
A 1 178 ASP 178 178 178 ASP ASP A . n 
A 1 179 CYS 179 179 179 CYS CYS A . n 
A 1 180 THR 180 180 180 THR THR A . n 
A 1 181 ARG 181 181 181 ARG ARG A . n 
A 1 182 ASP 182 182 182 ASP ASP A . n 
A 1 183 THR 183 183 183 THR THR A . n 
A 1 184 CYS 184 184 184 CYS CYS A . n 
A 1 185 GLY 185 185 185 GLY GLY A . n 
A 1 186 ALA 186 186 186 ALA ALA A . n 
A 1 187 ASN 187 187 187 ASN ASN A . n 
A 1 188 PHE 188 188 188 PHE PHE A . n 
A 1 189 ILE 189 189 189 ILE ILE A . n 
A 1 190 PHE 190 190 190 PHE PHE A . n 
# 
loop_
_pdbx_nonpoly_scheme.asym_id 
_pdbx_nonpoly_scheme.entity_id 
_pdbx_nonpoly_scheme.mon_id 
_pdbx_nonpoly_scheme.ndb_seq_num 
_pdbx_nonpoly_scheme.pdb_seq_num 
_pdbx_nonpoly_scheme.auth_seq_num 
_pdbx_nonpoly_scheme.pdb_mon_id 
_pdbx_nonpoly_scheme.auth_mon_id 
_pdbx_nonpoly_scheme.pdb_strand_id 
_pdbx_nonpoly_scheme.pdb_ins_code 
B 2 U3P 1  300 300 U3P UMP A . 
C 3 HOH 1  200 200 HOH WAT A . 
C 3 HOH 2  201 201 HOH WAT A . 
C 3 HOH 3  202 202 HOH WAT A . 
C 3 HOH 4  203 203 HOH WAT A . 
C 3 HOH 5  204 204 HOH WAT A . 
C 3 HOH 6  205 205 HOH WAT A . 
C 3 HOH 7  206 206 HOH WAT A . 
C 3 HOH 8  207 207 HOH WAT A . 
C 3 HOH 9  208 208 HOH WAT A . 
C 3 HOH 10 209 209 HOH WAT A . 
C 3 HOH 11 210 210 HOH WAT A . 
C 3 HOH 12 211 211 HOH WAT A . 
C 3 HOH 13 212 212 HOH WAT A . 
C 3 HOH 14 213 213 HOH WAT A . 
C 3 HOH 15 214 214 HOH WAT A . 
C 3 HOH 16 215 215 HOH WAT A . 
C 3 HOH 17 216 216 HOH WAT A . 
C 3 HOH 18 217 217 HOH WAT A . 
C 3 HOH 19 218 218 HOH WAT A . 
C 3 HOH 20 219 219 HOH WAT A . 
C 3 HOH 21 220 220 HOH WAT A . 
C 3 HOH 22 221 221 HOH WAT A . 
C 3 HOH 23 222 222 HOH WAT A . 
C 3 HOH 24 223 223 HOH WAT A . 
C 3 HOH 25 224 224 HOH WAT A . 
C 3 HOH 26 225 225 HOH WAT A . 
C 3 HOH 27 226 226 HOH WAT A . 
C 3 HOH 28 227 227 HOH WAT A . 
C 3 HOH 29 228 228 HOH WAT A . 
C 3 HOH 30 229 229 HOH WAT A . 
C 3 HOH 31 230 230 HOH WAT A . 
C 3 HOH 32 231 231 HOH WAT A . 
C 3 HOH 33 232 232 HOH WAT A . 
C 3 HOH 34 233 233 HOH WAT A . 
C 3 HOH 35 234 234 HOH WAT A . 
C 3 HOH 36 235 235 HOH WAT A . 
C 3 HOH 37 236 236 HOH WAT A . 
C 3 HOH 38 237 237 HOH WAT A . 
C 3 HOH 39 238 238 HOH WAT A . 
C 3 HOH 40 239 239 HOH WAT A . 
C 3 HOH 41 240 240 HOH WAT A . 
C 3 HOH 42 241 241 HOH WAT A . 
C 3 HOH 43 242 242 HOH WAT A . 
C 3 HOH 44 243 243 HOH WAT A . 
C 3 HOH 45 244 244 HOH WAT A . 
C 3 HOH 46 245 245 HOH WAT A . 
C 3 HOH 47 246 246 HOH WAT A . 
C 3 HOH 48 247 247 HOH WAT A . 
C 3 HOH 49 248 248 HOH WAT A . 
C 3 HOH 50 249 249 HOH WAT A . 
C 3 HOH 51 250 250 HOH WAT A . 
C 3 HOH 52 251 251 HOH WAT A . 
C 3 HOH 53 252 252 HOH WAT A . 
C 3 HOH 54 253 253 HOH WAT A . 
C 3 HOH 55 254 254 HOH WAT A . 
C 3 HOH 56 255 255 HOH WAT A . 
C 3 HOH 57 256 256 HOH WAT A . 
C 3 HOH 58 257 257 HOH WAT A . 
C 3 HOH 59 258 258 HOH WAT A . 
C 3 HOH 60 259 259 HOH WAT A . 
C 3 HOH 61 260 260 HOH WAT A . 
C 3 HOH 62 261 261 HOH WAT A . 
C 3 HOH 63 262 262 HOH WAT A . 
C 3 HOH 64 263 263 HOH WAT A . 
C 3 HOH 65 264 264 HOH WAT A . 
C 3 HOH 66 265 265 HOH WAT A . 
C 3 HOH 67 266 266 HOH WAT A . 
C 3 HOH 68 267 267 HOH WAT A . 
C 3 HOH 69 268 268 HOH WAT A . 
C 3 HOH 70 269 269 HOH WAT A . 
C 3 HOH 71 270 270 HOH WAT A . 
C 3 HOH 72 271 271 HOH WAT A . 
C 3 HOH 73 272 272 HOH WAT A . 
C 3 HOH 74 273 273 HOH WAT A . 
C 3 HOH 75 274 274 HOH WAT A . 
C 3 HOH 76 275 275 HOH WAT A . 
C 3 HOH 77 276 276 HOH WAT A . 
C 3 HOH 78 277 277 HOH WAT A . 
C 3 HOH 79 278 278 HOH WAT A . 
C 3 HOH 80 279 279 HOH WAT A . 
C 3 HOH 81 280 280 HOH WAT A . 
C 3 HOH 82 281 281 HOH WAT A . 
C 3 HOH 83 282 282 HOH WAT A . 
C 3 HOH 84 283 283 HOH WAT A . 
C 3 HOH 85 284 284 HOH WAT A . 
C 3 HOH 86 285 285 HOH WAT A . 
C 3 HOH 87 286 286 HOH WAT A . 
C 3 HOH 88 287 287 HOH WAT A . 
C 3 HOH 89 288 288 HOH WAT A . 
C 3 HOH 90 289 289 HOH WAT A . 
C 3 HOH 91 290 290 HOH WAT A . 
C 3 HOH 92 291 291 HOH WAT A . 
C 3 HOH 93 292 292 HOH WAT A . 
C 3 HOH 94 293 293 HOH WAT A . 
# 
loop_
_software.name 
_software.classification 
_software.version 
_software.citation_id 
_software.pdbx_ordinal 
MOSFLM 'data reduction' .         ? 1 
SCALA  'data scaling'   .         ? 2 
AMoRE  phasing          .         ? 3 
CNS    refinement       1.0       ? 4 
CCP4   'data scaling'   '(SCALA)' ? 5 
# 
_cell.entry_id           1UCC 
_cell.length_a           38.80 
_cell.length_b           67.63 
_cell.length_c           75.54 
_cell.angle_alpha        90 
_cell.angle_beta         90 
_cell.angle_gamma        90 
_cell.pdbx_unique_axis   ? 
_cell.Z_PDB              4 
# 
_symmetry.entry_id                         1UCC 
_symmetry.space_group_name_H-M             'P 21 21 21' 
_symmetry.pdbx_full_space_group_name_H-M   ? 
_symmetry.Int_Tables_number                19 
_symmetry.cell_setting                     ? 
# 
_exptl.entry_id          1UCC 
_exptl.method            'X-RAY DIFFRACTION' 
_exptl.crystals_number   1 
# 
_exptl_crystal.id                    1 
_exptl_crystal.density_meas          ? 
_exptl_crystal.density_Matthews      2.33 
_exptl_crystal.density_percent_sol   47.28 
_exptl_crystal.description           ? 
# 
_exptl_crystal_grow.crystal_id      1 
_exptl_crystal_grow.method          'VAPOR DIFFUSION, HANGING DROP' 
_exptl_crystal_grow.temp            293 
_exptl_crystal_grow.temp_details    ? 
_exptl_crystal_grow.pH              6.7 
_exptl_crystal_grow.pdbx_details    
'PEG 8000, sodium acetate, sodium cacodylate, pH 6.7, VAPOR DIFFUSION, HANGING DROP, temperature 293K' 
_exptl_crystal_grow.pdbx_pH_range   ? 
# 
_diffrn.id                     1 
_diffrn.ambient_temp           298 
_diffrn.ambient_temp_details   ? 
_diffrn.crystal_id             1 
# 
_diffrn_detector.diffrn_id              1 
_diffrn_detector.detector               CCD 
_diffrn_detector.type                   MARRESEARCH 
_diffrn_detector.pdbx_collection_date   1999-10-12 
_diffrn_detector.details                mirrors 
# 
_diffrn_radiation.diffrn_id                        1 
_diffrn_radiation.wavelength_id                    1 
_diffrn_radiation.pdbx_monochromatic_or_laue_m_l   M 
_diffrn_radiation.monochromator                    Mirror 
_diffrn_radiation.pdbx_diffrn_protocol             'SINGLE WAVELENGTH' 
_diffrn_radiation.pdbx_scattering_type             x-ray 
# 
_diffrn_radiation_wavelength.id           1 
_diffrn_radiation_wavelength.wavelength   0.7 
_diffrn_radiation_wavelength.wt           1.0 
# 
_diffrn_source.diffrn_id                   1 
_diffrn_source.source                      SYNCHROTRON 
_diffrn_source.type                        'SPRING-8 BEAMLINE BL44B2' 
_diffrn_source.pdbx_synchrotron_site       SPring-8 
_diffrn_source.pdbx_synchrotron_beamline   BL44B2 
_diffrn_source.pdbx_wavelength             ? 
_diffrn_source.pdbx_wavelength_list        0.7 
# 
_reflns.entry_id                     1UCC 
_reflns.observed_criterion_sigma_F   ? 
_reflns.observed_criterion_sigma_I   3.0 
_reflns.d_resolution_high            1.77 
_reflns.d_resolution_low             19.49 
_reflns.number_all                   28892 
_reflns.number_obs                   18370 
_reflns.percent_possible_obs         92.7 
_reflns.pdbx_Rmerge_I_obs            0.086 
_reflns.pdbx_Rsym_value              0.076 
_reflns.pdbx_netI_over_sigmaI        6.6 
_reflns.B_iso_Wilson_estimate        15.729 
_reflns.pdbx_redundancy              4.3 
_reflns.R_free_details               ? 
_reflns.limit_h_max                  ? 
_reflns.limit_h_min                  ? 
_reflns.limit_k_max                  ? 
_reflns.limit_k_min                  ? 
_reflns.limit_l_max                  ? 
_reflns.limit_l_min                  ? 
_reflns.observed_criterion_F_max     ? 
_reflns.observed_criterion_F_min     ? 
_reflns.pdbx_diffrn_id               1 
_reflns.pdbx_ordinal                 1 
# 
_reflns_shell.d_res_high             1.77 
_reflns_shell.d_res_low              1.87 
_reflns_shell.percent_possible_all   94.3 
_reflns_shell.Rmerge_I_obs           0.369 
_reflns_shell.pdbx_Rsym_value        0.33 
_reflns_shell.meanI_over_sigI_obs    2.0 
_reflns_shell.pdbx_redundancy        4.2 
_reflns_shell.percent_possible_obs   ? 
_reflns_shell.number_unique_all      2684 
_reflns_shell.pdbx_diffrn_id         ? 
_reflns_shell.pdbx_ordinal           1 
# 
_refine.entry_id                                 1UCC 
_refine.ls_d_res_high                            1.77 
_refine.ls_d_res_low                             10.0 
_refine.pdbx_ls_sigma_F                          0.0 
_refine.pdbx_ls_sigma_I                          ? 
_refine.ls_number_reflns_all                     18243 
_refine.ls_number_reflns_obs                     17308 
_refine.ls_number_reflns_R_free                  935 
_refine.ls_percent_reflns_obs                    91.8 
_refine.ls_R_factor_all                          ? 
_refine.ls_R_factor_obs                          ? 
_refine.ls_R_factor_R_work                       0.181 
_refine.ls_R_factor_R_free                       0.214 
_refine.ls_redundancy_reflns_obs                 ? 
_refine.pdbx_data_cutoff_high_absF               ? 
_refine.pdbx_data_cutoff_low_absF                ? 
_refine.ls_number_parameters                     ? 
_refine.ls_number_restraints                     ? 
_refine.ls_percent_reflns_R_free                 ? 
_refine.ls_R_factor_R_free_error                 ? 
_refine.ls_R_factor_R_free_error_details         ? 
_refine.pdbx_method_to_determine_struct          'MOLECULAR REPLACEMENT' 
_refine.pdbx_starting_model                      'PDB ENTRY 1BK7' 
_refine.pdbx_ls_cross_valid_method               THROUGHOUT 
_refine.pdbx_R_Free_selection_details            random 
_refine.pdbx_stereochem_target_val_spec_case     ? 
_refine.pdbx_stereochemistry_target_values       'Engh & Huber' 
_refine.solvent_model_details                    ? 
_refine.solvent_model_param_bsol                 ? 
_refine.solvent_model_param_ksol                 ? 
_refine.occupancy_max                            ? 
_refine.occupancy_min                            ? 
_refine.pdbx_isotropic_thermal_model             isotropic 
_refine.B_iso_mean                               18.70 
_refine.aniso_B[1][1]                            1.188 
_refine.aniso_B[1][2]                            0.000 
_refine.aniso_B[1][3]                            0.000 
_refine.aniso_B[2][2]                            -3.587 
_refine.aniso_B[2][3]                            0.000 
_refine.aniso_B[3][3]                            2.399 
_refine.details                                  ? 
_refine.B_iso_min                                ? 
_refine.B_iso_max                                ? 
_refine.correlation_coeff_Fo_to_Fc               ? 
_refine.correlation_coeff_Fo_to_Fc_free          ? 
_refine.pdbx_solvent_vdw_probe_radii             ? 
_refine.pdbx_solvent_ion_probe_radii             ? 
_refine.pdbx_solvent_shrinkage_radii             ? 
_refine.overall_SU_R_Cruickshank_DPI             ? 
_refine.overall_SU_R_free                        ? 
_refine.overall_SU_B                             ? 
_refine.overall_SU_ML                            ? 
_refine.pdbx_overall_ESU_R                       ? 
_refine.pdbx_overall_ESU_R_Free                  ? 
_refine.pdbx_data_cutoff_high_rms_absF           ? 
_refine.pdbx_refine_id                           'X-RAY DIFFRACTION' 
_refine.pdbx_diffrn_id                           1 
_refine.pdbx_TLS_residual_ADP_flag               ? 
_refine.pdbx_overall_phase_error                 ? 
_refine.pdbx_overall_SU_R_free_Cruickshank_DPI   ? 
_refine.pdbx_overall_SU_R_Blow_DPI               ? 
_refine.pdbx_overall_SU_R_free_Blow_DPI          ? 
# 
_refine_analyze.entry_id                        1UCC 
_refine_analyze.Luzzati_coordinate_error_obs    0.18 
_refine_analyze.Luzzati_sigma_a_obs             0.22 
_refine_analyze.Luzzati_d_res_low_obs           5.0 
_refine_analyze.Luzzati_coordinate_error_free   0.10 
_refine_analyze.Luzzati_sigma_a_free            0.10 
_refine_analyze.Luzzati_d_res_low_free          ? 
_refine_analyze.number_disordered_residues      ? 
_refine_analyze.occupancy_sum_non_hydrogen      ? 
_refine_analyze.occupancy_sum_hydrogen          ? 
_refine_analyze.pdbx_Luzzati_d_res_high_obs     ? 
_refine_analyze.pdbx_refine_id                  'X-RAY DIFFRACTION' 
# 
_refine_hist.pdbx_refine_id                   'X-RAY DIFFRACTION' 
_refine_hist.cycle_id                         LAST 
_refine_hist.pdbx_number_atoms_protein        1496 
_refine_hist.pdbx_number_atoms_nucleic_acid   0 
_refine_hist.pdbx_number_atoms_ligand         21 
_refine_hist.number_atoms_solvent             94 
_refine_hist.number_atoms_total               1611 
_refine_hist.d_res_high                       1.77 
_refine_hist.d_res_low                        10.0 
# 
loop_
_refine_ls_restr.type 
_refine_ls_restr.dev_ideal 
_refine_ls_restr.dev_ideal_target 
_refine_ls_restr.weight 
_refine_ls_restr.number 
_refine_ls_restr.pdbx_refine_id 
_refine_ls_restr.pdbx_restraint_function 
c_angle_deg        1.687 ? ? ? 'X-RAY DIFFRACTION' ? 
c_bond_d           0.005 ? ? ? 'X-RAY DIFFRACTION' ? 
c_dihedral_angle_d 23.09 ? ? ? 'X-RAY DIFFRACTION' ? 
c_improper_angle_d 1.031 ? ? ? 'X-RAY DIFFRACTION' ? 
# 
_refine_ls_shell.pdbx_total_number_of_bins_used   ? 
_refine_ls_shell.d_res_high                       1.77 
_refine_ls_shell.d_res_low                        1.83 
_refine_ls_shell.number_reflns_R_work             ? 
_refine_ls_shell.R_factor_R_work                  0.2133 
_refine_ls_shell.percent_reflns_obs               93.75 
_refine_ls_shell.R_factor_R_free                  0.2421 
_refine_ls_shell.R_factor_R_free_error            ? 
_refine_ls_shell.percent_reflns_R_free            ? 
_refine_ls_shell.number_reflns_R_free             92 
_refine_ls_shell.number_reflns_obs                1816 
_refine_ls_shell.redundancy_reflns_obs            ? 
_refine_ls_shell.number_reflns_all                ? 
_refine_ls_shell.pdbx_refine_id                   'X-RAY DIFFRACTION' 
_refine_ls_shell.R_factor_all                     ? 
# 
_struct.entry_id                  1UCC 
_struct.title                     
;Crystal structure of the Ribonuclease MC1 from bitter gourd seeds complexed with 3'-UMP.
;
_struct.pdbx_model_details        ? 
_struct.pdbx_CASP_flag            ? 
_struct.pdbx_model_type_details   ? 
# 
_struct_keywords.entry_id        1UCC 
_struct_keywords.pdbx_keywords   HYDROLASE 
_struct_keywords.text            'alpha plus beta, hydrolase' 
# 
loop_
_struct_asym.id 
_struct_asym.pdbx_blank_PDB_chainid_flag 
_struct_asym.pdbx_modified 
_struct_asym.entity_id 
_struct_asym.details 
A N N 1 ? 
B N N 2 ? 
C N N 3 ? 
# 
_struct_ref.id                         1 
_struct_ref.db_name                    UNP 
_struct_ref.db_code                    RNMC_MOMCH 
_struct_ref.entity_id                  1 
_struct_ref.pdbx_seq_one_letter_code   
;FDSFWFVQQWPPAVCSFQKSGSCPGSGLRTFTIHGLWPQGSGTSLTNCPQGSPFDITKISHLQSQLNTLWPNVLRANNQQ
FWSHEWTKHGTCSESTFNQAAYFKLAVDMRNNYDIIGALRPHAAGPNGRTKSRQAIKGFLKAKFGKFPGLRCRTDPQTKV
SYLVQVVACFAQDGSTLIDCTRDTCGANFIF
;
_struct_ref.pdbx_align_begin           1 
_struct_ref.pdbx_db_accession          P23540 
_struct_ref.pdbx_db_isoform            ? 
# 
_struct_ref_seq.align_id                      1 
_struct_ref_seq.ref_id                        1 
_struct_ref_seq.pdbx_PDB_id_code              1UCC 
_struct_ref_seq.pdbx_strand_id                A 
_struct_ref_seq.seq_align_beg                 1 
_struct_ref_seq.pdbx_seq_align_beg_ins_code   ? 
_struct_ref_seq.seq_align_end                 190 
_struct_ref_seq.pdbx_seq_align_end_ins_code   ? 
_struct_ref_seq.pdbx_db_accession             P23540 
_struct_ref_seq.db_align_beg                  1 
_struct_ref_seq.pdbx_db_align_beg_ins_code    ? 
_struct_ref_seq.db_align_end                  191 
_struct_ref_seq.pdbx_db_align_end_ins_code    ? 
_struct_ref_seq.pdbx_auth_seq_align_beg       1 
_struct_ref_seq.pdbx_auth_seq_align_end       190 
# 
loop_
_struct_ref_seq_dif.align_id 
_struct_ref_seq_dif.pdbx_pdb_id_code 
_struct_ref_seq_dif.mon_id 
_struct_ref_seq_dif.pdbx_pdb_strand_id 
_struct_ref_seq_dif.seq_num 
_struct_ref_seq_dif.pdbx_pdb_ins_code 
_struct_ref_seq_dif.pdbx_seq_db_name 
_struct_ref_seq_dif.pdbx_seq_db_accession_code 
_struct_ref_seq_dif.db_mon_id 
_struct_ref_seq_dif.pdbx_seq_db_seq_num 
_struct_ref_seq_dif.details 
_struct_ref_seq_dif.pdbx_auth_seq_num 
_struct_ref_seq_dif.pdbx_ordinal 
1 1UCC GLN A 40 ? UNP P23540 GLY 40 'SEE REMARK 999' 40 1 
1 1UCC ?   A ?  ? UNP P23540 GLN 50 'SEE REMARK 999' ?  2 
# 
_pdbx_struct_assembly.id                   1 
_pdbx_struct_assembly.details              author_defined_assembly 
_pdbx_struct_assembly.method_details       ? 
_pdbx_struct_assembly.oligomeric_details   monomeric 
_pdbx_struct_assembly.oligomeric_count     1 
# 
_pdbx_struct_assembly_gen.assembly_id       1 
_pdbx_struct_assembly_gen.oper_expression   1 
_pdbx_struct_assembly_gen.asym_id_list      A,B,C 
# 
_pdbx_struct_oper_list.id                   1 
_pdbx_struct_oper_list.type                 'identity operation' 
_pdbx_struct_oper_list.name                 1_555 
_pdbx_struct_oper_list.symmetry_operation   x,y,z 
_pdbx_struct_oper_list.matrix[1][1]         1.0000000000 
_pdbx_struct_oper_list.matrix[1][2]         0.0000000000 
_pdbx_struct_oper_list.matrix[1][3]         0.0000000000 
_pdbx_struct_oper_list.vector[1]            0.0000000000 
_pdbx_struct_oper_list.matrix[2][1]         0.0000000000 
_pdbx_struct_oper_list.matrix[2][2]         1.0000000000 
_pdbx_struct_oper_list.matrix[2][3]         0.0000000000 
_pdbx_struct_oper_list.vector[2]            0.0000000000 
_pdbx_struct_oper_list.matrix[3][1]         0.0000000000 
_pdbx_struct_oper_list.matrix[3][2]         0.0000000000 
_pdbx_struct_oper_list.matrix[3][3]         1.0000000000 
_pdbx_struct_oper_list.vector[3]            0.0000000000 
# 
_struct_biol.id                    1 
_struct_biol.details               'The bilogical unit is a monomer in the asymmetric unit.' 
_struct_biol.pdbx_parent_biol_id   ? 
# 
loop_
_struct_conf.conf_type_id 
_struct_conf.id 
_struct_conf.pdbx_PDB_helix_id 
_struct_conf.beg_label_comp_id 
_struct_conf.beg_label_asym_id 
_struct_conf.beg_label_seq_id 
_struct_conf.pdbx_beg_PDB_ins_code 
_struct_conf.end_label_comp_id 
_struct_conf.end_label_asym_id 
_struct_conf.end_label_seq_id 
_struct_conf.pdbx_end_PDB_ins_code 
_struct_conf.beg_auth_comp_id 
_struct_conf.beg_auth_asym_id 
_struct_conf.beg_auth_seq_id 
_struct_conf.end_auth_comp_id 
_struct_conf.end_auth_asym_id 
_struct_conf.end_auth_seq_id 
_struct_conf.pdbx_PDB_helix_class 
_struct_conf.details 
_struct_conf.pdbx_PDB_helix_length 
HELX_P HELX_P1  1  TRP A 10  ? PHE A 17  ? TRP A 10  PHE A 17  1 ? 8  
HELX_P HELX_P2  2  CYS A 23  ? LEU A 28  ? CYS A 23  LEU A 28  5 ? 6  
HELX_P HELX_P3  3  ASP A 54  ? HIS A 60  ? ASP A 54  HIS A 60  5 ? 7  
HELX_P HELX_P4  4  LEU A 61  ? TRP A 69  ? LEU A 61  TRP A 69  1 ? 9  
HELX_P HELX_P5  5  ASN A 76  ? HIS A 88  ? ASN A 76  HIS A 88  1 ? 13 
HELX_P HELX_P6  6  GLY A 89  ? GLU A 93  ? GLY A 89  GLU A 93  5 ? 5  
HELX_P HELX_P7  7  ASN A 97  ? TYR A 112 ? ASN A 97  TYR A 112 1 ? 16 
HELX_P HELX_P8  8  ASP A 113 ? ARG A 119 ? ASP A 113 ARG A 119 1 ? 7  
HELX_P HELX_P9  9  PRO A 120 ? ALA A 122 ? PRO A 120 ALA A 122 5 ? 3  
HELX_P HELX_P10 10 ARG A 132 ? GLY A 144 ? ARG A 132 GLY A 144 1 ? 13 
# 
_struct_conf_type.id          HELX_P 
_struct_conf_type.criteria    ? 
_struct_conf_type.reference   ? 
# 
loop_
_struct_conn.id 
_struct_conn.conn_type_id 
_struct_conn.pdbx_leaving_atom_flag 
_struct_conn.pdbx_PDB_id 
_struct_conn.ptnr1_label_asym_id 
_struct_conn.ptnr1_label_comp_id 
_struct_conn.ptnr1_label_seq_id 
_struct_conn.ptnr1_label_atom_id 
_struct_conn.pdbx_ptnr1_label_alt_id 
_struct_conn.pdbx_ptnr1_PDB_ins_code 
_struct_conn.pdbx_ptnr1_standard_comp_id 
_struct_conn.ptnr1_symmetry 
_struct_conn.ptnr2_label_asym_id 
_struct_conn.ptnr2_label_comp_id 
_struct_conn.ptnr2_label_seq_id 
_struct_conn.ptnr2_label_atom_id 
_struct_conn.pdbx_ptnr2_label_alt_id 
_struct_conn.pdbx_ptnr2_PDB_ins_code 
_struct_conn.ptnr1_auth_asym_id 
_struct_conn.ptnr1_auth_comp_id 
_struct_conn.ptnr1_auth_seq_id 
_struct_conn.ptnr2_auth_asym_id 
_struct_conn.ptnr2_auth_comp_id 
_struct_conn.ptnr2_auth_seq_id 
_struct_conn.ptnr2_symmetry 
_struct_conn.pdbx_ptnr3_label_atom_id 
_struct_conn.pdbx_ptnr3_label_seq_id 
_struct_conn.pdbx_ptnr3_label_comp_id 
_struct_conn.pdbx_ptnr3_label_asym_id 
_struct_conn.pdbx_ptnr3_label_alt_id 
_struct_conn.pdbx_ptnr3_PDB_ins_code 
_struct_conn.details 
_struct_conn.pdbx_dist_value 
_struct_conn.pdbx_value_order 
_struct_conn.pdbx_role 
disulf1 disulf ? ? A CYS 15  SG ? ? ? 1_555 A CYS 23  SG ? ? A CYS 15  A CYS 23  1_555 ? ? ? ? ? ? ? 2.027 ? ? 
disulf2 disulf ? ? A CYS 48  SG ? ? ? 1_555 A CYS 91  SG ? ? A CYS 48  A CYS 91  1_555 ? ? ? ? ? ? ? 2.029 ? ? 
disulf3 disulf ? ? A CYS 151 SG ? ? ? 1_555 A CYS 184 SG ? ? A CYS 151 A CYS 184 1_555 ? ? ? ? ? ? ? 2.030 ? ? 
disulf4 disulf ? ? A CYS 168 SG ? ? ? 1_555 A CYS 179 SG ? ? A CYS 168 A CYS 179 1_555 ? ? ? ? ? ? ? 2.030 ? ? 
# 
_struct_conn_type.id          disulf 
_struct_conn_type.criteria    ? 
_struct_conn_type.reference   ? 
# 
loop_
_pdbx_modification_feature.ordinal 
_pdbx_modification_feature.label_comp_id 
_pdbx_modification_feature.label_asym_id 
_pdbx_modification_feature.label_seq_id 
_pdbx_modification_feature.label_alt_id 
_pdbx_modification_feature.modified_residue_label_comp_id 
_pdbx_modification_feature.modified_residue_label_asym_id 
_pdbx_modification_feature.modified_residue_label_seq_id 
_pdbx_modification_feature.modified_residue_label_alt_id 
_pdbx_modification_feature.auth_comp_id 
_pdbx_modification_feature.auth_asym_id 
_pdbx_modification_feature.auth_seq_id 
_pdbx_modification_feature.PDB_ins_code 
_pdbx_modification_feature.symmetry 
_pdbx_modification_feature.modified_residue_auth_comp_id 
_pdbx_modification_feature.modified_residue_auth_asym_id 
_pdbx_modification_feature.modified_residue_auth_seq_id 
_pdbx_modification_feature.modified_residue_PDB_ins_code 
_pdbx_modification_feature.modified_residue_symmetry 
_pdbx_modification_feature.comp_id_linking_atom 
_pdbx_modification_feature.modified_residue_id_linking_atom 
_pdbx_modification_feature.modified_residue_id 
_pdbx_modification_feature.ref_pcm_id 
_pdbx_modification_feature.ref_comp_id 
_pdbx_modification_feature.type 
_pdbx_modification_feature.category 
1 CYS A 15  ? CYS A 23  ? CYS A 15  ? 1_555 CYS A 23  ? 1_555 SG SG . . . None 'Disulfide bridge' 
2 CYS A 48  ? CYS A 91  ? CYS A 48  ? 1_555 CYS A 91  ? 1_555 SG SG . . . None 'Disulfide bridge' 
3 CYS A 151 ? CYS A 184 ? CYS A 151 ? 1_555 CYS A 184 ? 1_555 SG SG . . . None 'Disulfide bridge' 
4 CYS A 168 ? CYS A 179 ? CYS A 168 ? 1_555 CYS A 179 ? 1_555 SG SG . . . None 'Disulfide bridge' 
# 
loop_
_struct_sheet.id 
_struct_sheet.type 
_struct_sheet.number_strands 
_struct_sheet.details 
A ? 5 ? 
B ? 5 ? 
C ? 2 ? 
# 
loop_
_struct_sheet_order.sheet_id 
_struct_sheet_order.range_id_1 
_struct_sheet_order.range_id_2 
_struct_sheet_order.offset 
_struct_sheet_order.sense 
A 1 2 ? anti-parallel 
A 2 3 ? anti-parallel 
A 3 4 ? anti-parallel 
A 4 5 ? anti-parallel 
B 1 2 ? anti-parallel 
B 2 3 ? anti-parallel 
B 3 4 ? anti-parallel 
B 4 5 ? anti-parallel 
C 1 2 ? anti-parallel 
# 
loop_
_struct_sheet_range.sheet_id 
_struct_sheet_range.id 
_struct_sheet_range.beg_label_comp_id 
_struct_sheet_range.beg_label_asym_id 
_struct_sheet_range.beg_label_seq_id 
_struct_sheet_range.pdbx_beg_PDB_ins_code 
_struct_sheet_range.end_label_comp_id 
_struct_sheet_range.end_label_asym_id 
_struct_sheet_range.end_label_seq_id 
_struct_sheet_range.pdbx_end_PDB_ins_code 
_struct_sheet_range.beg_auth_comp_id 
_struct_sheet_range.beg_auth_asym_id 
_struct_sheet_range.beg_auth_seq_id 
_struct_sheet_range.end_auth_comp_id 
_struct_sheet_range.end_auth_asym_id 
_struct_sheet_range.end_auth_seq_id 
A 1 THR A 43  ? SER A 44  ? THR A 43  SER A 44  
A 2 THR A 32  ? GLN A 40  ? THR A 32  GLN A 40  
A 3 SER A 3   ? GLN A 9   ? SER A 3   GLN A 9   
A 4 SER A 160 ? ALA A 170 ? SER A 160 ALA A 170 
A 5 GLY A 148 ? THR A 153 ? GLY A 148 THR A 153 
B 1 THR A 43  ? SER A 44  ? THR A 43  SER A 44  
B 2 THR A 32  ? GLN A 40  ? THR A 32  GLN A 40  
B 3 SER A 3   ? GLN A 9   ? SER A 3   GLN A 9   
B 4 SER A 160 ? ALA A 170 ? SER A 160 ALA A 170 
B 5 LEU A 176 ? ILE A 177 ? LEU A 176 ILE A 177 
C 1 ARG A 128 ? SER A 131 ? ARG A 128 SER A 131 
C 2 ASN A 187 ? PHE A 190 ? ASN A 187 PHE A 190 
# 
loop_
_pdbx_struct_sheet_hbond.sheet_id 
_pdbx_struct_sheet_hbond.range_id_1 
_pdbx_struct_sheet_hbond.range_id_2 
_pdbx_struct_sheet_hbond.range_1_label_atom_id 
_pdbx_struct_sheet_hbond.range_1_label_comp_id 
_pdbx_struct_sheet_hbond.range_1_label_asym_id 
_pdbx_struct_sheet_hbond.range_1_label_seq_id 
_pdbx_struct_sheet_hbond.range_1_PDB_ins_code 
_pdbx_struct_sheet_hbond.range_1_auth_atom_id 
_pdbx_struct_sheet_hbond.range_1_auth_comp_id 
_pdbx_struct_sheet_hbond.range_1_auth_asym_id 
_pdbx_struct_sheet_hbond.range_1_auth_seq_id 
_pdbx_struct_sheet_hbond.range_2_label_atom_id 
_pdbx_struct_sheet_hbond.range_2_label_comp_id 
_pdbx_struct_sheet_hbond.range_2_label_asym_id 
_pdbx_struct_sheet_hbond.range_2_label_seq_id 
_pdbx_struct_sheet_hbond.range_2_PDB_ins_code 
_pdbx_struct_sheet_hbond.range_2_auth_atom_id 
_pdbx_struct_sheet_hbond.range_2_auth_comp_id 
_pdbx_struct_sheet_hbond.range_2_auth_asym_id 
_pdbx_struct_sheet_hbond.range_2_auth_seq_id 
A 1 2 O THR A 43  ? O THR A 43  N GLN A 40  ? N GLN A 40  
A 2 3 O GLN A 39  ? O GLN A 39  N SER A 3   ? N SER A 3   
A 3 4 N PHE A 6   ? N PHE A 6   O ALA A 167 ? O ALA A 167 
A 4 5 O VAL A 166 ? O VAL A 166 N GLY A 148 ? N GLY A 148 
B 1 2 O THR A 43  ? O THR A 43  N GLN A 40  ? N GLN A 40  
B 2 3 O GLN A 39  ? O GLN A 39  N SER A 3   ? N SER A 3   
B 3 4 N PHE A 6   ? N PHE A 6   O ALA A 167 ? O ALA A 167 
B 4 5 N CYS A 168 ? N CYS A 168 O ILE A 177 ? O ILE A 177 
C 1 2 N LYS A 130 ? N LYS A 130 O PHE A 188 ? O PHE A 188 
# 
_struct_site.id                   AC1 
_struct_site.pdbx_evidence_code   Software 
_struct_site.pdbx_auth_asym_id    A 
_struct_site.pdbx_auth_comp_id    U3P 
_struct_site.pdbx_auth_seq_id     300 
_struct_site.pdbx_auth_ins_code   ? 
_struct_site.pdbx_num_residues    7 
_struct_site.details              'BINDING SITE FOR RESIDUE U3P A 300' 
# 
loop_
_struct_site_gen.id 
_struct_site_gen.site_id 
_struct_site_gen.pdbx_num_res 
_struct_site_gen.label_comp_id 
_struct_site_gen.label_asym_id 
_struct_site_gen.label_seq_id 
_struct_site_gen.pdbx_auth_ins_code 
_struct_site_gen.auth_comp_id 
_struct_site_gen.auth_asym_id 
_struct_site_gen.auth_seq_id 
_struct_site_gen.label_atom_id 
_struct_site_gen.label_alt_id 
_struct_site_gen.symmetry 
_struct_site_gen.details 
1 AC1 7 GLN A 9  ? GLN A 9  . ? 1_555 ? 
2 AC1 7 ASN A 71 ? ASN A 71 . ? 1_555 ? 
3 AC1 7 VAL A 72 ? VAL A 72 . ? 1_555 ? 
4 AC1 7 LEU A 73 ? LEU A 73 . ? 1_555 ? 
5 AC1 7 PHE A 80 ? PHE A 80 . ? 1_555 ? 
6 AC1 7 HIS A 83 ? HIS A 83 . ? 1_555 ? 
7 AC1 7 LYS A 87 ? LYS A 87 . ? 1_555 ? 
# 
_pdbx_entry_details.entry_id                   1UCC 
_pdbx_entry_details.compound_details           ? 
_pdbx_entry_details.source_details             ? 
_pdbx_entry_details.nonpolymer_details         ? 
_pdbx_entry_details.sequence_details           ? 
_pdbx_entry_details.has_ligand_of_interest     ? 
_pdbx_entry_details.has_protein_modification   Y 
# 
_pdbx_validate_torsion.id              1 
_pdbx_validate_torsion.PDB_model_num   1 
_pdbx_validate_torsion.auth_comp_id    ASN 
_pdbx_validate_torsion.auth_asym_id    A 
_pdbx_validate_torsion.auth_seq_id     126 
_pdbx_validate_torsion.PDB_ins_code    ? 
_pdbx_validate_torsion.label_alt_id    ? 
_pdbx_validate_torsion.phi             -149.73 
_pdbx_validate_torsion.psi             14.04 
# 
loop_
_chem_comp_atom.comp_id 
_chem_comp_atom.atom_id 
_chem_comp_atom.type_symbol 
_chem_comp_atom.pdbx_aromatic_flag 
_chem_comp_atom.pdbx_stereo_config 
_chem_comp_atom.pdbx_ordinal 
ALA N      N N N 1   
ALA CA     C N S 2   
ALA C      C N N 3   
ALA O      O N N 4   
ALA CB     C N N 5   
ALA OXT    O N N 6   
ALA H      H N N 7   
ALA H2     H N N 8   
ALA HA     H N N 9   
ALA HB1    H N N 10  
ALA HB2    H N N 11  
ALA HB3    H N N 12  
ALA HXT    H N N 13  
ARG N      N N N 14  
ARG CA     C N S 15  
ARG C      C N N 16  
ARG O      O N N 17  
ARG CB     C N N 18  
ARG CG     C N N 19  
ARG CD     C N N 20  
ARG NE     N N N 21  
ARG CZ     C N N 22  
ARG NH1    N N N 23  
ARG NH2    N N N 24  
ARG OXT    O N N 25  
ARG H      H N N 26  
ARG H2     H N N 27  
ARG HA     H N N 28  
ARG HB2    H N N 29  
ARG HB3    H N N 30  
ARG HG2    H N N 31  
ARG HG3    H N N 32  
ARG HD2    H N N 33  
ARG HD3    H N N 34  
ARG HE     H N N 35  
ARG HH11   H N N 36  
ARG HH12   H N N 37  
ARG HH21   H N N 38  
ARG HH22   H N N 39  
ARG HXT    H N N 40  
ASN N      N N N 41  
ASN CA     C N S 42  
ASN C      C N N 43  
ASN O      O N N 44  
ASN CB     C N N 45  
ASN CG     C N N 46  
ASN OD1    O N N 47  
ASN ND2    N N N 48  
ASN OXT    O N N 49  
ASN H      H N N 50  
ASN H2     H N N 51  
ASN HA     H N N 52  
ASN HB2    H N N 53  
ASN HB3    H N N 54  
ASN HD21   H N N 55  
ASN HD22   H N N 56  
ASN HXT    H N N 57  
ASP N      N N N 58  
ASP CA     C N S 59  
ASP C      C N N 60  
ASP O      O N N 61  
ASP CB     C N N 62  
ASP CG     C N N 63  
ASP OD1    O N N 64  
ASP OD2    O N N 65  
ASP OXT    O N N 66  
ASP H      H N N 67  
ASP H2     H N N 68  
ASP HA     H N N 69  
ASP HB2    H N N 70  
ASP HB3    H N N 71  
ASP HD2    H N N 72  
ASP HXT    H N N 73  
CYS N      N N N 74  
CYS CA     C N R 75  
CYS C      C N N 76  
CYS O      O N N 77  
CYS CB     C N N 78  
CYS SG     S N N 79  
CYS OXT    O N N 80  
CYS H      H N N 81  
CYS H2     H N N 82  
CYS HA     H N N 83  
CYS HB2    H N N 84  
CYS HB3    H N N 85  
CYS HG     H N N 86  
CYS HXT    H N N 87  
GLN N      N N N 88  
GLN CA     C N S 89  
GLN C      C N N 90  
GLN O      O N N 91  
GLN CB     C N N 92  
GLN CG     C N N 93  
GLN CD     C N N 94  
GLN OE1    O N N 95  
GLN NE2    N N N 96  
GLN OXT    O N N 97  
GLN H      H N N 98  
GLN H2     H N N 99  
GLN HA     H N N 100 
GLN HB2    H N N 101 
GLN HB3    H N N 102 
GLN HG2    H N N 103 
GLN HG3    H N N 104 
GLN HE21   H N N 105 
GLN HE22   H N N 106 
GLN HXT    H N N 107 
GLU N      N N N 108 
GLU CA     C N S 109 
GLU C      C N N 110 
GLU O      O N N 111 
GLU CB     C N N 112 
GLU CG     C N N 113 
GLU CD     C N N 114 
GLU OE1    O N N 115 
GLU OE2    O N N 116 
GLU OXT    O N N 117 
GLU H      H N N 118 
GLU H2     H N N 119 
GLU HA     H N N 120 
GLU HB2    H N N 121 
GLU HB3    H N N 122 
GLU HG2    H N N 123 
GLU HG3    H N N 124 
GLU HE2    H N N 125 
GLU HXT    H N N 126 
GLY N      N N N 127 
GLY CA     C N N 128 
GLY C      C N N 129 
GLY O      O N N 130 
GLY OXT    O N N 131 
GLY H      H N N 132 
GLY H2     H N N 133 
GLY HA2    H N N 134 
GLY HA3    H N N 135 
GLY HXT    H N N 136 
HIS N      N N N 137 
HIS CA     C N S 138 
HIS C      C N N 139 
HIS O      O N N 140 
HIS CB     C N N 141 
HIS CG     C Y N 142 
HIS ND1    N Y N 143 
HIS CD2    C Y N 144 
HIS CE1    C Y N 145 
HIS NE2    N Y N 146 
HIS OXT    O N N 147 
HIS H      H N N 148 
HIS H2     H N N 149 
HIS HA     H N N 150 
HIS HB2    H N N 151 
HIS HB3    H N N 152 
HIS HD1    H N N 153 
HIS HD2    H N N 154 
HIS HE1    H N N 155 
HIS HE2    H N N 156 
HIS HXT    H N N 157 
HOH O      O N N 158 
HOH H1     H N N 159 
HOH H2     H N N 160 
ILE N      N N N 161 
ILE CA     C N S 162 
ILE C      C N N 163 
ILE O      O N N 164 
ILE CB     C N S 165 
ILE CG1    C N N 166 
ILE CG2    C N N 167 
ILE CD1    C N N 168 
ILE OXT    O N N 169 
ILE H      H N N 170 
ILE H2     H N N 171 
ILE HA     H N N 172 
ILE HB     H N N 173 
ILE HG12   H N N 174 
ILE HG13   H N N 175 
ILE HG21   H N N 176 
ILE HG22   H N N 177 
ILE HG23   H N N 178 
ILE HD11   H N N 179 
ILE HD12   H N N 180 
ILE HD13   H N N 181 
ILE HXT    H N N 182 
LEU N      N N N 183 
LEU CA     C N S 184 
LEU C      C N N 185 
LEU O      O N N 186 
LEU CB     C N N 187 
LEU CG     C N N 188 
LEU CD1    C N N 189 
LEU CD2    C N N 190 
LEU OXT    O N N 191 
LEU H      H N N 192 
LEU H2     H N N 193 
LEU HA     H N N 194 
LEU HB2    H N N 195 
LEU HB3    H N N 196 
LEU HG     H N N 197 
LEU HD11   H N N 198 
LEU HD12   H N N 199 
LEU HD13   H N N 200 
LEU HD21   H N N 201 
LEU HD22   H N N 202 
LEU HD23   H N N 203 
LEU HXT    H N N 204 
LYS N      N N N 205 
LYS CA     C N S 206 
LYS C      C N N 207 
LYS O      O N N 208 
LYS CB     C N N 209 
LYS CG     C N N 210 
LYS CD     C N N 211 
LYS CE     C N N 212 
LYS NZ     N N N 213 
LYS OXT    O N N 214 
LYS H      H N N 215 
LYS H2     H N N 216 
LYS HA     H N N 217 
LYS HB2    H N N 218 
LYS HB3    H N N 219 
LYS HG2    H N N 220 
LYS HG3    H N N 221 
LYS HD2    H N N 222 
LYS HD3    H N N 223 
LYS HE2    H N N 224 
LYS HE3    H N N 225 
LYS HZ1    H N N 226 
LYS HZ2    H N N 227 
LYS HZ3    H N N 228 
LYS HXT    H N N 229 
MET N      N N N 230 
MET CA     C N S 231 
MET C      C N N 232 
MET O      O N N 233 
MET CB     C N N 234 
MET CG     C N N 235 
MET SD     S N N 236 
MET CE     C N N 237 
MET OXT    O N N 238 
MET H      H N N 239 
MET H2     H N N 240 
MET HA     H N N 241 
MET HB2    H N N 242 
MET HB3    H N N 243 
MET HG2    H N N 244 
MET HG3    H N N 245 
MET HE1    H N N 246 
MET HE2    H N N 247 
MET HE3    H N N 248 
MET HXT    H N N 249 
PHE N      N N N 250 
PHE CA     C N S 251 
PHE C      C N N 252 
PHE O      O N N 253 
PHE CB     C N N 254 
PHE CG     C Y N 255 
PHE CD1    C Y N 256 
PHE CD2    C Y N 257 
PHE CE1    C Y N 258 
PHE CE2    C Y N 259 
PHE CZ     C Y N 260 
PHE OXT    O N N 261 
PHE H      H N N 262 
PHE H2     H N N 263 
PHE HA     H N N 264 
PHE HB2    H N N 265 
PHE HB3    H N N 266 
PHE HD1    H N N 267 
PHE HD2    H N N 268 
PHE HE1    H N N 269 
PHE HE2    H N N 270 
PHE HZ     H N N 271 
PHE HXT    H N N 272 
PRO N      N N N 273 
PRO CA     C N S 274 
PRO C      C N N 275 
PRO O      O N N 276 
PRO CB     C N N 277 
PRO CG     C N N 278 
PRO CD     C N N 279 
PRO OXT    O N N 280 
PRO H      H N N 281 
PRO HA     H N N 282 
PRO HB2    H N N 283 
PRO HB3    H N N 284 
PRO HG2    H N N 285 
PRO HG3    H N N 286 
PRO HD2    H N N 287 
PRO HD3    H N N 288 
PRO HXT    H N N 289 
SER N      N N N 290 
SER CA     C N S 291 
SER C      C N N 292 
SER O      O N N 293 
SER CB     C N N 294 
SER OG     O N N 295 
SER OXT    O N N 296 
SER H      H N N 297 
SER H2     H N N 298 
SER HA     H N N 299 
SER HB2    H N N 300 
SER HB3    H N N 301 
SER HG     H N N 302 
SER HXT    H N N 303 
THR N      N N N 304 
THR CA     C N S 305 
THR C      C N N 306 
THR O      O N N 307 
THR CB     C N R 308 
THR OG1    O N N 309 
THR CG2    C N N 310 
THR OXT    O N N 311 
THR H      H N N 312 
THR H2     H N N 313 
THR HA     H N N 314 
THR HB     H N N 315 
THR HG1    H N N 316 
THR HG21   H N N 317 
THR HG22   H N N 318 
THR HG23   H N N 319 
THR HXT    H N N 320 
TRP N      N N N 321 
TRP CA     C N S 322 
TRP C      C N N 323 
TRP O      O N N 324 
TRP CB     C N N 325 
TRP CG     C Y N 326 
TRP CD1    C Y N 327 
TRP CD2    C Y N 328 
TRP NE1    N Y N 329 
TRP CE2    C Y N 330 
TRP CE3    C Y N 331 
TRP CZ2    C Y N 332 
TRP CZ3    C Y N 333 
TRP CH2    C Y N 334 
TRP OXT    O N N 335 
TRP H      H N N 336 
TRP H2     H N N 337 
TRP HA     H N N 338 
TRP HB2    H N N 339 
TRP HB3    H N N 340 
TRP HD1    H N N 341 
TRP HE1    H N N 342 
TRP HE3    H N N 343 
TRP HZ2    H N N 344 
TRP HZ3    H N N 345 
TRP HH2    H N N 346 
TRP HXT    H N N 347 
TYR N      N N N 348 
TYR CA     C N S 349 
TYR C      C N N 350 
TYR O      O N N 351 
TYR CB     C N N 352 
TYR CG     C Y N 353 
TYR CD1    C Y N 354 
TYR CD2    C Y N 355 
TYR CE1    C Y N 356 
TYR CE2    C Y N 357 
TYR CZ     C Y N 358 
TYR OH     O N N 359 
TYR OXT    O N N 360 
TYR H      H N N 361 
TYR H2     H N N 362 
TYR HA     H N N 363 
TYR HB2    H N N 364 
TYR HB3    H N N 365 
TYR HD1    H N N 366 
TYR HD2    H N N 367 
TYR HE1    H N N 368 
TYR HE2    H N N 369 
TYR HH     H N N 370 
TYR HXT    H N N 371 
U3P N1     N N N 372 
U3P C2     C N N 373 
U3P N3     N N N 374 
U3P C4     C N N 375 
U3P C5     C N N 376 
U3P C6     C N N 377 
U3P O2     O N N 378 
U3P O4     O N N 379 
U3P P      P N N 380 
U3P O1P    O N N 381 
U3P O2P    O N N 382 
U3P O3P    O N N 383 
U3P "O5'"  O N N 384 
U3P "C5'"  C N N 385 
U3P "C4'"  C N R 386 
U3P "O4'"  O N N 387 
U3P "C3'"  C N S 388 
U3P "O3'"  O N N 389 
U3P "C2'"  C N R 390 
U3P "O2'"  O N N 391 
U3P "C1'"  C N R 392 
U3P HN3    H N N 393 
U3P H5     H N N 394 
U3P H6     H N N 395 
U3P HOP1   H N N 396 
U3P HOP3   H N N 397 
U3P "HO5'" H N N 398 
U3P "H5'1" H N N 399 
U3P "H5'2" H N N 400 
U3P "H4'"  H N N 401 
U3P "H3'"  H N N 402 
U3P "H2'"  H N N 403 
U3P "HO2'" H N N 404 
U3P "H1'"  H N N 405 
VAL N      N N N 406 
VAL CA     C N S 407 
VAL C      C N N 408 
VAL O      O N N 409 
VAL CB     C N N 410 
VAL CG1    C N N 411 
VAL CG2    C N N 412 
VAL OXT    O N N 413 
VAL H      H N N 414 
VAL H2     H N N 415 
VAL HA     H N N 416 
VAL HB     H N N 417 
VAL HG11   H N N 418 
VAL HG12   H N N 419 
VAL HG13   H N N 420 
VAL HG21   H N N 421 
VAL HG22   H N N 422 
VAL HG23   H N N 423 
VAL HXT    H N N 424 
# 
loop_
_chem_comp_bond.comp_id 
_chem_comp_bond.atom_id_1 
_chem_comp_bond.atom_id_2 
_chem_comp_bond.value_order 
_chem_comp_bond.pdbx_aromatic_flag 
_chem_comp_bond.pdbx_stereo_config 
_chem_comp_bond.pdbx_ordinal 
ALA N     CA     sing N N 1   
ALA N     H      sing N N 2   
ALA N     H2     sing N N 3   
ALA CA    C      sing N N 4   
ALA CA    CB     sing N N 5   
ALA CA    HA     sing N N 6   
ALA C     O      doub N N 7   
ALA C     OXT    sing N N 8   
ALA CB    HB1    sing N N 9   
ALA CB    HB2    sing N N 10  
ALA CB    HB3    sing N N 11  
ALA OXT   HXT    sing N N 12  
ARG N     CA     sing N N 13  
ARG N     H      sing N N 14  
ARG N     H2     sing N N 15  
ARG CA    C      sing N N 16  
ARG CA    CB     sing N N 17  
ARG CA    HA     sing N N 18  
ARG C     O      doub N N 19  
ARG C     OXT    sing N N 20  
ARG CB    CG     sing N N 21  
ARG CB    HB2    sing N N 22  
ARG CB    HB3    sing N N 23  
ARG CG    CD     sing N N 24  
ARG CG    HG2    sing N N 25  
ARG CG    HG3    sing N N 26  
ARG CD    NE     sing N N 27  
ARG CD    HD2    sing N N 28  
ARG CD    HD3    sing N N 29  
ARG NE    CZ     sing N N 30  
ARG NE    HE     sing N N 31  
ARG CZ    NH1    sing N N 32  
ARG CZ    NH2    doub N N 33  
ARG NH1   HH11   sing N N 34  
ARG NH1   HH12   sing N N 35  
ARG NH2   HH21   sing N N 36  
ARG NH2   HH22   sing N N 37  
ARG OXT   HXT    sing N N 38  
ASN N     CA     sing N N 39  
ASN N     H      sing N N 40  
ASN N     H2     sing N N 41  
ASN CA    C      sing N N 42  
ASN CA    CB     sing N N 43  
ASN CA    HA     sing N N 44  
ASN C     O      doub N N 45  
ASN C     OXT    sing N N 46  
ASN CB    CG     sing N N 47  
ASN CB    HB2    sing N N 48  
ASN CB    HB3    sing N N 49  
ASN CG    OD1    doub N N 50  
ASN CG    ND2    sing N N 51  
ASN ND2   HD21   sing N N 52  
ASN ND2   HD22   sing N N 53  
ASN OXT   HXT    sing N N 54  
ASP N     CA     sing N N 55  
ASP N     H      sing N N 56  
ASP N     H2     sing N N 57  
ASP CA    C      sing N N 58  
ASP CA    CB     sing N N 59  
ASP CA    HA     sing N N 60  
ASP C     O      doub N N 61  
ASP C     OXT    sing N N 62  
ASP CB    CG     sing N N 63  
ASP CB    HB2    sing N N 64  
ASP CB    HB3    sing N N 65  
ASP CG    OD1    doub N N 66  
ASP CG    OD2    sing N N 67  
ASP OD2   HD2    sing N N 68  
ASP OXT   HXT    sing N N 69  
CYS N     CA     sing N N 70  
CYS N     H      sing N N 71  
CYS N     H2     sing N N 72  
CYS CA    C      sing N N 73  
CYS CA    CB     sing N N 74  
CYS CA    HA     sing N N 75  
CYS C     O      doub N N 76  
CYS C     OXT    sing N N 77  
CYS CB    SG     sing N N 78  
CYS CB    HB2    sing N N 79  
CYS CB    HB3    sing N N 80  
CYS SG    HG     sing N N 81  
CYS OXT   HXT    sing N N 82  
GLN N     CA     sing N N 83  
GLN N     H      sing N N 84  
GLN N     H2     sing N N 85  
GLN CA    C      sing N N 86  
GLN CA    CB     sing N N 87  
GLN CA    HA     sing N N 88  
GLN C     O      doub N N 89  
GLN C     OXT    sing N N 90  
GLN CB    CG     sing N N 91  
GLN CB    HB2    sing N N 92  
GLN CB    HB3    sing N N 93  
GLN CG    CD     sing N N 94  
GLN CG    HG2    sing N N 95  
GLN CG    HG3    sing N N 96  
GLN CD    OE1    doub N N 97  
GLN CD    NE2    sing N N 98  
GLN NE2   HE21   sing N N 99  
GLN NE2   HE22   sing N N 100 
GLN OXT   HXT    sing N N 101 
GLU N     CA     sing N N 102 
GLU N     H      sing N N 103 
GLU N     H2     sing N N 104 
GLU CA    C      sing N N 105 
GLU CA    CB     sing N N 106 
GLU CA    HA     sing N N 107 
GLU C     O      doub N N 108 
GLU C     OXT    sing N N 109 
GLU CB    CG     sing N N 110 
GLU CB    HB2    sing N N 111 
GLU CB    HB3    sing N N 112 
GLU CG    CD     sing N N 113 
GLU CG    HG2    sing N N 114 
GLU CG    HG3    sing N N 115 
GLU CD    OE1    doub N N 116 
GLU CD    OE2    sing N N 117 
GLU OE2   HE2    sing N N 118 
GLU OXT   HXT    sing N N 119 
GLY N     CA     sing N N 120 
GLY N     H      sing N N 121 
GLY N     H2     sing N N 122 
GLY CA    C      sing N N 123 
GLY CA    HA2    sing N N 124 
GLY CA    HA3    sing N N 125 
GLY C     O      doub N N 126 
GLY C     OXT    sing N N 127 
GLY OXT   HXT    sing N N 128 
HIS N     CA     sing N N 129 
HIS N     H      sing N N 130 
HIS N     H2     sing N N 131 
HIS CA    C      sing N N 132 
HIS CA    CB     sing N N 133 
HIS CA    HA     sing N N 134 
HIS C     O      doub N N 135 
HIS C     OXT    sing N N 136 
HIS CB    CG     sing N N 137 
HIS CB    HB2    sing N N 138 
HIS CB    HB3    sing N N 139 
HIS CG    ND1    sing Y N 140 
HIS CG    CD2    doub Y N 141 
HIS ND1   CE1    doub Y N 142 
HIS ND1   HD1    sing N N 143 
HIS CD2   NE2    sing Y N 144 
HIS CD2   HD2    sing N N 145 
HIS CE1   NE2    sing Y N 146 
HIS CE1   HE1    sing N N 147 
HIS NE2   HE2    sing N N 148 
HIS OXT   HXT    sing N N 149 
HOH O     H1     sing N N 150 
HOH O     H2     sing N N 151 
ILE N     CA     sing N N 152 
ILE N     H      sing N N 153 
ILE N     H2     sing N N 154 
ILE CA    C      sing N N 155 
ILE CA    CB     sing N N 156 
ILE CA    HA     sing N N 157 
ILE C     O      doub N N 158 
ILE C     OXT    sing N N 159 
ILE CB    CG1    sing N N 160 
ILE CB    CG2    sing N N 161 
ILE CB    HB     sing N N 162 
ILE CG1   CD1    sing N N 163 
ILE CG1   HG12   sing N N 164 
ILE CG1   HG13   sing N N 165 
ILE CG2   HG21   sing N N 166 
ILE CG2   HG22   sing N N 167 
ILE CG2   HG23   sing N N 168 
ILE CD1   HD11   sing N N 169 
ILE CD1   HD12   sing N N 170 
ILE CD1   HD13   sing N N 171 
ILE OXT   HXT    sing N N 172 
LEU N     CA     sing N N 173 
LEU N     H      sing N N 174 
LEU N     H2     sing N N 175 
LEU CA    C      sing N N 176 
LEU CA    CB     sing N N 177 
LEU CA    HA     sing N N 178 
LEU C     O      doub N N 179 
LEU C     OXT    sing N N 180 
LEU CB    CG     sing N N 181 
LEU CB    HB2    sing N N 182 
LEU CB    HB3    sing N N 183 
LEU CG    CD1    sing N N 184 
LEU CG    CD2    sing N N 185 
LEU CG    HG     sing N N 186 
LEU CD1   HD11   sing N N 187 
LEU CD1   HD12   sing N N 188 
LEU CD1   HD13   sing N N 189 
LEU CD2   HD21   sing N N 190 
LEU CD2   HD22   sing N N 191 
LEU CD2   HD23   sing N N 192 
LEU OXT   HXT    sing N N 193 
LYS N     CA     sing N N 194 
LYS N     H      sing N N 195 
LYS N     H2     sing N N 196 
LYS CA    C      sing N N 197 
LYS CA    CB     sing N N 198 
LYS CA    HA     sing N N 199 
LYS C     O      doub N N 200 
LYS C     OXT    sing N N 201 
LYS CB    CG     sing N N 202 
LYS CB    HB2    sing N N 203 
LYS CB    HB3    sing N N 204 
LYS CG    CD     sing N N 205 
LYS CG    HG2    sing N N 206 
LYS CG    HG3    sing N N 207 
LYS CD    CE     sing N N 208 
LYS CD    HD2    sing N N 209 
LYS CD    HD3    sing N N 210 
LYS CE    NZ     sing N N 211 
LYS CE    HE2    sing N N 212 
LYS CE    HE3    sing N N 213 
LYS NZ    HZ1    sing N N 214 
LYS NZ    HZ2    sing N N 215 
LYS NZ    HZ3    sing N N 216 
LYS OXT   HXT    sing N N 217 
MET N     CA     sing N N 218 
MET N     H      sing N N 219 
MET N     H2     sing N N 220 
MET CA    C      sing N N 221 
MET CA    CB     sing N N 222 
MET CA    HA     sing N N 223 
MET C     O      doub N N 224 
MET C     OXT    sing N N 225 
MET CB    CG     sing N N 226 
MET CB    HB2    sing N N 227 
MET CB    HB3    sing N N 228 
MET CG    SD     sing N N 229 
MET CG    HG2    sing N N 230 
MET CG    HG3    sing N N 231 
MET SD    CE     sing N N 232 
MET CE    HE1    sing N N 233 
MET CE    HE2    sing N N 234 
MET CE    HE3    sing N N 235 
MET OXT   HXT    sing N N 236 
PHE N     CA     sing N N 237 
PHE N     H      sing N N 238 
PHE N     H2     sing N N 239 
PHE CA    C      sing N N 240 
PHE CA    CB     sing N N 241 
PHE CA    HA     sing N N 242 
PHE C     O      doub N N 243 
PHE C     OXT    sing N N 244 
PHE CB    CG     sing N N 245 
PHE CB    HB2    sing N N 246 
PHE CB    HB3    sing N N 247 
PHE CG    CD1    doub Y N 248 
PHE CG    CD2    sing Y N 249 
PHE CD1   CE1    sing Y N 250 
PHE CD1   HD1    sing N N 251 
PHE CD2   CE2    doub Y N 252 
PHE CD2   HD2    sing N N 253 
PHE CE1   CZ     doub Y N 254 
PHE CE1   HE1    sing N N 255 
PHE CE2   CZ     sing Y N 256 
PHE CE2   HE2    sing N N 257 
PHE CZ    HZ     sing N N 258 
PHE OXT   HXT    sing N N 259 
PRO N     CA     sing N N 260 
PRO N     CD     sing N N 261 
PRO N     H      sing N N 262 
PRO CA    C      sing N N 263 
PRO CA    CB     sing N N 264 
PRO CA    HA     sing N N 265 
PRO C     O      doub N N 266 
PRO C     OXT    sing N N 267 
PRO CB    CG     sing N N 268 
PRO CB    HB2    sing N N 269 
PRO CB    HB3    sing N N 270 
PRO CG    CD     sing N N 271 
PRO CG    HG2    sing N N 272 
PRO CG    HG3    sing N N 273 
PRO CD    HD2    sing N N 274 
PRO CD    HD3    sing N N 275 
PRO OXT   HXT    sing N N 276 
SER N     CA     sing N N 277 
SER N     H      sing N N 278 
SER N     H2     sing N N 279 
SER CA    C      sing N N 280 
SER CA    CB     sing N N 281 
SER CA    HA     sing N N 282 
SER C     O      doub N N 283 
SER C     OXT    sing N N 284 
SER CB    OG     sing N N 285 
SER CB    HB2    sing N N 286 
SER CB    HB3    sing N N 287 
SER OG    HG     sing N N 288 
SER OXT   HXT    sing N N 289 
THR N     CA     sing N N 290 
THR N     H      sing N N 291 
THR N     H2     sing N N 292 
THR CA    C      sing N N 293 
THR CA    CB     sing N N 294 
THR CA    HA     sing N N 295 
THR C     O      doub N N 296 
THR C     OXT    sing N N 297 
THR CB    OG1    sing N N 298 
THR CB    CG2    sing N N 299 
THR CB    HB     sing N N 300 
THR OG1   HG1    sing N N 301 
THR CG2   HG21   sing N N 302 
THR CG2   HG22   sing N N 303 
THR CG2   HG23   sing N N 304 
THR OXT   HXT    sing N N 305 
TRP N     CA     sing N N 306 
TRP N     H      sing N N 307 
TRP N     H2     sing N N 308 
TRP CA    C      sing N N 309 
TRP CA    CB     sing N N 310 
TRP CA    HA     sing N N 311 
TRP C     O      doub N N 312 
TRP C     OXT    sing N N 313 
TRP CB    CG     sing N N 314 
TRP CB    HB2    sing N N 315 
TRP CB    HB3    sing N N 316 
TRP CG    CD1    doub Y N 317 
TRP CG    CD2    sing Y N 318 
TRP CD1   NE1    sing Y N 319 
TRP CD1   HD1    sing N N 320 
TRP CD2   CE2    doub Y N 321 
TRP CD2   CE3    sing Y N 322 
TRP NE1   CE2    sing Y N 323 
TRP NE1   HE1    sing N N 324 
TRP CE2   CZ2    sing Y N 325 
TRP CE3   CZ3    doub Y N 326 
TRP CE3   HE3    sing N N 327 
TRP CZ2   CH2    doub Y N 328 
TRP CZ2   HZ2    sing N N 329 
TRP CZ3   CH2    sing Y N 330 
TRP CZ3   HZ3    sing N N 331 
TRP CH2   HH2    sing N N 332 
TRP OXT   HXT    sing N N 333 
TYR N     CA     sing N N 334 
TYR N     H      sing N N 335 
TYR N     H2     sing N N 336 
TYR CA    C      sing N N 337 
TYR CA    CB     sing N N 338 
TYR CA    HA     sing N N 339 
TYR C     O      doub N N 340 
TYR C     OXT    sing N N 341 
TYR CB    CG     sing N N 342 
TYR CB    HB2    sing N N 343 
TYR CB    HB3    sing N N 344 
TYR CG    CD1    doub Y N 345 
TYR CG    CD2    sing Y N 346 
TYR CD1   CE1    sing Y N 347 
TYR CD1   HD1    sing N N 348 
TYR CD2   CE2    doub Y N 349 
TYR CD2   HD2    sing N N 350 
TYR CE1   CZ     doub Y N 351 
TYR CE1   HE1    sing N N 352 
TYR CE2   CZ     sing Y N 353 
TYR CE2   HE2    sing N N 354 
TYR CZ    OH     sing N N 355 
TYR OH    HH     sing N N 356 
TYR OXT   HXT    sing N N 357 
U3P N1    C2     sing N N 358 
U3P N1    C6     sing N N 359 
U3P N1    "C1'"  sing N N 360 
U3P C2    N3     sing N N 361 
U3P C2    O2     doub N N 362 
U3P N3    C4     sing N N 363 
U3P N3    HN3    sing N N 364 
U3P C4    C5     sing N N 365 
U3P C4    O4     doub N N 366 
U3P C5    C6     doub N N 367 
U3P C5    H5     sing N N 368 
U3P C6    H6     sing N N 369 
U3P P     O1P    sing N N 370 
U3P P     O2P    doub N N 371 
U3P P     O3P    sing N N 372 
U3P P     "O3'"  sing N N 373 
U3P O1P   HOP1   sing N N 374 
U3P O3P   HOP3   sing N N 375 
U3P "O5'" "C5'"  sing N N 376 
U3P "O5'" "HO5'" sing N N 377 
U3P "C5'" "C4'"  sing N N 378 
U3P "C5'" "H5'1" sing N N 379 
U3P "C5'" "H5'2" sing N N 380 
U3P "C4'" "O4'"  sing N N 381 
U3P "C4'" "C3'"  sing N N 382 
U3P "C4'" "H4'"  sing N N 383 
U3P "O4'" "C1'"  sing N N 384 
U3P "C3'" "O3'"  sing N N 385 
U3P "C3'" "C2'"  sing N N 386 
U3P "C3'" "H3'"  sing N N 387 
U3P "C2'" "O2'"  sing N N 388 
U3P "C2'" "C1'"  sing N N 389 
U3P "C2'" "H2'"  sing N N 390 
U3P "O2'" "HO2'" sing N N 391 
U3P "C1'" "H1'"  sing N N 392 
VAL N     CA     sing N N 393 
VAL N     H      sing N N 394 
VAL N     H2     sing N N 395 
VAL CA    C      sing N N 396 
VAL CA    CB     sing N N 397 
VAL CA    HA     sing N N 398 
VAL C     O      doub N N 399 
VAL C     OXT    sing N N 400 
VAL CB    CG1    sing N N 401 
VAL CB    CG2    sing N N 402 
VAL CB    HB     sing N N 403 
VAL CG1   HG11   sing N N 404 
VAL CG1   HG12   sing N N 405 
VAL CG1   HG13   sing N N 406 
VAL CG2   HG21   sing N N 407 
VAL CG2   HG22   sing N N 408 
VAL CG2   HG23   sing N N 409 
VAL OXT   HXT    sing N N 410 
# 
_pdbx_initial_refinement_model.id               1 
_pdbx_initial_refinement_model.entity_id_list   ? 
_pdbx_initial_refinement_model.type             'experimental model' 
_pdbx_initial_refinement_model.source_name      PDB 
_pdbx_initial_refinement_model.accession_code   1BK7 
_pdbx_initial_refinement_model.details          'PDB ENTRY 1BK7' 
# 
_atom_sites.entry_id                    1UCC 
_atom_sites.fract_transf_matrix[1][1]   -0.01413965 
_atom_sites.fract_transf_matrix[1][2]   -0.00225770 
_atom_sites.fract_transf_matrix[1][3]   -0.02142943 
_atom_sites.fract_transf_matrix[2][1]   0.01150334 
_atom_sites.fract_transf_matrix[2][2]   0.00459417 
_atom_sites.fract_transf_matrix[2][3]   -0.00807419 
_atom_sites.fract_transf_matrix[3][1]   0.00405323 
_atom_sites.fract_transf_matrix[3][2]   -0.01252923 
_atom_sites.fract_transf_matrix[3][3]   -0.00135440 
_atom_sites.fract_transf_vector[1]      0.547429 
_atom_sites.fract_transf_vector[2]      0.541064 
_atom_sites.fract_transf_vector[3]      0.406996 
# 
loop_
_atom_type.symbol 
C 
N 
O 
P 
S 
# 
loop_
_atom_site.group_PDB 
_atom_site.id 
_atom_site.type_symbol 
_atom_site.label_atom_id 
_atom_site.label_alt_id 
_atom_site.label_comp_id 
_atom_site.label_asym_id 
_atom_site.label_entity_id 
_atom_site.label_seq_id 
_atom_site.pdbx_PDB_ins_code 
_atom_site.Cartn_x 
_atom_site.Cartn_y 
_atom_site.Cartn_z 
_atom_site.occupancy 
_atom_site.B_iso_or_equiv 
_atom_site.pdbx_formal_charge 
_atom_site.auth_seq_id 
_atom_site.auth_comp_id 
_atom_site.auth_asym_id 
_atom_site.auth_atom_id 
_atom_site.pdbx_PDB_model_num 
ATOM   1    N N     . PHE A 1 1   ? -10.590 13.508  9.512   1.00 24.28 ? 1   PHE A N     1 
ATOM   2    C CA    . PHE A 1 1   ? -9.327  12.714  9.484   1.00 23.21 ? 1   PHE A CA    1 
ATOM   3    C C     . PHE A 1 1   ? -8.132  13.643  9.650   1.00 22.47 ? 1   PHE A C     1 
ATOM   4    O O     . PHE A 1 1   ? -8.202  14.810  9.275   1.00 22.32 ? 1   PHE A O     1 
ATOM   5    C CB    . PHE A 1 1   ? -9.230  11.943  8.162   1.00 23.30 ? 1   PHE A CB    1 
ATOM   6    C CG    . PHE A 1 1   ? -9.174  12.823  6.946   1.00 24.00 ? 1   PHE A CG    1 
ATOM   7    C CD1   . PHE A 1 1   ? -7.955  13.283  6.457   1.00 25.37 ? 1   PHE A CD1   1 
ATOM   8    C CD2   . PHE A 1 1   ? -10.342 13.199  6.291   1.00 24.21 ? 1   PHE A CD2   1 
ATOM   9    C CE1   . PHE A 1 1   ? -7.902  14.107  5.335   1.00 25.83 ? 1   PHE A CE1   1 
ATOM   10   C CE2   . PHE A 1 1   ? -10.299 14.022  5.170   1.00 24.78 ? 1   PHE A CE2   1 
ATOM   11   C CZ    . PHE A 1 1   ? -9.077  14.477  4.691   1.00 25.39 ? 1   PHE A CZ    1 
ATOM   12   N N     . ASP A 1 2   ? -7.039  13.128  10.212  1.00 20.30 ? 2   ASP A N     1 
ATOM   13   C CA    . ASP A 1 2   ? -5.849  13.941  10.427  1.00 20.67 ? 2   ASP A CA    1 
ATOM   14   C C     . ASP A 1 2   ? -4.635  13.492  9.622   1.00 20.10 ? 2   ASP A C     1 
ATOM   15   O O     . ASP A 1 2   ? -3.574  14.105  9.700   1.00 19.64 ? 2   ASP A O     1 
ATOM   16   C CB    . ASP A 1 2   ? -5.478  13.967  11.916  1.00 23.10 ? 2   ASP A CB    1 
ATOM   17   C CG    . ASP A 1 2   ? -5.286  12.578  12.502  1.00 25.88 ? 2   ASP A CG    1 
ATOM   18   O OD1   . ASP A 1 2   ? -4.748  11.692  11.803  1.00 26.31 ? 2   ASP A OD1   1 
ATOM   19   O OD2   . ASP A 1 2   ? -5.660  12.377  13.676  1.00 27.33 ? 2   ASP A OD2   1 
ATOM   20   N N     . SER A 1 3   ? -4.785  12.424  8.848   1.00 17.80 ? 3   SER A N     1 
ATOM   21   C CA    . SER A 1 3   ? -3.670  11.927  8.053   1.00 15.00 ? 3   SER A CA    1 
ATOM   22   C C     . SER A 1 3   ? -4.101  10.768  7.169   1.00 13.53 ? 3   SER A C     1 
ATOM   23   O O     . SER A 1 3   ? -5.248  10.320  7.228   1.00 12.10 ? 3   SER A O     1 
ATOM   24   C CB    . SER A 1 3   ? -2.540  11.467  8.975   1.00 15.94 ? 3   SER A CB    1 
ATOM   25   O OG    . SER A 1 3   ? -3.002  10.474  9.875   1.00 16.52 ? 3   SER A OG    1 
ATOM   26   N N     . PHE A 1 4   ? -3.170  10.290  6.351   1.00 11.03 ? 4   PHE A N     1 
ATOM   27   C CA    . PHE A 1 4   ? -3.430  9.162   5.467   1.00 11.13 ? 4   PHE A CA    1 
ATOM   28   C C     . PHE A 1 4   ? -2.313  8.142   5.561   1.00 8.50  ? 4   PHE A C     1 
ATOM   29   O O     . PHE A 1 4   ? -1.160  8.485   5.818   1.00 10.27 ? 4   PHE A O     1 
ATOM   30   C CB    . PHE A 1 4   ? -3.476  9.578   3.991   1.00 12.29 ? 4   PHE A CB    1 
ATOM   31   C CG    . PHE A 1 4   ? -4.683  10.368  3.601   1.00 13.27 ? 4   PHE A CG    1 
ATOM   32   C CD1   . PHE A 1 4   ? -4.694  11.751  3.730   1.00 17.88 ? 4   PHE A CD1   1 
ATOM   33   C CD2   . PHE A 1 4   ? -5.788  9.736   3.047   1.00 14.43 ? 4   PHE A CD2   1 
ATOM   34   C CE1   . PHE A 1 4   ? -5.792  12.496  3.304   1.00 19.27 ? 4   PHE A CE1   1 
ATOM   35   C CE2   . PHE A 1 4   ? -6.888  10.468  2.620   1.00 16.00 ? 4   PHE A CE2   1 
ATOM   36   C CZ    . PHE A 1 4   ? -6.891  11.853  2.747   1.00 17.98 ? 4   PHE A CZ    1 
ATOM   37   N N     . TRP A 1 5   ? -2.675  6.888   5.340   1.00 9.74  ? 5   TRP A N     1 
ATOM   38   C CA    . TRP A 1 5   ? -1.716  5.803   5.282   1.00 7.89  ? 5   TRP A CA    1 
ATOM   39   C C     . TRP A 1 5   ? -1.807  5.375   3.819   1.00 7.79  ? 5   TRP A C     1 
ATOM   40   O O     . TRP A 1 5   ? -2.874  4.954   3.376   1.00 7.69  ? 5   TRP A O     1 
ATOM   41   C CB    . TRP A 1 5   ? -2.154  4.625   6.152   1.00 10.27 ? 5   TRP A CB    1 
ATOM   42   C CG    . TRP A 1 5   ? -1.598  4.624   7.535   1.00 11.00 ? 5   TRP A CG    1 
ATOM   43   C CD1   . TRP A 1 5   ? -1.270  5.707   8.292   1.00 12.96 ? 5   TRP A CD1   1 
ATOM   44   C CD2   . TRP A 1 5   ? -1.380  3.474   8.355   1.00 13.12 ? 5   TRP A CD2   1 
ATOM   45   N NE1   . TRP A 1 5   ? -0.863  5.302   9.545   1.00 14.36 ? 5   TRP A NE1   1 
ATOM   46   C CE2   . TRP A 1 5   ? -0.922  3.934   9.608   1.00 13.55 ? 5   TRP A CE2   1 
ATOM   47   C CE3   . TRP A 1 5   ? -1.531  2.095   8.152   1.00 14.91 ? 5   TRP A CE3   1 
ATOM   48   C CZ2   . TRP A 1 5   ? -0.612  3.065   10.658  1.00 17.51 ? 5   TRP A CZ2   1 
ATOM   49   C CZ3   . TRP A 1 5   ? -1.223  1.227   9.196   1.00 16.55 ? 5   TRP A CZ3   1 
ATOM   50   C CH2   . TRP A 1 5   ? -0.769  1.719   10.434  1.00 17.53 ? 5   TRP A CH2   1 
ATOM   51   N N     . PHE A 1 6   ? -0.722  5.524   3.063   1.00 7.10  ? 6   PHE A N     1 
ATOM   52   C CA    . PHE A 1 6   ? -0.721  5.084   1.669   1.00 7.04  ? 6   PHE A CA    1 
ATOM   53   C C     . PHE A 1 6   ? -0.028  3.737   1.735   1.00 7.32  ? 6   PHE A C     1 
ATOM   54   O O     . PHE A 1 6   ? 1.177   3.656   1.974   1.00 7.34  ? 6   PHE A O     1 
ATOM   55   C CB    . PHE A 1 6   ? 0.066   6.041   0.776   1.00 7.92  ? 6   PHE A CB    1 
ATOM   56   C CG    . PHE A 1 6   ? 0.185   5.572   -0.647  1.00 8.00  ? 6   PHE A CG    1 
ATOM   57   C CD1   . PHE A 1 6   ? -0.950  5.202   -1.367  1.00 8.84  ? 6   PHE A CD1   1 
ATOM   58   C CD2   . PHE A 1 6   ? 1.427   5.488   -1.262  1.00 9.86  ? 6   PHE A CD2   1 
ATOM   59   C CE1   . PHE A 1 6   ? -0.844  4.752   -2.681  1.00 11.16 ? 6   PHE A CE1   1 
ATOM   60   C CE2   . PHE A 1 6   ? 1.543   5.042   -2.572  1.00 11.71 ? 6   PHE A CE2   1 
ATOM   61   C CZ    . PHE A 1 6   ? 0.403   4.672   -3.283  1.00 9.99  ? 6   PHE A CZ    1 
ATOM   62   N N     . VAL A 1 7   ? -0.803  2.679   1.523   1.00 6.65  ? 7   VAL A N     1 
ATOM   63   C CA    . VAL A 1 7   ? -0.293  1.324   1.632   1.00 6.40  ? 7   VAL A CA    1 
ATOM   64   C C     . VAL A 1 7   ? -0.034  0.619   0.308   1.00 5.64  ? 7   VAL A C     1 
ATOM   65   O O     . VAL A 1 7   ? -0.930  0.490   -0.519  1.00 7.80  ? 7   VAL A O     1 
ATOM   66   C CB    . VAL A 1 7   ? -1.282  0.471   2.454   1.00 6.47  ? 7   VAL A CB    1 
ATOM   67   C CG1   . VAL A 1 7   ? -0.670  -0.880  2.788   1.00 8.67  ? 7   VAL A CG1   1 
ATOM   68   C CG2   . VAL A 1 7   ? -1.675  1.225   3.725   1.00 9.16  ? 7   VAL A CG2   1 
ATOM   69   N N     . GLN A 1 8   ? 1.202   0.167   0.113   1.00 5.45  ? 8   GLN A N     1 
ATOM   70   C CA    . GLN A 1 8   ? 1.568   -0.574  -1.088  1.00 5.58  ? 8   GLN A CA    1 
ATOM   71   C C     . GLN A 1 8   ? 1.864   -2.006  -0.654  1.00 6.12  ? 8   GLN A C     1 
ATOM   72   O O     . GLN A 1 8   ? 2.385   -2.230  0.437   1.00 7.10  ? 8   GLN A O     1 
ATOM   73   C CB    . GLN A 1 8   ? 2.814   0.025   -1.746  1.00 6.71  ? 8   GLN A CB    1 
ATOM   74   C CG    . GLN A 1 8   ? 2.594   1.421   -2.310  1.00 9.67  ? 8   GLN A CG    1 
ATOM   75   C CD    . GLN A 1 8   ? 3.786   1.894   -3.100  1.00 9.77  ? 8   GLN A CD    1 
ATOM   76   O OE1   . GLN A 1 8   ? 4.126   1.313   -4.132  1.00 9.31  ? 8   GLN A OE1   1 
ATOM   77   N NE2   . GLN A 1 8   ? 4.437   2.946   -2.618  1.00 9.67  ? 8   GLN A NE2   1 
ATOM   78   N N     . GLN A 1 9   ? 1.528   -2.974  -1.499  1.00 6.33  ? 9   GLN A N     1 
ATOM   79   C CA    . GLN A 1 9   ? 1.769   -4.374  -1.162  1.00 7.33  ? 9   GLN A CA    1 
ATOM   80   C C     . GLN A 1 9   ? 2.737   -5.028  -2.145  1.00 8.06  ? 9   GLN A C     1 
ATOM   81   O O     . GLN A 1 9   ? 2.818   -4.628  -3.298  1.00 8.25  ? 9   GLN A O     1 
ATOM   82   C CB    . GLN A 1 9   ? 0.439   -5.142  -1.128  1.00 8.87  ? 9   GLN A CB    1 
ATOM   83   C CG    . GLN A 1 9   ? -0.374  -5.091  -2.423  1.00 9.67  ? 9   GLN A CG    1 
ATOM   84   C CD    . GLN A 1 9   ? -1.733  -5.770  -2.276  1.00 11.28 ? 9   GLN A CD    1 
ATOM   85   O OE1   . GLN A 1 9   ? -1.963  -6.518  -1.323  1.00 13.67 ? 9   GLN A OE1   1 
ATOM   86   N NE2   . GLN A 1 9   ? -2.633  -5.522  -3.226  1.00 10.81 ? 9   GLN A NE2   1 
ATOM   87   N N     . TRP A 1 10  ? 3.484   -6.020  -1.661  1.00 7.57  ? 10  TRP A N     1 
ATOM   88   C CA    . TRP A 1 10  ? 4.455   -6.762  -2.470  1.00 7.80  ? 10  TRP A CA    1 
ATOM   89   C C     . TRP A 1 10  ? 3.696   -8.028  -2.884  1.00 9.34  ? 10  TRP A C     1 
ATOM   90   O O     . TRP A 1 10  ? 3.609   -8.987  -2.122  1.00 9.97  ? 10  TRP A O     1 
ATOM   91   C CB    . TRP A 1 10  ? 5.666   -7.096  -1.588  1.00 10.59 ? 10  TRP A CB    1 
ATOM   92   C CG    . TRP A 1 10  ? 6.782   -7.837  -2.263  1.00 11.73 ? 10  TRP A CG    1 
ATOM   93   C CD1   . TRP A 1 10  ? 7.463   -8.914  -1.766  1.00 14.60 ? 10  TRP A CD1   1 
ATOM   94   C CD2   . TRP A 1 10  ? 7.360   -7.552  -3.541  1.00 13.60 ? 10  TRP A CD2   1 
ATOM   95   N NE1   . TRP A 1 10  ? 8.429   -9.320  -2.660  1.00 14.85 ? 10  TRP A NE1   1 
ATOM   96   C CE2   . TRP A 1 10  ? 8.387   -8.501  -3.756  1.00 13.84 ? 10  TRP A CE2   1 
ATOM   97   C CE3   . TRP A 1 10  ? 7.114   -6.587  -4.526  1.00 13.73 ? 10  TRP A CE3   1 
ATOM   98   C CZ2   . TRP A 1 10  ? 9.165   -8.515  -4.920  1.00 16.14 ? 10  TRP A CZ2   1 
ATOM   99   C CZ3   . TRP A 1 10  ? 7.890   -6.601  -5.682  1.00 16.80 ? 10  TRP A CZ3   1 
ATOM   100  C CH2   . TRP A 1 10  ? 8.901   -7.560  -5.867  1.00 14.88 ? 10  TRP A CH2   1 
ATOM   101  N N     . PRO A 1 11  ? 3.144   -8.045  -4.109  1.00 9.86  ? 11  PRO A N     1 
ATOM   102  C CA    . PRO A 1 11  ? 2.368   -9.177  -4.628  1.00 10.02 ? 11  PRO A CA    1 
ATOM   103  C C     . PRO A 1 11  ? 2.848   -10.610 -4.385  1.00 11.47 ? 11  PRO A C     1 
ATOM   104  O O     . PRO A 1 11  ? 2.074   -11.443 -3.915  1.00 11.96 ? 11  PRO A O     1 
ATOM   105  C CB    . PRO A 1 11  ? 2.226   -8.845  -6.116  1.00 9.59  ? 11  PRO A CB    1 
ATOM   106  C CG    . PRO A 1 11  ? 2.181   -7.337  -6.104  1.00 9.52  ? 11  PRO A CG    1 
ATOM   107  C CD    . PRO A 1 11  ? 3.318   -7.020  -5.156  1.00 9.40  ? 11  PRO A CD    1 
ATOM   108  N N     . PRO A 1 12  ? 4.118   -10.919 -4.701  1.00 12.33 ? 12  PRO A N     1 
ATOM   109  C CA    . PRO A 1 12  ? 4.624   -12.284 -4.489  1.00 13.04 ? 12  PRO A CA    1 
ATOM   110  C C     . PRO A 1 12  ? 4.501   -12.764 -3.042  1.00 13.75 ? 12  PRO A C     1 
ATOM   111  O O     . PRO A 1 12  ? 4.138   -13.917 -2.789  1.00 12.84 ? 12  PRO A O     1 
ATOM   112  C CB    . PRO A 1 12  ? 6.084   -12.185 -4.924  1.00 16.75 ? 12  PRO A CB    1 
ATOM   113  C CG    . PRO A 1 12  ? 6.069   -11.091 -5.945  1.00 16.68 ? 12  PRO A CG    1 
ATOM   114  C CD    . PRO A 1 12  ? 5.152   -10.069 -5.316  1.00 14.10 ? 12  PRO A CD    1 
ATOM   115  N N     . ALA A 1 13  ? 4.818   -11.882 -2.099  1.00 11.56 ? 13  ALA A N     1 
ATOM   116  C CA    . ALA A 1 13  ? 4.751   -12.224 -0.683  1.00 11.90 ? 13  ALA A CA    1 
ATOM   117  C C     . ALA A 1 13  ? 3.305   -12.366 -0.227  1.00 12.60 ? 13  ALA A C     1 
ATOM   118  O O     . ALA A 1 13  ? 2.971   -13.284 0.520   1.00 14.22 ? 13  ALA A O     1 
ATOM   119  C CB    . ALA A 1 13  ? 5.469   -11.163 0.153   1.00 11.09 ? 13  ALA A CB    1 
ATOM   120  N N     . VAL A 1 14  ? 2.445   -11.457 -0.674  1.00 11.75 ? 14  VAL A N     1 
ATOM   121  C CA    . VAL A 1 14  ? 1.037   -11.516 -0.304  1.00 12.21 ? 14  VAL A CA    1 
ATOM   122  C C     . VAL A 1 14  ? 0.453   -12.862 -0.731  1.00 14.55 ? 14  VAL A C     1 
ATOM   123  O O     . VAL A 1 14  ? -0.231  -13.533 0.043   1.00 14.50 ? 14  VAL A O     1 
ATOM   124  C CB    . VAL A 1 14  ? 0.234   -10.393 -0.986  1.00 13.32 ? 14  VAL A CB    1 
ATOM   125  C CG1   . VAL A 1 14  ? -1.245  -10.538 -0.662  1.00 16.29 ? 14  VAL A CG1   1 
ATOM   126  C CG2   . VAL A 1 14  ? 0.744   -9.038  -0.523  1.00 13.37 ? 14  VAL A CG2   1 
ATOM   127  N N     . CYS A 1 15  ? 0.740   -13.257 -1.964  1.00 13.58 ? 15  CYS A N     1 
ATOM   128  C CA    . CYS A 1 15  ? 0.226   -14.510 -2.490  1.00 15.18 ? 15  CYS A CA    1 
ATOM   129  C C     . CYS A 1 15  ? 0.906   -15.756 -1.928  1.00 16.22 ? 15  CYS A C     1 
ATOM   130  O O     . CYS A 1 15  ? 0.364   -16.857 -2.030  1.00 16.38 ? 15  CYS A O     1 
ATOM   131  C CB    . CYS A 1 15  ? 0.321   -14.510 -4.015  1.00 14.54 ? 15  CYS A CB    1 
ATOM   132  S SG    . CYS A 1 15  ? -1.025  -13.616 -4.864  1.00 15.56 ? 15  CYS A SG    1 
ATOM   133  N N     . SER A 1 16  ? 2.085   -15.595 -1.334  1.00 16.75 ? 16  SER A N     1 
ATOM   134  C CA    . SER A 1 16  ? 2.786   -16.747 -0.776  1.00 18.68 ? 16  SER A CA    1 
ATOM   135  C C     . SER A 1 16  ? 1.990   -17.339 0.383   1.00 19.48 ? 16  SER A C     1 
ATOM   136  O O     . SER A 1 16  ? 2.146   -18.515 0.714   1.00 20.45 ? 16  SER A O     1 
ATOM   137  C CB    . SER A 1 16  ? 4.186   -16.352 -0.292  1.00 19.18 ? 16  SER A CB    1 
ATOM   138  O OG    . SER A 1 16  ? 4.119   -15.575 0.891   1.00 23.17 ? 16  SER A OG    1 
ATOM   139  N N     . PHE A 1 17  ? 1.138   -16.523 0.997   1.00 19.57 ? 17  PHE A N     1 
ATOM   140  C CA    . PHE A 1 17  ? 0.324   -16.978 2.118   1.00 20.56 ? 17  PHE A CA    1 
ATOM   141  C C     . PHE A 1 17  ? -0.969  -17.660 1.676   1.00 22.05 ? 17  PHE A C     1 
ATOM   142  O O     . PHE A 1 17  ? -1.749  -18.126 2.507   1.00 24.43 ? 17  PHE A O     1 
ATOM   143  C CB    . PHE A 1 17  ? 0.007   -15.812 3.061   1.00 19.65 ? 17  PHE A CB    1 
ATOM   144  C CG    . PHE A 1 17  ? 1.219   -15.258 3.760   1.00 20.34 ? 17  PHE A CG    1 
ATOM   145  C CD1   . PHE A 1 17  ? 1.967   -14.235 3.185   1.00 18.84 ? 17  PHE A CD1   1 
ATOM   146  C CD2   . PHE A 1 17  ? 1.639   -15.793 4.975   1.00 21.37 ? 17  PHE A CD2   1 
ATOM   147  C CE1   . PHE A 1 17  ? 3.118   -13.755 3.809   1.00 20.37 ? 17  PHE A CE1   1 
ATOM   148  C CE2   . PHE A 1 17  ? 2.788   -15.321 5.605   1.00 21.78 ? 17  PHE A CE2   1 
ATOM   149  C CZ    . PHE A 1 17  ? 3.529   -14.299 5.020   1.00 20.50 ? 17  PHE A CZ    1 
ATOM   150  N N     . GLN A 1 18  ? -1.199  -17.705 0.370   1.00 21.57 ? 18  GLN A N     1 
ATOM   151  C CA    . GLN A 1 18  ? -2.378  -18.369 -0.174  1.00 22.10 ? 18  GLN A CA    1 
ATOM   152  C C     . GLN A 1 18  ? -1.889  -19.749 -0.598  1.00 21.60 ? 18  GLN A C     1 
ATOM   153  O O     . GLN A 1 18  ? -1.506  -19.956 -1.749  1.00 21.73 ? 18  GLN A O     1 
ATOM   154  C CB    . GLN A 1 18  ? -2.915  -17.604 -1.385  1.00 23.46 ? 18  GLN A CB    1 
ATOM   155  C CG    . GLN A 1 18  ? -3.394  -16.196 -1.063  1.00 28.60 ? 18  GLN A CG    1 
ATOM   156  C CD    . GLN A 1 18  ? -4.532  -16.182 -0.058  1.00 31.35 ? 18  GLN A CD    1 
ATOM   157  O OE1   . GLN A 1 18  ? -5.552  -16.846 -0.250  1.00 35.18 ? 18  GLN A OE1   1 
ATOM   158  N NE2   . GLN A 1 18  ? -4.366  -15.417 1.017   1.00 32.99 ? 18  GLN A NE2   1 
ATOM   159  N N     . LYS A 1 19  ? -1.900  -20.680 0.352   1.00 20.94 ? 19  LYS A N     1 
ATOM   160  C CA    . LYS A 1 19  ? -1.421  -22.044 0.139   1.00 21.73 ? 19  LYS A CA    1 
ATOM   161  C C     . LYS A 1 19  ? -2.323  -22.933 -0.703  1.00 21.42 ? 19  LYS A C     1 
ATOM   162  O O     . LYS A 1 19  ? -1.998  -24.093 -0.942  1.00 21.01 ? 19  LYS A O     1 
ATOM   163  C CB    . LYS A 1 19  ? -1.187  -22.729 1.486   1.00 22.92 ? 19  LYS A CB    1 
ATOM   164  C CG    . LYS A 1 19  ? -0.352  -21.925 2.469   1.00 27.22 ? 19  LYS A CG    1 
ATOM   165  C CD    . LYS A 1 19  ? 1.061   -21.695 1.965   1.00 28.70 ? 19  LYS A CD    1 
ATOM   166  C CE    . LYS A 1 19  ? 1.912   -21.029 3.039   1.00 30.50 ? 19  LYS A CE    1 
ATOM   167  N NZ    . LYS A 1 19  ? 3.286   -20.724 2.558   1.00 31.86 ? 19  LYS A NZ    1 
ATOM   168  N N     . SER A 1 20  ? -3.458  -22.404 -1.139  1.00 21.98 ? 20  SER A N     1 
ATOM   169  C CA    . SER A 1 20  ? -4.371  -23.187 -1.959  1.00 22.82 ? 20  SER A CA    1 
ATOM   170  C C     . SER A 1 20  ? -5.143  -22.256 -2.874  1.00 22.60 ? 20  SER A C     1 
ATOM   171  O O     . SER A 1 20  ? -5.508  -21.149 -2.479  1.00 24.55 ? 20  SER A O     1 
ATOM   172  C CB    . SER A 1 20  ? -5.342  -23.970 -1.078  1.00 24.20 ? 20  SER A CB    1 
ATOM   173  O OG    . SER A 1 20  ? -6.146  -23.094 -0.312  1.00 28.15 ? 20  SER A OG    1 
ATOM   174  N N     . GLY A 1 21  ? -5.381  -22.704 -4.100  1.00 21.22 ? 21  GLY A N     1 
ATOM   175  C CA    . GLY A 1 21  ? -6.112  -21.886 -5.046  1.00 19.37 ? 21  GLY A CA    1 
ATOM   176  C C     . GLY A 1 21  ? -5.201  -20.953 -5.814  1.00 18.87 ? 21  GLY A C     1 
ATOM   177  O O     . GLY A 1 21  ? -4.004  -20.873 -5.542  1.00 18.17 ? 21  GLY A O     1 
ATOM   178  N N     . SER A 1 22  ? -5.775  -20.236 -6.772  1.00 18.24 ? 22  SER A N     1 
ATOM   179  C CA    . SER A 1 22  ? -5.016  -19.305 -7.593  1.00 16.51 ? 22  SER A CA    1 
ATOM   180  C C     . SER A 1 22  ? -4.813  -17.966 -6.887  1.00 16.64 ? 22  SER A C     1 
ATOM   181  O O     . SER A 1 22  ? -5.551  -17.617 -5.965  1.00 15.51 ? 22  SER A O     1 
ATOM   182  C CB    . SER A 1 22  ? -5.744  -19.070 -8.913  1.00 18.48 ? 22  SER A CB    1 
ATOM   183  O OG    . SER A 1 22  ? -7.017  -18.493 -8.681  1.00 20.35 ? 22  SER A OG    1 
ATOM   184  N N     . CYS A 1 23  ? -3.810  -17.220 -7.335  1.00 15.40 ? 23  CYS A N     1 
ATOM   185  C CA    . CYS A 1 23  ? -3.503  -15.913 -6.765  1.00 15.06 ? 23  CYS A CA    1 
ATOM   186  C C     . CYS A 1 23  ? -2.699  -15.146 -7.812  1.00 16.00 ? 23  CYS A C     1 
ATOM   187  O O     . CYS A 1 23  ? -1.490  -15.326 -7.929  1.00 16.09 ? 23  CYS A O     1 
ATOM   188  C CB    . CYS A 1 23  ? -2.683  -16.085 -5.486  1.00 15.12 ? 23  CYS A CB    1 
ATOM   189  S SG    . CYS A 1 23  ? -2.666  -14.676 -4.323  1.00 15.00 ? 23  CYS A SG    1 
ATOM   190  N N     . PRO A 1 24  ? -3.372  -14.286 -8.591  1.00 18.46 ? 24  PRO A N     1 
ATOM   191  C CA    . PRO A 1 24  ? -2.773  -13.466 -9.652  1.00 20.42 ? 24  PRO A CA    1 
ATOM   192  C C     . PRO A 1 24  ? -1.479  -12.751 -9.271  1.00 20.54 ? 24  PRO A C     1 
ATOM   193  O O     . PRO A 1 24  ? -0.580  -12.600 -10.098 1.00 23.68 ? 24  PRO A O     1 
ATOM   194  C CB    . PRO A 1 24  ? -3.891  -12.484 -9.991  1.00 21.47 ? 24  PRO A CB    1 
ATOM   195  C CG    . PRO A 1 24  ? -5.115  -13.314 -9.792  1.00 21.09 ? 24  PRO A CG    1 
ATOM   196  C CD    . PRO A 1 24  ? -4.819  -14.020 -8.485  1.00 18.75 ? 24  PRO A CD    1 
ATOM   197  N N     . GLY A 1 25  ? -1.386  -12.317 -8.020  1.00 21.19 ? 25  GLY A N     1 
ATOM   198  C CA    . GLY A 1 25  ? -0.200  -11.608 -7.570  1.00 21.03 ? 25  GLY A CA    1 
ATOM   199  C C     . GLY A 1 25  ? 1.093   -12.399 -7.617  1.00 22.74 ? 25  GLY A C     1 
ATOM   200  O O     . GLY A 1 25  ? 2.180   -11.818 -7.593  1.00 22.47 ? 25  GLY A O     1 
ATOM   201  N N     . SER A 1 26  ? 0.986   -13.723 -7.678  1.00 21.78 ? 26  SER A N     1 
ATOM   202  C CA    . SER A 1 26  ? 2.166   -14.579 -7.721  1.00 22.64 ? 26  SER A CA    1 
ATOM   203  C C     . SER A 1 26  ? 3.099   -14.219 -8.870  1.00 22.73 ? 26  SER A C     1 
ATOM   204  O O     . SER A 1 26  ? 4.304   -14.468 -8.799  1.00 24.38 ? 26  SER A O     1 
ATOM   205  C CB    . SER A 1 26  ? 1.754   -16.051 -7.852  1.00 24.41 ? 26  SER A CB    1 
ATOM   206  O OG    . SER A 1 26  ? 1.161   -16.531 -6.656  1.00 28.32 ? 26  SER A OG    1 
ATOM   207  N N     . GLY A 1 27  ? 2.549   -13.625 -9.924  1.00 21.00 ? 27  GLY A N     1 
ATOM   208  C CA    . GLY A 1 27  ? 3.368   -13.280 -11.072 1.00 21.58 ? 27  GLY A CA    1 
ATOM   209  C C     . GLY A 1 27  ? 3.753   -11.824 -11.258 1.00 21.60 ? 27  GLY A C     1 
ATOM   210  O O     . GLY A 1 27  ? 4.301   -11.468 -12.302 1.00 23.47 ? 27  GLY A O     1 
ATOM   211  N N     . LEU A 1 28  ? 3.477   -10.978 -10.271 1.00 18.31 ? 28  LEU A N     1 
ATOM   212  C CA    . LEU A 1 28  ? 3.824   -9.562  -10.380 1.00 16.70 ? 28  LEU A CA    1 
ATOM   213  C C     . LEU A 1 28  ? 5.142   -9.301  -9.657  1.00 16.89 ? 28  LEU A C     1 
ATOM   214  O O     . LEU A 1 28  ? 5.422   -9.921  -8.633  1.00 17.16 ? 28  LEU A O     1 
ATOM   215  C CB    . LEU A 1 28  ? 2.712   -8.695  -9.781  1.00 15.71 ? 28  LEU A CB    1 
ATOM   216  C CG    . LEU A 1 28  ? 1.330   -8.844  -10.422 1.00 16.62 ? 28  LEU A CG    1 
ATOM   217  C CD1   . LEU A 1 28  ? 0.356   -7.879  -9.757  1.00 17.02 ? 28  LEU A CD1   1 
ATOM   218  C CD2   . LEU A 1 28  ? 1.412   -8.559  -11.917 1.00 18.31 ? 28  LEU A CD2   1 
ATOM   219  N N     . ARG A 1 29  ? 5.948   -8.385  -10.187 1.00 15.28 ? 29  ARG A N     1 
ATOM   220  C CA    . ARG A 1 29  ? 7.243   -8.099  -9.582  1.00 16.02 ? 29  ARG A CA    1 
ATOM   221  C C     . ARG A 1 29  ? 7.519   -6.638  -9.247  1.00 14.09 ? 29  ARG A C     1 
ATOM   222  O O     . ARG A 1 29  ? 8.657   -6.173  -9.319  1.00 14.27 ? 29  ARG A O     1 
ATOM   223  C CB    . ARG A 1 29  ? 8.354   -8.664  -10.474 1.00 19.34 ? 29  ARG A CB    1 
ATOM   224  C CG    . ARG A 1 29  ? 8.404   -10.195 -10.471 1.00 24.23 ? 29  ARG A CG    1 
ATOM   225  C CD    . ARG A 1 29  ? 8.792   -10.719 -9.088  1.00 28.66 ? 29  ARG A CD    1 
ATOM   226  N NE    . ARG A 1 29  ? 8.809   -12.180 -9.001  1.00 32.79 ? 29  ARG A NE    1 
ATOM   227  C CZ    . ARG A 1 29  ? 7.724   -12.951 -8.982  1.00 33.95 ? 29  ARG A CZ    1 
ATOM   228  N NH1   . ARG A 1 29  ? 6.515   -12.410 -9.044  1.00 35.20 ? 29  ARG A NH1   1 
ATOM   229  N NH2   . ARG A 1 29  ? 7.848   -14.268 -8.898  1.00 36.52 ? 29  ARG A NH2   1 
ATOM   230  N N     . THR A 1 30  ? 6.469   -5.916  -8.875  1.00 12.91 ? 30  THR A N     1 
ATOM   231  C CA    . THR A 1 30  ? 6.602   -4.521  -8.477  1.00 12.16 ? 30  THR A CA    1 
ATOM   232  C C     . THR A 1 30  ? 5.583   -4.293  -7.375  1.00 9.15  ? 30  THR A C     1 
ATOM   233  O O     . THR A 1 30  ? 4.648   -5.075  -7.230  1.00 9.25  ? 30  THR A O     1 
ATOM   234  C CB    . THR A 1 30  ? 6.289   -3.549  -9.633  1.00 15.32 ? 30  THR A CB    1 
ATOM   235  O OG1   . THR A 1 30  ? 6.569   -2.208  -9.213  1.00 18.90 ? 30  THR A OG1   1 
ATOM   236  C CG2   . THR A 1 30  ? 4.823   -3.638  -10.025 1.00 16.80 ? 30  THR A CG2   1 
ATOM   237  N N     . PHE A 1 31  ? 5.771   -3.242  -6.584  1.00 7.81  ? 31  PHE A N     1 
ATOM   238  C CA    . PHE A 1 31  ? 4.819   -2.932  -5.528  1.00 7.19  ? 31  PHE A CA    1 
ATOM   239  C C     . PHE A 1 31  ? 3.572   -2.336  -6.158  1.00 6.77  ? 31  PHE A C     1 
ATOM   240  O O     . PHE A 1 31  ? 3.664   -1.495  -7.052  1.00 8.97  ? 31  PHE A O     1 
ATOM   241  C CB    . PHE A 1 31  ? 5.391   -1.910  -4.545  1.00 8.80  ? 31  PHE A CB    1 
ATOM   242  C CG    . PHE A 1 31  ? 6.183   -2.517  -3.423  1.00 9.73  ? 31  PHE A CG    1 
ATOM   243  C CD1   . PHE A 1 31  ? 7.526   -2.836  -3.588  1.00 12.85 ? 31  PHE A CD1   1 
ATOM   244  C CD2   . PHE A 1 31  ? 5.582   -2.762  -2.190  1.00 11.49 ? 31  PHE A CD2   1 
ATOM   245  C CE1   . PHE A 1 31  ? 8.261   -3.388  -2.539  1.00 11.87 ? 31  PHE A CE1   1 
ATOM   246  C CE2   . PHE A 1 31  ? 6.309   -3.316  -1.137  1.00 10.94 ? 31  PHE A CE2   1 
ATOM   247  C CZ    . PHE A 1 31  ? 7.649   -3.627  -1.314  1.00 10.87 ? 31  PHE A CZ    1 
ATOM   248  N N     . THR A 1 32  ? 2.405   -2.767  -5.692  1.00 6.03  ? 32  THR A N     1 
ATOM   249  C CA    . THR A 1 32  ? 1.156   -2.235  -6.210  1.00 7.13  ? 32  THR A CA    1 
ATOM   250  C C     . THR A 1 32  ? 0.361   -1.592  -5.076  1.00 6.87  ? 32  THR A C     1 
ATOM   251  O O     . THR A 1 32  ? 0.666   -1.778  -3.899  1.00 7.60  ? 32  THR A O     1 
ATOM   252  C CB    . THR A 1 32  ? 0.323   -3.337  -6.883  1.00 8.90  ? 32  THR A CB    1 
ATOM   253  O OG1   . THR A 1 32  ? 0.076   -4.395  -5.950  1.00 9.98  ? 32  THR A OG1   1 
ATOM   254  C CG2   . THR A 1 32  ? 1.075   -3.899  -8.096  1.00 9.53  ? 32  THR A CG2   1 
ATOM   255  N N     . ILE A 1 33  ? -0.660  -0.825  -5.426  1.00 6.44  ? 33  ILE A N     1 
ATOM   256  C CA    . ILE A 1 33  ? -1.450  -0.156  -4.406  1.00 6.30  ? 33  ILE A CA    1 
ATOM   257  C C     . ILE A 1 33  ? -2.425  -1.083  -3.697  1.00 8.04  ? 33  ILE A C     1 
ATOM   258  O O     . ILE A 1 33  ? -3.112  -1.881  -4.341  1.00 9.27  ? 33  ILE A O     1 
ATOM   259  C CB    . ILE A 1 33  ? -2.266  1.001   -5.023  1.00 6.52  ? 33  ILE A CB    1 
ATOM   260  C CG1   . ILE A 1 33  ? -1.318  2.017   -5.661  1.00 5.11  ? 33  ILE A CG1   1 
ATOM   261  C CG2   . ILE A 1 33  ? -3.135  1.660   -3.956  1.00 8.20  ? 33  ILE A CG2   1 
ATOM   262  C CD1   . ILE A 1 33  ? -2.028  3.068   -6.507  1.00 8.28  ? 33  ILE A CD1   1 
ATOM   263  N N     . HIS A 1 34  ? -2.458  -1.003  -2.370  1.00 6.91  ? 34  HIS A N     1 
ATOM   264  C CA    . HIS A 1 34  ? -3.431  -1.775  -1.611  1.00 8.33  ? 34  HIS A CA    1 
ATOM   265  C C     . HIS A 1 34  ? -4.539  -0.758  -1.334  1.00 10.01 ? 34  HIS A C     1 
ATOM   266  O O     . HIS A 1 34  ? -5.701  -0.977  -1.673  1.00 10.24 ? 34  HIS A O     1 
ATOM   267  C CB    . HIS A 1 34  ? -2.847  -2.298  -0.294  1.00 10.31 ? 34  HIS A CB    1 
ATOM   268  C CG    . HIS A 1 34  ? -3.835  -3.059  0.540   1.00 13.22 ? 34  HIS A CG    1 
ATOM   269  N ND1   . HIS A 1 34  ? -3.460  -3.851  1.605   1.00 15.35 ? 34  HIS A ND1   1 
ATOM   270  C CD2   . HIS A 1 34  ? -5.186  -3.146  0.465   1.00 15.08 ? 34  HIS A CD2   1 
ATOM   271  C CE1   . HIS A 1 34  ? -4.535  -4.396  2.146   1.00 15.70 ? 34  HIS A CE1   1 
ATOM   272  N NE2   . HIS A 1 34  ? -5.595  -3.985  1.474   1.00 16.02 ? 34  HIS A NE2   1 
ATOM   273  N N     . GLY A 1 35  ? -4.168  0.375   -0.743  1.00 8.96  ? 35  GLY A N     1 
ATOM   274  C CA    . GLY A 1 35  ? -5.168  1.393   -0.470  1.00 9.44  ? 35  GLY A CA    1 
ATOM   275  C C     . GLY A 1 35  ? -4.636  2.690   0.099   1.00 9.70  ? 35  GLY A C     1 
ATOM   276  O O     . GLY A 1 35  ? -3.451  2.821   0.399   1.00 8.40  ? 35  GLY A O     1 
ATOM   277  N N     . LEU A 1 36  ? -5.537  3.657   0.223   1.00 7.30  ? 36  LEU A N     1 
ATOM   278  C CA    . LEU A 1 36  ? -5.235  4.975   0.776   1.00 7.90  ? 36  LEU A CA    1 
ATOM   279  C C     . LEU A 1 36  ? -6.234  5.078   1.928   1.00 9.17  ? 36  LEU A C     1 
ATOM   280  O O     . LEU A 1 36  ? -7.430  5.292   1.712   1.00 10.21 ? 36  LEU A O     1 
ATOM   281  C CB    . LEU A 1 36  ? -5.494  6.053   -0.278  1.00 8.25  ? 36  LEU A CB    1 
ATOM   282  C CG    . LEU A 1 36  ? -5.271  7.510   0.123   1.00 9.24  ? 36  LEU A CG    1 
ATOM   283  C CD1   . LEU A 1 36  ? -3.876  7.681   0.700   1.00 11.33 ? 36  LEU A CD1   1 
ATOM   284  C CD2   . LEU A 1 36  ? -5.470  8.406   -1.102  1.00 12.39 ? 36  LEU A CD2   1 
ATOM   285  N N     . TRP A 1 37  ? -5.739  4.907   3.149   1.00 9.11  ? 37  TRP A N     1 
ATOM   286  C CA    . TRP A 1 37  ? -6.604  4.895   4.323   1.00 9.98  ? 37  TRP A CA    1 
ATOM   287  C C     . TRP A 1 37  ? -6.571  6.128   5.215   1.00 10.30 ? 37  TRP A C     1 
ATOM   288  O O     . TRP A 1 37  ? -5.544  6.437   5.826   1.00 8.62  ? 37  TRP A O     1 
ATOM   289  C CB    . TRP A 1 37  ? -6.269  3.671   5.185   1.00 11.49 ? 37  TRP A CB    1 
ATOM   290  C CG    . TRP A 1 37  ? -6.130  2.381   4.421   1.00 11.37 ? 37  TRP A CG    1 
ATOM   291  C CD1   . TRP A 1 37  ? -6.677  2.081   3.203   1.00 11.98 ? 37  TRP A CD1   1 
ATOM   292  C CD2   . TRP A 1 37  ? -5.430  1.204   4.846   1.00 13.41 ? 37  TRP A CD2   1 
ATOM   293  N NE1   . TRP A 1 37  ? -6.362  0.791   2.846   1.00 12.84 ? 37  TRP A NE1   1 
ATOM   294  C CE2   . TRP A 1 37  ? -5.599  0.229   3.835   1.00 13.33 ? 37  TRP A CE2   1 
ATOM   295  C CE3   . TRP A 1 37  ? -4.680  0.874   5.984   1.00 14.10 ? 37  TRP A CE3   1 
ATOM   296  C CZ2   . TRP A 1 37  ? -5.045  -1.052  3.928   1.00 15.34 ? 37  TRP A CZ2   1 
ATOM   297  C CZ3   . TRP A 1 37  ? -4.129  -0.403  6.076   1.00 15.25 ? 37  TRP A CZ3   1 
ATOM   298  C CH2   . TRP A 1 37  ? -4.316  -1.348  5.051   1.00 15.50 ? 37  TRP A CH2   1 
ATOM   299  N N     . PRO A 1 38  ? -7.703  6.847   5.312   1.00 10.32 ? 38  PRO A N     1 
ATOM   300  C CA    . PRO A 1 38  ? -7.730  8.036   6.168   1.00 11.55 ? 38  PRO A CA    1 
ATOM   301  C C     . PRO A 1 38  ? -7.519  7.581   7.610   1.00 12.22 ? 38  PRO A C     1 
ATOM   302  O O     . PRO A 1 38  ? -7.979  6.502   7.991   1.00 13.48 ? 38  PRO A O     1 
ATOM   303  C CB    . PRO A 1 38  ? -9.140  8.589   5.954   1.00 12.43 ? 38  PRO A CB    1 
ATOM   304  C CG    . PRO A 1 38  ? -9.494  8.120   4.574   1.00 13.53 ? 38  PRO A CG    1 
ATOM   305  C CD    . PRO A 1 38  ? -8.963  6.711   4.562   1.00 10.95 ? 38  PRO A CD    1 
ATOM   306  N N     . GLN A 1 39  ? -6.836  8.400   8.405   1.00 13.63 ? 39  GLN A N     1 
ATOM   307  C CA    . GLN A 1 39  ? -6.560  8.074   9.801   1.00 16.23 ? 39  GLN A CA    1 
ATOM   308  C C     . GLN A 1 39  ? -7.115  9.149   10.728  1.00 18.06 ? 39  GLN A C     1 
ATOM   309  O O     . GLN A 1 39  ? -7.313  10.290  10.321  1.00 16.32 ? 39  GLN A O     1 
ATOM   310  C CB    . GLN A 1 39  ? -5.051  7.970   10.030  1.00 16.85 ? 39  GLN A CB    1 
ATOM   311  C CG    . GLN A 1 39  ? -4.346  6.959   9.145   1.00 15.74 ? 39  GLN A CG    1 
ATOM   312  C CD    . GLN A 1 39  ? -4.683  5.530   9.509   1.00 16.92 ? 39  GLN A CD    1 
ATOM   313  O OE1   . GLN A 1 39  ? -4.464  5.100   10.641  1.00 19.73 ? 39  GLN A OE1   1 
ATOM   314  N NE2   . GLN A 1 39  ? -5.217  4.782   8.550   1.00 16.82 ? 39  GLN A NE2   1 
ATOM   315  N N     . GLN A 1 40  ? -7.357  8.774   11.980  1.00 21.25 ? 40  GLN A N     1 
ATOM   316  C CA    . GLN A 1 40  ? -7.865  9.710   12.974  1.00 26.13 ? 40  GLN A CA    1 
ATOM   317  C C     . GLN A 1 40  ? -7.390  9.306   14.363  1.00 27.81 ? 40  GLN A C     1 
ATOM   318  O O     . GLN A 1 40  ? -7.813  8.283   14.896  1.00 29.18 ? 40  GLN A O     1 
ATOM   319  C CB    . GLN A 1 40  ? -9.394  9.747   12.949  1.00 28.57 ? 40  GLN A CB    1 
ATOM   320  C CG    . GLN A 1 40  ? -10.007 10.663  14.002  1.00 33.96 ? 40  GLN A CG    1 
ATOM   321  C CD    . GLN A 1 40  ? -9.622  12.117  13.810  1.00 35.65 ? 40  GLN A CD    1 
ATOM   322  O OE1   . GLN A 1 40  ? -9.962  12.733  12.801  1.00 38.78 ? 40  GLN A OE1   1 
ATOM   323  N NE2   . GLN A 1 40  ? -8.908  12.674  14.783  1.00 38.53 ? 40  GLN A NE2   1 
ATOM   324  N N     . SER A 1 41  ? -6.496  10.107  14.931  1.00 30.60 ? 41  SER A N     1 
ATOM   325  C CA    . SER A 1 41  ? -5.962  9.854   16.266  1.00 33.41 ? 41  SER A CA    1 
ATOM   326  C C     . SER A 1 41  ? -5.258  8.508   16.409  1.00 34.34 ? 41  SER A C     1 
ATOM   327  O O     . SER A 1 41  ? -5.338  7.870   17.459  1.00 35.62 ? 41  SER A O     1 
ATOM   328  C CB    . SER A 1 41  ? -7.084  9.953   17.303  1.00 33.93 ? 41  SER A CB    1 
ATOM   329  O OG    . SER A 1 41  ? -7.683  11.236  17.278  1.00 36.84 ? 41  SER A OG    1 
ATOM   330  N N     . GLY A 1 42  ? -4.577  8.074   15.355  1.00 33.82 ? 42  GLY A N     1 
ATOM   331  C CA    . GLY A 1 42  ? -3.856  6.815   15.416  1.00 34.32 ? 42  GLY A CA    1 
ATOM   332  C C     . GLY A 1 42  ? -4.621  5.573   15.002  1.00 34.11 ? 42  GLY A C     1 
ATOM   333  O O     . GLY A 1 42  ? -4.145  4.457   15.202  1.00 34.94 ? 42  GLY A O     1 
ATOM   334  N N     . THR A 1 43  ? -5.804  5.753   14.427  1.00 32.96 ? 43  THR A N     1 
ATOM   335  C CA    . THR A 1 43  ? -6.604  4.614   13.991  1.00 32.93 ? 43  THR A CA    1 
ATOM   336  C C     . THR A 1 43  ? -7.228  4.877   12.626  1.00 31.32 ? 43  THR A C     1 
ATOM   337  O O     . THR A 1 43  ? -7.473  6.025   12.255  1.00 30.37 ? 43  THR A O     1 
ATOM   338  C CB    . THR A 1 43  ? -7.727  4.299   14.999  1.00 33.65 ? 43  THR A CB    1 
ATOM   339  O OG1   . THR A 1 43  ? -8.453  3.146   14.557  1.00 37.44 ? 43  THR A OG1   1 
ATOM   340  C CG2   . THR A 1 43  ? -8.681  5.474   15.119  1.00 35.32 ? 43  THR A CG2   1 
ATOM   341  N N     . SER A 1 44  ? -7.482  3.804   11.883  1.00 29.41 ? 44  SER A N     1 
ATOM   342  C CA    . SER A 1 44  ? -8.077  3.912   10.557  1.00 28.16 ? 44  SER A CA    1 
ATOM   343  C C     . SER A 1 44  ? -9.579  4.152   10.628  1.00 27.32 ? 44  SER A C     1 
ATOM   344  O O     . SER A 1 44  ? -10.296 3.437   11.328  1.00 27.71 ? 44  SER A O     1 
ATOM   345  C CB    . SER A 1 44  ? -7.818  2.634   9.752   1.00 29.50 ? 44  SER A CB    1 
ATOM   346  O OG    . SER A 1 44  ? -6.433  2.423   9.537   1.00 32.15 ? 44  SER A OG    1 
ATOM   347  N N     . LEU A 1 45  ? -10.048 5.163   9.905   1.00 24.42 ? 45  LEU A N     1 
ATOM   348  C CA    . LEU A 1 45  ? -11.473 5.472   9.855   1.00 23.53 ? 45  LEU A CA    1 
ATOM   349  C C     . LEU A 1 45  ? -12.034 4.608   8.735   1.00 23.39 ? 45  LEU A C     1 
ATOM   350  O O     . LEU A 1 45  ? -11.537 4.655   7.611   1.00 23.64 ? 45  LEU A O     1 
ATOM   351  C CB    . LEU A 1 45  ? -11.694 6.945   9.514   1.00 24.42 ? 45  LEU A CB    1 
ATOM   352  C CG    . LEU A 1 45  ? -11.229 7.990   10.527  1.00 26.62 ? 45  LEU A CG    1 
ATOM   353  C CD1   . LEU A 1 45  ? -11.377 9.386   9.931   1.00 27.04 ? 45  LEU A CD1   1 
ATOM   354  C CD2   . LEU A 1 45  ? -12.050 7.856   11.802  1.00 27.21 ? 45  LEU A CD2   1 
ATOM   355  N N     . THR A 1 46  ? -13.067 3.827   9.031   1.00 21.68 ? 46  THR A N     1 
ATOM   356  C CA    . THR A 1 46  ? -13.645 2.956   8.019   1.00 21.36 ? 46  THR A CA    1 
ATOM   357  C C     . THR A 1 46  ? -15.166 2.971   7.973   1.00 21.89 ? 46  THR A C     1 
ATOM   358  O O     . THR A 1 46  ? -15.832 3.320   8.950   1.00 22.07 ? 46  THR A O     1 
ATOM   359  C CB    . THR A 1 46  ? -13.206 1.496   8.235   1.00 23.19 ? 46  THR A CB    1 
ATOM   360  O OG1   . THR A 1 46  ? -13.696 1.036   9.500   1.00 24.31 ? 46  THR A OG1   1 
ATOM   361  C CG2   . THR A 1 46  ? -11.687 1.382   8.221   1.00 22.64 ? 46  THR A CG2   1 
ATOM   362  N N     . ASN A 1 47  ? -15.699 2.597   6.814   1.00 21.19 ? 47  ASN A N     1 
ATOM   363  C CA    . ASN A 1 47  ? -17.135 2.503   6.594   1.00 22.45 ? 47  ASN A CA    1 
ATOM   364  C C     . ASN A 1 47  ? -17.940 3.764   6.890   1.00 22.23 ? 47  ASN A C     1 
ATOM   365  O O     . ASN A 1 47  ? -19.006 3.694   7.506   1.00 22.53 ? 47  ASN A O     1 
ATOM   366  C CB    . ASN A 1 47  ? -17.690 1.337   7.414   1.00 24.44 ? 47  ASN A CB    1 
ATOM   367  C CG    . ASN A 1 47  ? -17.005 0.024   7.086   1.00 27.27 ? 47  ASN A CG    1 
ATOM   368  O OD1   . ASN A 1 47  ? -17.017 -0.422  5.939   1.00 27.83 ? 47  ASN A OD1   1 
ATOM   369  N ND2   . ASN A 1 47  ? -16.399 -0.597  8.090   1.00 29.82 ? 47  ASN A ND2   1 
ATOM   370  N N     . CYS A 1 48  ? -17.444 4.913   6.442   1.00 20.04 ? 48  CYS A N     1 
ATOM   371  C CA    . CYS A 1 48  ? -18.154 6.167   6.661   1.00 20.06 ? 48  CYS A CA    1 
ATOM   372  C C     . CYS A 1 48  ? -19.284 6.310   5.658   1.00 20.23 ? 48  CYS A C     1 
ATOM   373  O O     . CYS A 1 48  ? -19.170 5.874   4.512   1.00 19.80 ? 48  CYS A O     1 
ATOM   374  C CB    . CYS A 1 48  ? -17.206 7.361   6.513   1.00 19.55 ? 48  CYS A CB    1 
ATOM   375  S SG    . CYS A 1 48  ? -15.848 7.357   7.718   1.00 19.95 ? 48  CYS A SG    1 
ATOM   376  N N     . PRO A 1 49  ? -20.409 6.903   6.084   1.00 19.80 ? 49  PRO A N     1 
ATOM   377  C CA    . PRO A 1 49  ? -21.506 7.063   5.133   1.00 19.81 ? 49  PRO A CA    1 
ATOM   378  C C     . PRO A 1 49  ? -20.994 7.976   4.026   1.00 20.32 ? 49  PRO A C     1 
ATOM   379  O O     . PRO A 1 49  ? -20.368 8.998   4.304   1.00 21.44 ? 49  PRO A O     1 
ATOM   380  C CB    . PRO A 1 49  ? -22.594 7.724   5.975   1.00 21.14 ? 49  PRO A CB    1 
ATOM   381  C CG    . PRO A 1 49  ? -22.348 7.143   7.336   1.00 21.09 ? 49  PRO A CG    1 
ATOM   382  C CD    . PRO A 1 49  ? -20.841 7.236   7.451   1.00 20.78 ? 49  PRO A CD    1 
ATOM   383  N N     . GLY A 1 50  ? -21.238 7.601   2.777   1.00 19.73 ? 50  GLY A N     1 
ATOM   384  C CA    . GLY A 1 50  ? -20.775 8.415   1.672   1.00 20.50 ? 50  GLY A CA    1 
ATOM   385  C C     . GLY A 1 50  ? -21.398 7.980   0.366   1.00 21.46 ? 50  GLY A C     1 
ATOM   386  O O     . GLY A 1 50  ? -22.288 7.130   0.349   1.00 22.63 ? 50  GLY A O     1 
ATOM   387  N N     . SER A 1 51  ? -20.927 8.554   -0.735  1.00 21.49 ? 51  SER A N     1 
ATOM   388  C CA    . SER A 1 51  ? -21.463 8.229   -2.049  1.00 21.94 ? 51  SER A CA    1 
ATOM   389  C C     . SER A 1 51  ? -21.074 6.827   -2.495  1.00 22.00 ? 51  SER A C     1 
ATOM   390  O O     . SER A 1 51  ? -20.006 6.321   -2.145  1.00 20.48 ? 51  SER A O     1 
ATOM   391  C CB    . SER A 1 51  ? -20.967 9.241   -3.083  1.00 23.52 ? 51  SER A CB    1 
ATOM   392  O OG    . SER A 1 51  ? -19.570 9.111   -3.274  1.00 29.39 ? 51  SER A OG    1 
ATOM   393  N N     . PRO A 1 52  ? -21.953 6.169   -3.263  1.00 21.80 ? 52  PRO A N     1 
ATOM   394  C CA    . PRO A 1 52  ? -21.681 4.817   -3.755  1.00 22.14 ? 52  PRO A CA    1 
ATOM   395  C C     . PRO A 1 52  ? -20.554 4.895   -4.781  1.00 20.61 ? 52  PRO A C     1 
ATOM   396  O O     . PRO A 1 52  ? -20.356 5.933   -5.407  1.00 20.88 ? 52  PRO A O     1 
ATOM   397  C CB    . PRO A 1 52  ? -23.004 4.409   -4.403  1.00 22.73 ? 52  PRO A CB    1 
ATOM   398  C CG    . PRO A 1 52  ? -24.027 5.245   -3.673  1.00 23.98 ? 52  PRO A CG    1 
ATOM   399  C CD    . PRO A 1 52  ? -23.333 6.573   -3.582  1.00 23.50 ? 52  PRO A CD    1 
ATOM   400  N N     . PHE A 1 53  ? -19.817 3.803   -4.948  1.00 20.24 ? 53  PHE A N     1 
ATOM   401  C CA    . PHE A 1 53  ? -18.732 3.771   -5.921  1.00 18.85 ? 53  PHE A CA    1 
ATOM   402  C C     . PHE A 1 53  ? -19.325 3.960   -7.315  1.00 19.11 ? 53  PHE A C     1 
ATOM   403  O O     . PHE A 1 53  ? -20.321 3.324   -7.659  1.00 20.39 ? 53  PHE A O     1 
ATOM   404  C CB    . PHE A 1 53  ? -18.003 2.430   -5.849  1.00 19.43 ? 53  PHE A CB    1 
ATOM   405  C CG    . PHE A 1 53  ? -16.885 2.293   -6.844  1.00 19.94 ? 53  PHE A CG    1 
ATOM   406  C CD1   . PHE A 1 53  ? -15.737 3.071   -6.736  1.00 20.09 ? 53  PHE A CD1   1 
ATOM   407  C CD2   . PHE A 1 53  ? -16.979 1.378   -7.889  1.00 20.87 ? 53  PHE A CD2   1 
ATOM   408  C CE1   . PHE A 1 53  ? -14.696 2.938   -7.652  1.00 20.78 ? 53  PHE A CE1   1 
ATOM   409  C CE2   . PHE A 1 53  ? -15.943 1.238   -8.811  1.00 20.76 ? 53  PHE A CE2   1 
ATOM   410  C CZ    . PHE A 1 53  ? -14.798 2.020   -8.692  1.00 19.57 ? 53  PHE A CZ    1 
ATOM   411  N N     . ASP A 1 54  ? -18.720 4.836   -8.109  1.00 17.44 ? 54  ASP A N     1 
ATOM   412  C CA    . ASP A 1 54  ? -19.194 5.107   -9.466  1.00 17.89 ? 54  ASP A CA    1 
ATOM   413  C C     . ASP A 1 54  ? -18.021 5.049   -10.440 1.00 17.29 ? 54  ASP A C     1 
ATOM   414  O O     . ASP A 1 54  ? -17.200 5.965   -10.491 1.00 15.65 ? 54  ASP A O     1 
ATOM   415  C CB    . ASP A 1 54  ? -19.844 6.490   -9.534  1.00 19.62 ? 54  ASP A CB    1 
ATOM   416  C CG    . ASP A 1 54  ? -20.456 6.782   -10.892 1.00 23.02 ? 54  ASP A CG    1 
ATOM   417  O OD1   . ASP A 1 54  ? -20.247 5.982   -11.828 1.00 22.86 ? 54  ASP A OD1   1 
ATOM   418  O OD2   . ASP A 1 54  ? -21.144 7.816   -11.021 1.00 24.88 ? 54  ASP A OD2   1 
ATOM   419  N N     . ILE A 1 55  ? -17.956 3.974   -11.215 1.00 18.36 ? 55  ILE A N     1 
ATOM   420  C CA    . ILE A 1 55  ? -16.874 3.772   -12.172 1.00 18.35 ? 55  ILE A CA    1 
ATOM   421  C C     . ILE A 1 55  ? -16.708 4.895   -13.197 1.00 19.66 ? 55  ILE A C     1 
ATOM   422  O O     . ILE A 1 55  ? -15.594 5.164   -13.646 1.00 18.89 ? 55  ILE A O     1 
ATOM   423  C CB    . ILE A 1 55  ? -17.057 2.432   -12.928 1.00 19.89 ? 55  ILE A CB    1 
ATOM   424  C CG1   . ILE A 1 55  ? -15.804 2.111   -13.746 1.00 20.62 ? 55  ILE A CG1   1 
ATOM   425  C CG2   . ILE A 1 55  ? -18.276 2.509   -13.838 1.00 21.70 ? 55  ILE A CG2   1 
ATOM   426  C CD1   . ILE A 1 55  ? -14.571 1.861   -12.902 1.00 21.40 ? 55  ILE A CD1   1 
ATOM   427  N N     . THR A 1 56  ? -17.800 5.562   -13.562 1.00 19.25 ? 56  THR A N     1 
ATOM   428  C CA    . THR A 1 56  ? -17.715 6.627   -14.557 1.00 20.67 ? 56  THR A CA    1 
ATOM   429  C C     . THR A 1 56  ? -16.901 7.830   -14.096 1.00 20.09 ? 56  THR A C     1 
ATOM   430  O O     . THR A 1 56  ? -16.399 8.596   -14.917 1.00 21.35 ? 56  THR A O     1 
ATOM   431  C CB    . THR A 1 56  ? -19.115 7.121   -14.983 1.00 21.80 ? 56  THR A CB    1 
ATOM   432  O OG1   . THR A 1 56  ? -19.722 7.846   -13.906 1.00 25.22 ? 56  THR A OG1   1 
ATOM   433  C CG2   . THR A 1 56  ? -19.997 5.941   -15.360 1.00 23.21 ? 56  THR A CG2   1 
ATOM   434  N N     . LYS A 1 57  ? -16.761 7.993   -12.785 1.00 19.05 ? 57  LYS A N     1 
ATOM   435  C CA    . LYS A 1 57  ? -16.013 9.121   -12.244 1.00 19.59 ? 57  LYS A CA    1 
ATOM   436  C C     . LYS A 1 57  ? -14.504 8.955   -12.393 1.00 17.96 ? 57  LYS A C     1 
ATOM   437  O O     . LYS A 1 57  ? -13.755 9.931   -12.315 1.00 18.26 ? 57  LYS A O     1 
ATOM   438  C CB    . LYS A 1 57  ? -16.377 9.336   -10.772 1.00 21.94 ? 57  LYS A CB    1 
ATOM   439  C CG    . LYS A 1 57  ? -17.825 9.754   -10.562 1.00 24.42 ? 57  LYS A CG    1 
ATOM   440  C CD    . LYS A 1 57  ? -18.133 9.974   -9.089  1.00 29.18 ? 57  LYS A CD    1 
ATOM   441  C CE    . LYS A 1 57  ? -19.596 10.347  -8.876  1.00 30.80 ? 57  LYS A CE    1 
ATOM   442  N NZ    . LYS A 1 57  ? -19.916 10.525  -7.432  1.00 32.14 ? 57  LYS A NZ    1 
ATOM   443  N N     . ILE A 1 58  ? -14.061 7.723   -12.622 1.00 17.07 ? 58  ILE A N     1 
ATOM   444  C CA    . ILE A 1 58  ? -12.637 7.452   -12.792 1.00 16.23 ? 58  ILE A CA    1 
ATOM   445  C C     . ILE A 1 58  ? -12.349 6.742   -14.115 1.00 16.59 ? 58  ILE A C     1 
ATOM   446  O O     . ILE A 1 58  ? -11.304 6.112   -14.274 1.00 15.66 ? 58  ILE A O     1 
ATOM   447  C CB    . ILE A 1 58  ? -12.091 6.584   -11.631 1.00 16.69 ? 58  ILE A CB    1 
ATOM   448  C CG1   . ILE A 1 58  ? -12.852 5.255   -11.562 1.00 16.96 ? 58  ILE A CG1   1 
ATOM   449  C CG2   . ILE A 1 58  ? -12.211 7.344   -10.318 1.00 15.64 ? 58  ILE A CG2   1 
ATOM   450  C CD1   . ILE A 1 58  ? -12.273 4.261   -10.554 1.00 20.30 ? 58  ILE A CD1   1 
ATOM   451  N N     . SER A 1 59  ? -13.262 6.862   -15.076 1.00 16.30 ? 59  SER A N     1 
ATOM   452  C CA    . SER A 1 59  ? -13.089 6.196   -16.366 1.00 17.39 ? 59  SER A CA    1 
ATOM   453  C C     . SER A 1 59  ? -11.785 6.566   -17.064 1.00 16.77 ? 59  SER A C     1 
ATOM   454  O O     . SER A 1 59  ? -11.195 5.744   -17.766 1.00 17.85 ? 59  SER A O     1 
ATOM   455  C CB    . SER A 1 59  ? -14.269 6.519   -17.288 1.00 17.52 ? 59  SER A CB    1 
ATOM   456  O OG    . SER A 1 59  ? -14.294 7.896   -17.613 1.00 20.51 ? 59  SER A OG    1 
ATOM   457  N N     . HIS A 1 60  ? -11.332 7.798   -16.865 1.00 15.45 ? 60  HIS A N     1 
ATOM   458  C CA    . HIS A 1 60  ? -10.102 8.268   -17.491 1.00 16.58 ? 60  HIS A CA    1 
ATOM   459  C C     . HIS A 1 60  ? -8.837  7.667   -16.875 1.00 17.06 ? 60  HIS A C     1 
ATOM   460  O O     . HIS A 1 60  ? -7.754  7.772   -17.451 1.00 17.87 ? 60  HIS A O     1 
ATOM   461  C CB    . HIS A 1 60  ? -10.031 9.798   -17.420 1.00 18.02 ? 60  HIS A CB    1 
ATOM   462  C CG    . HIS A 1 60  ? -10.134 10.349  -16.030 1.00 17.71 ? 60  HIS A CG    1 
ATOM   463  N ND1   . HIS A 1 60  ? -11.227 10.126  -15.219 1.00 19.45 ? 60  HIS A ND1   1 
ATOM   464  C CD2   . HIS A 1 60  ? -9.286  11.122  -15.312 1.00 18.46 ? 60  HIS A CD2   1 
ATOM   465  C CE1   . HIS A 1 60  ? -11.048 10.741  -14.064 1.00 19.11 ? 60  HIS A CE1   1 
ATOM   466  N NE2   . HIS A 1 60  ? -9.877  11.353  -14.093 1.00 19.15 ? 60  HIS A NE2   1 
ATOM   467  N N     . LEU A 1 61  ? -8.980  7.026   -15.720 1.00 15.27 ? 61  LEU A N     1 
ATOM   468  C CA    . LEU A 1 61  ? -7.837  6.432   -15.029 1.00 14.90 ? 61  LEU A CA    1 
ATOM   469  C C     . LEU A 1 61  ? -7.781  4.909   -15.131 1.00 15.15 ? 61  LEU A C     1 
ATOM   470  O O     . LEU A 1 61  ? -6.900  4.285   -14.536 1.00 14.17 ? 61  LEU A O     1 
ATOM   471  C CB    . LEU A 1 61  ? -7.876  6.809   -13.544 1.00 15.19 ? 61  LEU A CB    1 
ATOM   472  C CG    . LEU A 1 61  ? -7.961  8.286   -13.147 1.00 16.31 ? 61  LEU A CG    1 
ATOM   473  C CD1   . LEU A 1 61  ? -8.273  8.394   -11.658 1.00 18.58 ? 61  LEU A CD1   1 
ATOM   474  C CD2   . LEU A 1 61  ? -6.658  8.991   -13.477 1.00 18.24 ? 61  LEU A CD2   1 
ATOM   475  N N     . GLN A 1 62  ? -8.696  4.301   -15.880 1.00 13.74 ? 62  GLN A N     1 
ATOM   476  C CA    . GLN A 1 62  ? -8.722  2.845   -15.962 1.00 14.79 ? 62  GLN A CA    1 
ATOM   477  C C     . GLN A 1 62  ? -7.419  2.158   -16.352 1.00 14.77 ? 62  GLN A C     1 
ATOM   478  O O     . GLN A 1 62  ? -7.126  1.082   -15.844 1.00 15.03 ? 62  GLN A O     1 
ATOM   479  C CB    . GLN A 1 62  ? -9.856  2.367   -16.879 1.00 16.61 ? 62  GLN A CB    1 
ATOM   480  C CG    . GLN A 1 62  ? -9.839  2.928   -18.278 1.00 21.03 ? 62  GLN A CG    1 
ATOM   481  C CD    . GLN A 1 62  ? -11.040 2.471   -19.079 1.00 21.99 ? 62  GLN A CD    1 
ATOM   482  O OE1   . GLN A 1 62  ? -11.101 1.326   -19.532 1.00 24.49 ? 62  GLN A OE1   1 
ATOM   483  N NE2   . GLN A 1 62  ? -12.013 3.358   -19.242 1.00 21.30 ? 62  GLN A NE2   1 
ATOM   484  N N     . SER A 1 63  ? -6.634  2.765   -17.234 1.00 14.13 ? 63  SER A N     1 
ATOM   485  C CA    . SER A 1 63  ? -5.369  2.155   -17.643 1.00 16.79 ? 63  SER A CA    1 
ATOM   486  C C     . SER A 1 63  ? -4.372  2.150   -16.487 1.00 15.24 ? 63  SER A C     1 
ATOM   487  O O     . SER A 1 63  ? -3.748  1.129   -16.190 1.00 14.32 ? 63  SER A O     1 
ATOM   488  C CB    . SER A 1 63  ? -4.763  2.915   -18.825 1.00 19.33 ? 63  SER A CB    1 
ATOM   489  O OG    . SER A 1 63  ? -3.546  2.319   -19.235 1.00 26.15 ? 63  SER A OG    1 
ATOM   490  N N     . GLN A 1 64  ? -4.233  3.298   -15.836 1.00 15.12 ? 64  GLN A N     1 
ATOM   491  C CA    . GLN A 1 64  ? -3.311  3.431   -14.714 1.00 16.38 ? 64  GLN A CA    1 
ATOM   492  C C     . GLN A 1 64  ? -3.734  2.579   -13.520 1.00 14.57 ? 64  GLN A C     1 
ATOM   493  O O     . GLN A 1 64  ? -2.890  1.998   -12.842 1.00 14.56 ? 64  GLN A O     1 
ATOM   494  C CB    . GLN A 1 64  ? -3.206  4.902   -14.310 1.00 20.09 ? 64  GLN A CB    1 
ATOM   495  C CG    . GLN A 1 64  ? -2.752  5.792   -15.460 1.00 26.80 ? 64  GLN A CG    1 
ATOM   496  C CD    . GLN A 1 64  ? -2.749  7.267   -15.111 1.00 30.33 ? 64  GLN A CD    1 
ATOM   497  O OE1   . GLN A 1 64  ? -2.526  8.117   -15.974 1.00 35.82 ? 64  GLN A OE1   1 
ATOM   498  N NE2   . GLN A 1 64  ? -2.992  7.579   -13.846 1.00 33.32 ? 64  GLN A NE2   1 
ATOM   499  N N     . LEU A 1 65  ? -5.038  2.495   -13.267 1.00 13.06 ? 65  LEU A N     1 
ATOM   500  C CA    . LEU A 1 65  ? -5.534  1.703   -12.144 1.00 11.61 ? 65  LEU A CA    1 
ATOM   501  C C     . LEU A 1 65  ? -5.369  0.206   -12.384 1.00 12.17 ? 65  LEU A C     1 
ATOM   502  O O     . LEU A 1 65  ? -5.045  -0.546  -11.465 1.00 10.33 ? 65  LEU A O     1 
ATOM   503  C CB    . LEU A 1 65  ? -7.006  2.027   -11.869 1.00 9.96  ? 65  LEU A CB    1 
ATOM   504  C CG    . LEU A 1 65  ? -7.274  3.417   -11.280 1.00 12.51 ? 65  LEU A CG    1 
ATOM   505  C CD1   . LEU A 1 65  ? -8.772  3.659   -11.193 1.00 13.70 ? 65  LEU A CD1   1 
ATOM   506  C CD2   . LEU A 1 65  ? -6.635  3.524   -9.894  1.00 13.35 ? 65  LEU A CD2   1 
ATOM   507  N N     . ASN A 1 66  ? -5.588  -0.240  -13.618 1.00 11.98 ? 66  ASN A N     1 
ATOM   508  C CA    . ASN A 1 66  ? -5.440  -1.660  -13.898 1.00 11.00 ? 66  ASN A CA    1 
ATOM   509  C C     . ASN A 1 66  ? -3.988  -2.108  -13.773 1.00 11.77 ? 66  ASN A C     1 
ATOM   510  O O     . ASN A 1 66  ? -3.717  -3.274  -13.487 1.00 14.48 ? 66  ASN A O     1 
ATOM   511  C CB    . ASN A 1 66  ? -5.983  -1.993  -15.291 1.00 13.77 ? 66  ASN A CB    1 
ATOM   512  C CG    . ASN A 1 66  ? -7.491  -2.167  -15.295 1.00 16.78 ? 66  ASN A CG    1 
ATOM   513  O OD1   . ASN A 1 66  ? -8.024  -3.036  -14.602 1.00 19.56 ? 66  ASN A OD1   1 
ATOM   514  N ND2   . ASN A 1 66  ? -8.186  -1.341  -16.067 1.00 20.04 ? 66  ASN A ND2   1 
ATOM   515  N N     . THR A 1 67  ? -3.058  -1.181  -13.975 1.00 11.65 ? 67  THR A N     1 
ATOM   516  C CA    . THR A 1 67  ? -1.638  -1.498  -13.881 1.00 12.49 ? 67  THR A CA    1 
ATOM   517  C C     . THR A 1 67  ? -1.095  -1.333  -12.461 1.00 11.46 ? 67  THR A C     1 
ATOM   518  O O     . THR A 1 67  ? -0.371  -2.193  -11.960 1.00 12.02 ? 67  THR A O     1 
ATOM   519  C CB    . THR A 1 67  ? -0.800  -0.587  -14.809 1.00 14.73 ? 67  THR A CB    1 
ATOM   520  O OG1   . THR A 1 67  ? -1.205  -0.782  -16.171 1.00 16.90 ? 67  THR A OG1   1 
ATOM   521  C CG2   . THR A 1 67  ? 0.682   -0.907  -14.677 1.00 17.13 ? 67  THR A CG2   1 
ATOM   522  N N     . LEU A 1 68  ? -1.457  -0.225  -11.822 1.00 9.89  ? 68  LEU A N     1 
ATOM   523  C CA    . LEU A 1 68  ? -0.967  0.088   -10.480 1.00 9.39  ? 68  LEU A CA    1 
ATOM   524  C C     . LEU A 1 68  ? -1.825  -0.371  -9.307  1.00 8.98  ? 68  LEU A C     1 
ATOM   525  O O     . LEU A 1 68  ? -1.324  -0.497  -8.194  1.00 8.78  ? 68  LEU A O     1 
ATOM   526  C CB    . LEU A 1 68  ? -0.740  1.599   -10.363 1.00 8.93  ? 68  LEU A CB    1 
ATOM   527  C CG    . LEU A 1 68  ? 0.186   2.219   -11.414 1.00 11.88 ? 68  LEU A CG    1 
ATOM   528  C CD1   . LEU A 1 68  ? 0.249   3.731   -11.220 1.00 12.95 ? 68  LEU A CD1   1 
ATOM   529  C CD2   . LEU A 1 68  ? 1.575   1.599   -11.306 1.00 13.58 ? 68  LEU A CD2   1 
ATOM   530  N N     . TRP A 1 69  ? -3.108  -0.628  -9.544  1.00 9.09  ? 69  TRP A N     1 
ATOM   531  C CA    . TRP A 1 69  ? -3.987  -1.043  -8.455  1.00 8.99  ? 69  TRP A CA    1 
ATOM   532  C C     . TRP A 1 69  ? -4.752  -2.324  -8.793  1.00 9.01  ? 69  TRP A C     1 
ATOM   533  O O     . TRP A 1 69  ? -5.975  -2.381  -8.668  1.00 10.29 ? 69  TRP A O     1 
ATOM   534  C CB    . TRP A 1 69  ? -4.981  0.087   -8.138  1.00 7.99  ? 69  TRP A CB    1 
ATOM   535  C CG    . TRP A 1 69  ? -5.572  0.054   -6.751  1.00 7.56  ? 69  TRP A CG    1 
ATOM   536  C CD1   . TRP A 1 69  ? -5.792  -1.048  -5.971  1.00 9.02  ? 69  TRP A CD1   1 
ATOM   537  C CD2   . TRP A 1 69  ? -6.055  1.178   -6.001  1.00 7.79  ? 69  TRP A CD2   1 
ATOM   538  N NE1   . TRP A 1 69  ? -6.384  -0.678  -4.783  1.00 9.56  ? 69  TRP A NE1   1 
ATOM   539  C CE2   . TRP A 1 69  ? -6.558  0.681   -4.777  1.00 7.92  ? 69  TRP A CE2   1 
ATOM   540  C CE3   . TRP A 1 69  ? -6.115  2.557   -6.248  1.00 8.84  ? 69  TRP A CE3   1 
ATOM   541  C CZ2   . TRP A 1 69  ? -7.113  1.519   -3.798  1.00 9.36  ? 69  TRP A CZ2   1 
ATOM   542  C CZ3   . TRP A 1 69  ? -6.668  3.390   -5.273  1.00 10.24 ? 69  TRP A CZ3   1 
ATOM   543  C CH2   . TRP A 1 69  ? -7.158  2.865   -4.065  1.00 9.17  ? 69  TRP A CH2   1 
ATOM   544  N N     . PRO A 1 70  ? -4.040  -3.376  -9.219  1.00 9.14  ? 70  PRO A N     1 
ATOM   545  C CA    . PRO A 1 70  ? -4.744  -4.616  -9.546  1.00 10.09 ? 70  PRO A CA    1 
ATOM   546  C C     . PRO A 1 70  ? -5.131  -5.379  -8.289  1.00 10.49 ? 70  PRO A C     1 
ATOM   547  O O     . PRO A 1 70  ? -4.556  -5.166  -7.219  1.00 9.83  ? 70  PRO A O     1 
ATOM   548  C CB    . PRO A 1 70  ? -3.711  -5.385  -10.364 1.00 10.75 ? 70  PRO A CB    1 
ATOM   549  C CG    . PRO A 1 70  ? -2.426  -5.018  -9.653  1.00 9.23  ? 70  PRO A CG    1 
ATOM   550  C CD    . PRO A 1 70  ? -2.590  -3.513  -9.456  1.00 9.31  ? 70  PRO A CD    1 
ATOM   551  N N     . ASN A 1 71  ? -6.126  -6.252  -8.416  1.00 10.56 ? 71  ASN A N     1 
ATOM   552  C CA    . ASN A 1 71  ? -6.534  -7.093  -7.302  1.00 12.28 ? 71  ASN A CA    1 
ATOM   553  C C     . ASN A 1 71  ? -5.530  -8.237  -7.434  1.00 13.39 ? 71  ASN A C     1 
ATOM   554  O O     . ASN A 1 71  ? -5.506  -8.921  -8.454  1.00 16.22 ? 71  ASN A O     1 
ATOM   555  C CB    . ASN A 1 71  ? -7.955  -7.627  -7.518  1.00 13.04 ? 71  ASN A CB    1 
ATOM   556  C CG    . ASN A 1 71  ? -8.501  -8.340  -6.296  1.00 12.68 ? 71  ASN A CG    1 
ATOM   557  O OD1   . ASN A 1 71  ? -7.744  -8.867  -5.479  1.00 14.66 ? 71  ASN A OD1   1 
ATOM   558  N ND2   . ASN A 1 71  ? -9.825  -8.375  -6.172  1.00 13.81 ? 71  ASN A ND2   1 
ATOM   559  N N     . VAL A 1 72  ? -4.685  -8.440  -6.431  1.00 13.01 ? 72  VAL A N     1 
ATOM   560  C CA    . VAL A 1 72  ? -3.687  -9.500  -6.527  1.00 13.08 ? 72  VAL A CA    1 
ATOM   561  C C     . VAL A 1 72  ? -4.174  -10.840 -6.002  1.00 14.83 ? 72  VAL A C     1 
ATOM   562  O O     . VAL A 1 72  ? -3.542  -11.866 -6.246  1.00 14.93 ? 72  VAL A O     1 
ATOM   563  C CB    . VAL A 1 72  ? -2.390  -9.123  -5.774  1.00 14.09 ? 72  VAL A CB    1 
ATOM   564  C CG1   . VAL A 1 72  ? -1.889  -7.761  -6.251  1.00 14.05 ? 72  VAL A CG1   1 
ATOM   565  C CG2   . VAL A 1 72  ? -2.637  -9.119  -4.273  1.00 15.92 ? 72  VAL A CG2   1 
ATOM   566  N N     . LEU A 1 73  ? -5.300  -10.835 -5.294  1.00 13.71 ? 73  LEU A N     1 
ATOM   567  C CA    . LEU A 1 73  ? -5.846  -12.066 -4.729  1.00 15.93 ? 73  LEU A CA    1 
ATOM   568  C C     . LEU A 1 73  ? -6.856  -12.746 -5.647  1.00 17.25 ? 73  LEU A C     1 
ATOM   569  O O     . LEU A 1 73  ? -6.961  -13.974 -5.663  1.00 16.61 ? 73  LEU A O     1 
ATOM   570  C CB    . LEU A 1 73  ? -6.507  -11.776 -3.376  1.00 16.54 ? 73  LEU A CB    1 
ATOM   571  C CG    . LEU A 1 73  ? -5.590  -11.241 -2.272  1.00 17.69 ? 73  LEU A CG    1 
ATOM   572  C CD1   . LEU A 1 73  ? -6.419  -10.895 -1.040  1.00 19.34 ? 73  LEU A CD1   1 
ATOM   573  C CD2   . LEU A 1 73  ? -4.534  -12.282 -1.929  1.00 18.36 ? 73  LEU A CD2   1 
ATOM   574  N N     . ARG A 1 74  ? -7.591  -11.945 -6.412  1.00 19.81 ? 74  ARG A N     1 
ATOM   575  C CA    . ARG A 1 74  ? -8.609  -12.456 -7.325  1.00 22.93 ? 74  ARG A CA    1 
ATOM   576  C C     . ARG A 1 74  ? -8.578  -11.666 -8.630  1.00 23.45 ? 74  ARG A C     1 
ATOM   577  O O     . ARG A 1 74  ? -8.111  -10.529 -8.661  1.00 21.71 ? 74  ARG A O     1 
ATOM   578  C CB    . ARG A 1 74  ? -9.993  -12.313 -6.689  1.00 26.95 ? 74  ARG A CB    1 
ATOM   579  C CG    . ARG A 1 74  ? -10.144 -12.986 -5.338  1.00 32.62 ? 74  ARG A CG    1 
ATOM   580  C CD    . ARG A 1 74  ? -11.393 -12.481 -4.634  1.00 37.24 ? 74  ARG A CD    1 
ATOM   581  N NE    . ARG A 1 74  ? -12.556 -12.493 -5.519  1.00 41.82 ? 74  ARG A NE    1 
ATOM   582  C CZ    . ARG A 1 74  ? -13.745 -11.990 -5.200  1.00 43.52 ? 74  ARG A CZ    1 
ATOM   583  N NH1   . ARG A 1 74  ? -13.936 -11.430 -4.012  1.00 44.64 ? 74  ARG A NH1   1 
ATOM   584  N NH2   . ARG A 1 74  ? -14.742 -12.036 -6.074  1.00 44.48 ? 74  ARG A NH2   1 
ATOM   585  N N     . ALA A 1 75  ? -9.099  -12.261 -9.698  1.00 23.78 ? 75  ALA A N     1 
ATOM   586  C CA    . ALA A 1 75  ? -9.112  -11.602 -10.999 1.00 24.16 ? 75  ALA A CA    1 
ATOM   587  C C     . ALA A 1 75  ? -10.318 -10.689 -11.211 1.00 25.30 ? 75  ALA A C     1 
ATOM   588  O O     . ALA A 1 75  ? -11.123 -10.913 -12.115 1.00 27.38 ? 75  ALA A O     1 
ATOM   589  C CB    . ALA A 1 75  ? -9.050  -12.647 -12.107 1.00 25.00 ? 75  ALA A CB    1 
ATOM   590  N N     . ASN A 1 76  ? -10.441 -9.662  -10.377 1.00 23.80 ? 76  ASN A N     1 
ATOM   591  C CA    . ASN A 1 76  ? -11.539 -8.703  -10.493 1.00 22.01 ? 76  ASN A CA    1 
ATOM   592  C C     . ASN A 1 76  ? -11.071 -7.388  -9.882  1.00 20.32 ? 76  ASN A C     1 
ATOM   593  O O     . ASN A 1 76  ? -11.226 -7.165  -8.681  1.00 18.63 ? 76  ASN A O     1 
ATOM   594  C CB    . ASN A 1 76  ? -12.776 -9.195  -9.744  1.00 25.01 ? 76  ASN A CB    1 
ATOM   595  C CG    . ASN A 1 76  ? -14.014 -8.378  -10.067 1.00 27.49 ? 76  ASN A CG    1 
ATOM   596  O OD1   . ASN A 1 76  ? -13.968 -7.146  -10.111 1.00 27.73 ? 76  ASN A OD1   1 
ATOM   597  N ND2   . ASN A 1 76  ? -15.130 -9.060  -10.292 1.00 30.17 ? 76  ASN A ND2   1 
ATOM   598  N N     . ASN A 1 77  ? -10.502 -6.519  -10.711 1.00 18.44 ? 77  ASN A N     1 
ATOM   599  C CA    . ASN A 1 77  ? -9.986  -5.243  -10.230 1.00 17.80 ? 77  ASN A CA    1 
ATOM   600  C C     . ASN A 1 77  ? -11.052 -4.264  -9.759  1.00 18.57 ? 77  ASN A C     1 
ATOM   601  O O     . ASN A 1 77  ? -10.920 -3.675  -8.685  1.00 17.13 ? 77  ASN A O     1 
ATOM   602  C CB    . ASN A 1 77  ? -9.116  -4.582  -11.305 1.00 16.83 ? 77  ASN A CB    1 
ATOM   603  C CG    . ASN A 1 77  ? -7.909  -5.424  -11.671 1.00 16.32 ? 77  ASN A CG    1 
ATOM   604  O OD1   . ASN A 1 77  ? -7.523  -6.326  -10.929 1.00 15.63 ? 77  ASN A OD1   1 
ATOM   605  N ND2   . ASN A 1 77  ? -7.299  -5.127  -12.814 1.00 17.24 ? 77  ASN A ND2   1 
ATOM   606  N N     . GLN A 1 78  ? -12.108 -4.093  -10.551 1.00 18.30 ? 78  GLN A N     1 
ATOM   607  C CA    . GLN A 1 78  ? -13.175 -3.163  -10.196 1.00 20.54 ? 78  GLN A CA    1 
ATOM   608  C C     . GLN A 1 78  ? -13.787 -3.434  -8.824  1.00 20.19 ? 78  GLN A C     1 
ATOM   609  O O     . GLN A 1 78  ? -14.111 -2.501  -8.091  1.00 20.24 ? 78  GLN A O     1 
ATOM   610  C CB    . GLN A 1 78  ? -14.274 -3.185  -11.258 1.00 22.40 ? 78  GLN A CB    1 
ATOM   611  C CG    . GLN A 1 78  ? -13.789 -2.843  -12.652 1.00 28.75 ? 78  GLN A CG    1 
ATOM   612  C CD    . GLN A 1 78  ? -14.924 -2.746  -13.651 1.00 32.15 ? 78  GLN A CD    1 
ATOM   613  O OE1   . GLN A 1 78  ? -15.765 -1.851  -13.566 1.00 34.11 ? 78  GLN A OE1   1 
ATOM   614  N NE2   . GLN A 1 78  ? -14.958 -3.675  -14.599 1.00 33.92 ? 78  GLN A NE2   1 
ATOM   615  N N     . GLN A 1 79  ? -13.951 -4.706  -8.477  1.00 19.51 ? 79  GLN A N     1 
ATOM   616  C CA    . GLN A 1 79  ? -14.528 -5.061  -7.185  1.00 20.36 ? 79  GLN A CA    1 
ATOM   617  C C     . GLN A 1 79  ? -13.630 -4.564  -6.057  1.00 18.82 ? 79  GLN A C     1 
ATOM   618  O O     . GLN A 1 79  ? -14.110 -4.113  -5.015  1.00 19.04 ? 79  GLN A O     1 
ATOM   619  C CB    . GLN A 1 79  ? -14.702 -6.579  -7.075  1.00 24.17 ? 79  GLN A CB    1 
ATOM   620  C CG    . GLN A 1 79  ? -15.375 -7.034  -5.785  1.00 30.42 ? 79  GLN A CG    1 
ATOM   621  C CD    . GLN A 1 79  ? -15.571 -8.541  -5.724  1.00 34.84 ? 79  GLN A CD    1 
ATOM   622  O OE1   . GLN A 1 79  ? -14.606 -9.306  -5.687  1.00 38.53 ? 79  GLN A OE1   1 
ATOM   623  N NE2   . GLN A 1 79  ? -16.829 -8.974  -5.717  1.00 36.70 ? 79  GLN A NE2   1 
ATOM   624  N N     . PHE A 1 80  ? -12.323 -4.653  -6.275  1.00 16.07 ? 80  PHE A N     1 
ATOM   625  C CA    . PHE A 1 80  ? -11.339 -4.216  -5.290  1.00 14.03 ? 80  PHE A CA    1 
ATOM   626  C C     . PHE A 1 80  ? -11.423 -2.698  -5.103  1.00 13.99 ? 80  PHE A C     1 
ATOM   627  O O     . PHE A 1 80  ? -11.448 -2.207  -3.972  1.00 14.10 ? 80  PHE A O     1 
ATOM   628  C CB    . PHE A 1 80  ? -9.937  -4.636  -5.755  1.00 13.17 ? 80  PHE A CB    1 
ATOM   629  C CG    . PHE A 1 80  ? -8.841  -4.374  -4.751  1.00 12.88 ? 80  PHE A CG    1 
ATOM   630  C CD1   . PHE A 1 80  ? -9.105  -4.362  -3.384  1.00 13.67 ? 80  PHE A CD1   1 
ATOM   631  C CD2   . PHE A 1 80  ? -7.530  -4.177  -5.181  1.00 14.86 ? 80  PHE A CD2   1 
ATOM   632  C CE1   . PHE A 1 80  ? -8.076  -4.159  -2.456  1.00 14.64 ? 80  PHE A CE1   1 
ATOM   633  C CE2   . PHE A 1 80  ? -6.498  -3.974  -4.263  1.00 14.81 ? 80  PHE A CE2   1 
ATOM   634  C CZ    . PHE A 1 80  ? -6.773  -3.964  -2.900  1.00 13.87 ? 80  PHE A CZ    1 
ATOM   635  N N     . TRP A 1 81  ? -11.485 -1.954  -6.204  1.00 13.03 ? 81  TRP A N     1 
ATOM   636  C CA    . TRP A 1 81  ? -11.568 -0.497  -6.108  1.00 13.07 ? 81  TRP A CA    1 
ATOM   637  C C     . TRP A 1 81  ? -12.856 -0.078  -5.404  1.00 14.42 ? 81  TRP A C     1 
ATOM   638  O O     . TRP A 1 81  ? -12.858 0.843   -4.588  1.00 13.63 ? 81  TRP A O     1 
ATOM   639  C CB    . TRP A 1 81  ? -11.518 0.150   -7.494  1.00 12.71 ? 81  TRP A CB    1 
ATOM   640  C CG    . TRP A 1 81  ? -10.364 -0.306  -8.332  1.00 11.35 ? 81  TRP A CG    1 
ATOM   641  C CD1   . TRP A 1 81  ? -9.136  -0.713  -7.891  1.00 12.77 ? 81  TRP A CD1   1 
ATOM   642  C CD2   . TRP A 1 81  ? -10.327 -0.388  -9.760  1.00 13.72 ? 81  TRP A CD2   1 
ATOM   643  N NE1   . TRP A 1 81  ? -8.337  -1.049  -8.960  1.00 11.09 ? 81  TRP A NE1   1 
ATOM   644  C CE2   . TRP A 1 81  ? -9.042  -0.859  -10.119 1.00 11.34 ? 81  TRP A CE2   1 
ATOM   645  C CE3   . TRP A 1 81  ? -11.254 -0.113  -10.776 1.00 14.33 ? 81  TRP A CE3   1 
ATOM   646  C CZ2   . TRP A 1 81  ? -8.660  -1.060  -11.453 1.00 13.38 ? 81  TRP A CZ2   1 
ATOM   647  C CZ3   . TRP A 1 81  ? -10.874 -0.313  -12.105 1.00 17.18 ? 81  TRP A CZ3   1 
ATOM   648  C CH2   . TRP A 1 81  ? -9.586  -0.783  -12.427 1.00 15.00 ? 81  TRP A CH2   1 
ATOM   649  N N     . SER A 1 82  ? -13.952 -0.757  -5.727  1.00 15.84 ? 82  SER A N     1 
ATOM   650  C CA    . SER A 1 82  ? -15.239 -0.451  -5.111  1.00 16.46 ? 82  SER A CA    1 
ATOM   651  C C     . SER A 1 82  ? -15.171 -0.692  -3.603  1.00 17.24 ? 82  SER A C     1 
ATOM   652  O O     . SER A 1 82  ? -15.661 0.112   -2.809  1.00 17.77 ? 82  SER A O     1 
ATOM   653  C CB    . SER A 1 82  ? -16.337 -1.323  -5.731  1.00 18.79 ? 82  SER A CB    1 
ATOM   654  O OG    . SER A 1 82  ? -17.604 -1.010  -5.182  1.00 20.63 ? 82  SER A OG    1 
ATOM   655  N N     . HIS A 1 83  ? -14.553 -1.802  -3.214  1.00 16.78 ? 83  HIS A N     1 
ATOM   656  C CA    . HIS A 1 83  ? -14.415 -2.160  -1.807  1.00 17.71 ? 83  HIS A CA    1 
ATOM   657  C C     . HIS A 1 83  ? -13.564 -1.146  -1.052  1.00 16.70 ? 83  HIS A C     1 
ATOM   658  O O     . HIS A 1 83  ? -13.898 -0.755  0.065   1.00 17.28 ? 83  HIS A O     1 
ATOM   659  C CB    . HIS A 1 83  ? -13.800 -3.558  -1.684  1.00 21.27 ? 83  HIS A CB    1 
ATOM   660  C CG    . HIS A 1 83  ? -13.640 -4.029  -0.272  1.00 26.05 ? 83  HIS A CG    1 
ATOM   661  N ND1   . HIS A 1 83  ? -12.557 -3.690  0.510   1.00 28.35 ? 83  HIS A ND1   1 
ATOM   662  C CD2   . HIS A 1 83  ? -14.432 -4.808  0.502   1.00 28.22 ? 83  HIS A CD2   1 
ATOM   663  C CE1   . HIS A 1 83  ? -12.688 -4.241  1.704   1.00 29.38 ? 83  HIS A CE1   1 
ATOM   664  N NE2   . HIS A 1 83  ? -13.817 -4.925  1.725   1.00 29.42 ? 83  HIS A NE2   1 
ATOM   665  N N     . GLU A 1 84  ? -12.463 -0.715  -1.659  1.00 14.75 ? 84  GLU A N     1 
ATOM   666  C CA    . GLU A 1 84  ? -11.593 0.256   -1.008  1.00 13.24 ? 84  GLU A CA    1 
ATOM   667  C C     . GLU A 1 84  ? -12.271 1.611   -0.866  1.00 13.30 ? 84  GLU A C     1 
ATOM   668  O O     . GLU A 1 84  ? -12.088 2.299   0.140   1.00 13.63 ? 84  GLU A O     1 
ATOM   669  C CB    . GLU A 1 84  ? -10.277 0.403   -1.771  1.00 13.85 ? 84  GLU A CB    1 
ATOM   670  C CG    . GLU A 1 84  ? -9.318  -0.760  -1.545  1.00 14.44 ? 84  GLU A CG    1 
ATOM   671  C CD    . GLU A 1 84  ? -8.972  -0.943  -0.078  1.00 17.68 ? 84  GLU A CD    1 
ATOM   672  O OE1   . GLU A 1 84  ? -8.464  0.016   0.541   1.00 17.38 ? 84  GLU A OE1   1 
ATOM   673  O OE2   . GLU A 1 84  ? -9.208  -2.044  0.458   1.00 19.48 ? 84  GLU A OE2   1 
ATOM   674  N N     . TRP A 1 85  ? -13.054 1.999   -1.868  1.00 13.17 ? 85  TRP A N     1 
ATOM   675  C CA    . TRP A 1 85  ? -13.751 3.277   -1.805  1.00 12.59 ? 85  TRP A CA    1 
ATOM   676  C C     . TRP A 1 85  ? -14.790 3.292   -0.689  1.00 13.18 ? 85  TRP A C     1 
ATOM   677  O O     . TRP A 1 85  ? -14.843 4.223   0.113   1.00 12.90 ? 85  TRP A O     1 
ATOM   678  C CB    . TRP A 1 85  ? -14.454 3.592   -3.130  1.00 12.66 ? 85  TRP A CB    1 
ATOM   679  C CG    . TRP A 1 85  ? -15.373 4.773   -2.999  1.00 12.17 ? 85  TRP A CG    1 
ATOM   680  C CD1   . TRP A 1 85  ? -16.740 4.750   -2.937  1.00 14.19 ? 85  TRP A CD1   1 
ATOM   681  C CD2   . TRP A 1 85  ? -14.986 6.138   -2.803  1.00 12.85 ? 85  TRP A CD2   1 
ATOM   682  N NE1   . TRP A 1 85  ? -17.226 6.018   -2.706  1.00 12.60 ? 85  TRP A NE1   1 
ATOM   683  C CE2   . TRP A 1 85  ? -16.170 6.887   -2.619  1.00 12.89 ? 85  TRP A CE2   1 
ATOM   684  C CE3   . TRP A 1 85  ? -13.751 6.801   -2.758  1.00 12.64 ? 85  TRP A CE3   1 
ATOM   685  C CZ2   . TRP A 1 85  ? -16.155 8.267   -2.394  1.00 13.65 ? 85  TRP A CZ2   1 
ATOM   686  C CZ3   . TRP A 1 85  ? -13.735 8.172   -2.533  1.00 12.62 ? 85  TRP A CZ3   1 
ATOM   687  C CH2   . TRP A 1 85  ? -14.931 8.891   -2.353  1.00 13.03 ? 85  TRP A CH2   1 
ATOM   688  N N     . THR A 1 86  ? -15.621 2.255   -0.647  1.00 15.45 ? 86  THR A N     1 
ATOM   689  C CA    . THR A 1 86  ? -16.675 2.161   0.359   1.00 16.76 ? 86  THR A CA    1 
ATOM   690  C C     . THR A 1 86  ? -16.139 2.034   1.778   1.00 16.49 ? 86  THR A C     1 
ATOM   691  O O     . THR A 1 86  ? -16.673 2.638   2.709   1.00 16.38 ? 86  THR A O     1 
ATOM   692  C CB    . THR A 1 86  ? -17.592 0.956   0.077   1.00 19.59 ? 86  THR A CB    1 
ATOM   693  O OG1   . THR A 1 86  ? -18.135 1.075   -1.243  1.00 23.59 ? 86  THR A OG1   1 
ATOM   694  C CG2   . THR A 1 86  ? -18.730 0.901   1.088   1.00 22.29 ? 86  THR A CG2   1 
ATOM   695  N N     . LYS A 1 87  ? -15.079 1.252   1.941   1.00 15.10 ? 87  LYS A N     1 
ATOM   696  C CA    . LYS A 1 87  ? -14.498 1.037   3.259   1.00 15.72 ? 87  LYS A CA    1 
ATOM   697  C C     . LYS A 1 87  ? -13.591 2.161   3.753   1.00 15.16 ? 87  LYS A C     1 
ATOM   698  O O     . LYS A 1 87  ? -13.587 2.481   4.943   1.00 17.10 ? 87  LYS A O     1 
ATOM   699  C CB    . LYS A 1 87  ? -13.721 -0.284  3.267   1.00 16.88 ? 87  LYS A CB    1 
ATOM   700  C CG    . LYS A 1 87  ? -13.112 -0.648  4.616   1.00 19.90 ? 87  LYS A CG    1 
ATOM   701  C CD    . LYS A 1 87  ? -12.456 -2.022  4.573   1.00 24.57 ? 87  LYS A CD    1 
ATOM   702  C CE    . LYS A 1 87  ? -11.895 -2.413  5.934   1.00 27.33 ? 87  LYS A CE    1 
ATOM   703  N NZ    . LYS A 1 87  ? -11.243 -3.755  5.901   1.00 30.22 ? 87  LYS A NZ    1 
ATOM   704  N N     . HIS A 1 88  ? -12.839 2.773   2.844   1.00 12.49 ? 88  HIS A N     1 
ATOM   705  C CA    . HIS A 1 88  ? -11.897 3.819   3.234   1.00 11.72 ? 88  HIS A CA    1 
ATOM   706  C C     . HIS A 1 88  ? -12.120 5.193   2.612   1.00 10.47 ? 88  HIS A C     1 
ATOM   707  O O     . HIS A 1 88  ? -12.107 6.209   3.313   1.00 11.78 ? 88  HIS A O     1 
ATOM   708  C CB    . HIS A 1 88  ? -10.473 3.364   2.899   1.00 11.51 ? 88  HIS A CB    1 
ATOM   709  C CG    . HIS A 1 88  ? -10.027 2.153   3.656   1.00 13.28 ? 88  HIS A CG    1 
ATOM   710  N ND1   . HIS A 1 88  ? -9.702  2.188   4.995   1.00 12.42 ? 88  HIS A ND1   1 
ATOM   711  C CD2   . HIS A 1 88  ? -9.840  0.872   3.257   1.00 13.57 ? 88  HIS A CD2   1 
ATOM   712  C CE1   . HIS A 1 88  ? -9.335  0.983   5.389   1.00 14.26 ? 88  HIS A CE1   1 
ATOM   713  N NE2   . HIS A 1 88  ? -9.410  0.165   4.354   1.00 16.22 ? 88  HIS A NE2   1 
ATOM   714  N N     . GLY A 1 89  ? -12.309 5.217   1.298   1.00 9.84  ? 89  GLY A N     1 
ATOM   715  C CA    . GLY A 1 89  ? -12.483 6.469   0.581   1.00 10.70 ? 89  GLY A CA    1 
ATOM   716  C C     . GLY A 1 89  ? -13.591 7.380   1.071   1.00 11.43 ? 89  GLY A C     1 
ATOM   717  O O     . GLY A 1 89  ? -13.433 8.597   1.104   1.00 11.50 ? 89  GLY A O     1 
ATOM   718  N N     . THR A 1 90  ? -14.720 6.790   1.435   1.00 11.76 ? 90  THR A N     1 
ATOM   719  C CA    . THR A 1 90  ? -15.851 7.560   1.926   1.00 12.42 ? 90  THR A CA    1 
ATOM   720  C C     . THR A 1 90  ? -15.498 8.392   3.155   1.00 13.46 ? 90  THR A C     1 
ATOM   721  O O     . THR A 1 90  ? -16.126 9.419   3.413   1.00 12.82 ? 90  THR A O     1 
ATOM   722  C CB    . THR A 1 90  ? -17.011 6.636   2.291   1.00 13.63 ? 90  THR A CB    1 
ATOM   723  O OG1   . THR A 1 90  ? -16.532 5.611   3.169   1.00 15.77 ? 90  THR A OG1   1 
ATOM   724  C CG2   . THR A 1 90  ? -17.598 5.999   1.036   1.00 15.93 ? 90  THR A CG2   1 
ATOM   725  N N     . CYS A 1 91  ? -14.494 7.960   3.911   1.00 12.08 ? 91  CYS A N     1 
ATOM   726  C CA    . CYS A 1 91  ? -14.112 8.686   5.117   1.00 13.34 ? 91  CYS A CA    1 
ATOM   727  C C     . CYS A 1 91  ? -13.332 9.984   4.891   1.00 13.53 ? 91  CYS A C     1 
ATOM   728  O O     . CYS A 1 91  ? -13.103 10.742  5.833   1.00 14.42 ? 91  CYS A O     1 
ATOM   729  C CB    . CYS A 1 91  ? -13.339 7.772   6.060   1.00 13.99 ? 91  CYS A CB    1 
ATOM   730  S SG    . CYS A 1 91  ? -14.340 6.410   6.746   1.00 15.78 ? 91  CYS A SG    1 
ATOM   731  N N     . SER A 1 92  ? -12.918 10.242  3.654   1.00 11.66 ? 92  SER A N     1 
ATOM   732  C CA    . SER A 1 92  ? -12.211 11.483  3.367   1.00 12.12 ? 92  SER A CA    1 
ATOM   733  C C     . SER A 1 92  ? -12.925 12.227  2.241   1.00 12.69 ? 92  SER A C     1 
ATOM   734  O O     . SER A 1 92  ? -12.401 13.191  1.689   1.00 11.28 ? 92  SER A O     1 
ATOM   735  C CB    . SER A 1 92  ? -10.737 11.215  3.005   1.00 13.27 ? 92  SER A CB    1 
ATOM   736  O OG    . SER A 1 92  ? -10.587 10.262  1.965   1.00 12.37 ? 92  SER A OG    1 
ATOM   737  N N     . GLU A 1 93  ? -14.141 11.783  1.931   1.00 12.25 ? 93  GLU A N     1 
ATOM   738  C CA    . GLU A 1 93  ? -14.934 12.384  0.862   1.00 14.69 ? 93  GLU A CA    1 
ATOM   739  C C     . GLU A 1 93  ? -15.323 13.834  1.147   1.00 15.61 ? 93  GLU A C     1 
ATOM   740  O O     . GLU A 1 93  ? -15.678 14.573  0.231   1.00 16.57 ? 93  GLU A O     1 
ATOM   741  C CB    . GLU A 1 93  ? -16.187 11.534  0.599   1.00 15.97 ? 93  GLU A CB    1 
ATOM   742  C CG    . GLU A 1 93  ? -17.148 12.122  -0.435  1.00 19.80 ? 93  GLU A CG    1 
ATOM   743  C CD    . GLU A 1 93  ? -18.186 11.120  -0.910  1.00 19.95 ? 93  GLU A CD    1 
ATOM   744  O OE1   . GLU A 1 93  ? -18.660 10.315  -0.082  1.00 20.70 ? 93  GLU A OE1   1 
ATOM   745  O OE2   . GLU A 1 93  ? -18.533 11.145  -2.110  1.00 21.94 ? 93  GLU A OE2   1 
ATOM   746  N N     . SER A 1 94  ? -15.246 14.246  2.407   1.00 15.40 ? 94  SER A N     1 
ATOM   747  C CA    . SER A 1 94  ? -15.590 15.620  2.760   1.00 18.27 ? 94  SER A CA    1 
ATOM   748  C C     . SER A 1 94  ? -14.641 16.593  2.074   1.00 18.33 ? 94  SER A C     1 
ATOM   749  O O     . SER A 1 94  ? -14.984 17.756  1.859   1.00 17.48 ? 94  SER A O     1 
ATOM   750  C CB    . SER A 1 94  ? -15.518 15.828  4.277   1.00 20.12 ? 94  SER A CB    1 
ATOM   751  O OG    . SER A 1 94  ? -14.182 15.734  4.745   1.00 23.75 ? 94  SER A OG    1 
ATOM   752  N N     . THR A 1 95  ? -13.446 16.114  1.723   1.00 17.38 ? 95  THR A N     1 
ATOM   753  C CA    . THR A 1 95  ? -12.460 16.967  1.066   1.00 16.75 ? 95  THR A CA    1 
ATOM   754  C C     . THR A 1 95  ? -11.987 16.409  -0.277  1.00 15.14 ? 95  THR A C     1 
ATOM   755  O O     . THR A 1 95  ? -11.577 17.169  -1.155  1.00 14.03 ? 95  THR A O     1 
ATOM   756  C CB    . THR A 1 95  ? -11.236 17.201  1.978   1.00 20.65 ? 95  THR A CB    1 
ATOM   757  O OG1   . THR A 1 95  ? -10.510 15.979  2.133   1.00 26.29 ? 95  THR A OG1   1 
ATOM   758  C CG2   . THR A 1 95  ? -11.688 17.676  3.353   1.00 22.97 ? 95  THR A CG2   1 
ATOM   759  N N     . PHE A 1 96  ? -12.036 15.088  -0.439  1.00 13.77 ? 96  PHE A N     1 
ATOM   760  C CA    . PHE A 1 96  ? -11.621 14.469  -1.698  1.00 13.53 ? 96  PHE A CA    1 
ATOM   761  C C     . PHE A 1 96  ? -12.746 13.654  -2.329  1.00 13.71 ? 96  PHE A C     1 
ATOM   762  O O     . PHE A 1 96  ? -13.097 12.590  -1.822  1.00 10.98 ? 96  PHE A O     1 
ATOM   763  C CB    . PHE A 1 96  ? -10.418 13.539  -1.489  1.00 15.38 ? 96  PHE A CB    1 
ATOM   764  C CG    . PHE A 1 96  ? -9.167  14.241  -1.042  1.00 15.66 ? 96  PHE A CG    1 
ATOM   765  C CD1   . PHE A 1 96  ? -8.888  14.399  0.310   1.00 17.26 ? 96  PHE A CD1   1 
ATOM   766  C CD2   . PHE A 1 96  ? -8.266  14.739  -1.977  1.00 15.76 ? 96  PHE A CD2   1 
ATOM   767  C CE1   . PHE A 1 96  ? -7.723  15.045  0.727   1.00 17.96 ? 96  PHE A CE1   1 
ATOM   768  C CE2   . PHE A 1 96  ? -7.104  15.385  -1.572  1.00 17.50 ? 96  PHE A CE2   1 
ATOM   769  C CZ    . PHE A 1 96  ? -6.832  15.537  -0.216  1.00 16.29 ? 96  PHE A CZ    1 
ATOM   770  N N     . ASN A 1 97  ? -13.309 14.138  -3.434  1.00 12.74 ? 97  ASN A N     1 
ATOM   771  C CA    . ASN A 1 97  ? -14.370 13.386  -4.092  1.00 13.15 ? 97  ASN A CA    1 
ATOM   772  C C     . ASN A 1 97  ? -13.748 12.121  -4.682  1.00 13.28 ? 97  ASN A C     1 
ATOM   773  O O     . ASN A 1 97  ? -12.525 11.993  -4.725  1.00 12.53 ? 97  ASN A O     1 
ATOM   774  C CB    . ASN A 1 97  ? -15.057 14.223  -5.185  1.00 14.14 ? 97  ASN A CB    1 
ATOM   775  C CG    . ASN A 1 97  ? -14.098 14.719  -6.245  1.00 15.99 ? 97  ASN A CG    1 
ATOM   776  O OD1   . ASN A 1 97  ? -13.339 13.948  -6.822  1.00 16.37 ? 97  ASN A OD1   1 
ATOM   777  N ND2   . ASN A 1 97  ? -14.143 16.022  -6.522  1.00 18.36 ? 97  ASN A ND2   1 
ATOM   778  N N     . GLN A 1 98  ? -14.580 11.189  -5.133  1.00 12.73 ? 98  GLN A N     1 
ATOM   779  C CA    . GLN A 1 98  ? -14.079 9.922   -5.667  1.00 12.42 ? 98  GLN A CA    1 
ATOM   780  C C     . GLN A 1 98  ? -12.993 10.046  -6.733  1.00 13.08 ? 98  GLN A C     1 
ATOM   781  O O     . GLN A 1 98  ? -12.003 9.306   -6.707  1.00 11.32 ? 98  GLN A O     1 
ATOM   782  C CB    . GLN A 1 98  ? -15.229 9.079   -6.224  1.00 14.11 ? 98  GLN A CB    1 
ATOM   783  C CG    . GLN A 1 98  ? -14.808 7.652   -6.533  1.00 15.82 ? 98  GLN A CG    1 
ATOM   784  C CD    . GLN A 1 98  ? -15.838 6.884   -7.340  1.00 19.71 ? 98  GLN A CD    1 
ATOM   785  O OE1   . GLN A 1 98  ? -17.003 6.784   -6.951  1.00 18.61 ? 98  GLN A OE1   1 
ATOM   786  N NE2   . GLN A 1 98  ? -15.408 6.327   -8.472  1.00 20.11 ? 98  GLN A NE2   1 
ATOM   787  N N     . ALA A 1 99  ? -13.177 10.964  -7.676  1.00 12.16 ? 99  ALA A N     1 
ATOM   788  C CA    . ALA A 1 99  ? -12.195 11.155  -8.739  1.00 11.51 ? 99  ALA A CA    1 
ATOM   789  C C     . ALA A 1 99  ? -10.849 11.618  -8.183  1.00 10.80 ? 99  ALA A C     1 
ATOM   790  O O     . ALA A 1 99  ? -9.793  11.119  -8.580  1.00 12.30 ? 99  ALA A O     1 
ATOM   791  C CB    . ALA A 1 99  ? -12.714 12.168  -9.756  1.00 13.99 ? 99  ALA A CB    1 
ATOM   792  N N     . ALA A 1 100 ? -10.888 12.573  -7.265  1.00 10.54 ? 100 ALA A N     1 
ATOM   793  C CA    . ALA A 1 100 ? -9.667  13.102  -6.672  1.00 9.79  ? 100 ALA A CA    1 
ATOM   794  C C     . ALA A 1 100 ? -8.966  12.064  -5.805  1.00 10.23 ? 100 ALA A C     1 
ATOM   795  O O     . ALA A 1 100 ? -7.735  12.026  -5.738  1.00 10.87 ? 100 ALA A O     1 
ATOM   796  C CB    . ALA A 1 100 ? -9.984  14.348  -5.848  1.00 8.73  ? 100 ALA A CB    1 
ATOM   797  N N     . TYR A 1 101 ? -9.754  11.225  -5.142  1.00 8.76  ? 101 TYR A N     1 
ATOM   798  C CA    . TYR A 1 101 ? -9.213  10.188  -4.268  1.00 9.33  ? 101 TYR A CA    1 
ATOM   799  C C     . TYR A 1 101 ? -8.383  9.166   -5.045  1.00 10.03 ? 101 TYR A C     1 
ATOM   800  O O     . TYR A 1 101 ? -7.260  8.847   -4.656  1.00 9.85  ? 101 TYR A O     1 
ATOM   801  C CB    . TYR A 1 101 ? -10.360 9.482   -3.541  1.00 9.13  ? 101 TYR A CB    1 
ATOM   802  C CG    . TYR A 1 101 ? -9.956  8.288   -2.703  1.00 9.41  ? 101 TYR A CG    1 
ATOM   803  C CD1   . TYR A 1 101 ? -9.400  8.447   -1.429  1.00 10.08 ? 101 TYR A CD1   1 
ATOM   804  C CD2   . TYR A 1 101 ? -10.165 6.993   -3.171  1.00 9.60  ? 101 TYR A CD2   1 
ATOM   805  C CE1   . TYR A 1 101 ? -9.073  7.341   -0.645  1.00 9.39  ? 101 TYR A CE1   1 
ATOM   806  C CE2   . TYR A 1 101 ? -9.839  5.881   -2.397  1.00 10.35 ? 101 TYR A CE2   1 
ATOM   807  C CZ    . TYR A 1 101 ? -9.298  6.060   -1.137  1.00 10.18 ? 101 TYR A CZ    1 
ATOM   808  O OH    . TYR A 1 101 ? -9.010  4.953   -0.369  1.00 12.21 ? 101 TYR A OH    1 
ATOM   809  N N     . PHE A 1 102 ? -8.927  8.645   -6.139  1.00 9.30  ? 102 PHE A N     1 
ATOM   810  C CA    . PHE A 1 102 ? -8.176  7.660   -6.911  1.00 9.49  ? 102 PHE A CA    1 
ATOM   811  C C     . PHE A 1 102 ? -6.988  8.281   -7.630  1.00 10.64 ? 102 PHE A C     1 
ATOM   812  O O     . PHE A 1 102 ? -5.951  7.639   -7.792  1.00 10.34 ? 102 PHE A O     1 
ATOM   813  C CB    . PHE A 1 102 ? -9.088  6.925   -7.900  1.00 9.77  ? 102 PHE A CB    1 
ATOM   814  C CG    . PHE A 1 102 ? -9.926  5.851   -7.259  1.00 10.72 ? 102 PHE A CG    1 
ATOM   815  C CD1   . PHE A 1 102 ? -11.207 6.131   -6.787  1.00 9.15  ? 102 PHE A CD1   1 
ATOM   816  C CD2   . PHE A 1 102 ? -9.408  4.571   -7.076  1.00 11.32 ? 102 PHE A CD2   1 
ATOM   817  C CE1   . PHE A 1 102 ? -11.955 5.149   -6.142  1.00 9.57  ? 102 PHE A CE1   1 
ATOM   818  C CE2   . PHE A 1 102 ? -10.149 3.585   -6.430  1.00 12.71 ? 102 PHE A CE2   1 
ATOM   819  C CZ    . PHE A 1 102 ? -11.427 3.875   -5.961  1.00 10.40 ? 102 PHE A CZ    1 
ATOM   820  N N     . LYS A 1 103 ? -7.132  9.531   -8.059  1.00 10.23 ? 103 LYS A N     1 
ATOM   821  C CA    . LYS A 1 103 ? -6.034  10.224  -8.731  1.00 10.62 ? 103 LYS A CA    1 
ATOM   822  C C     . LYS A 1 103 ? -4.903  10.417  -7.724  1.00 11.38 ? 103 LYS A C     1 
ATOM   823  O O     . LYS A 1 103 ? -3.722  10.286  -8.055  1.00 10.46 ? 103 LYS A O     1 
ATOM   824  C CB    . LYS A 1 103 ? -6.516  11.581  -9.253  1.00 13.13 ? 103 LYS A CB    1 
ATOM   825  C CG    . LYS A 1 103 ? -5.419  12.553  -9.669  1.00 18.47 ? 103 LYS A CG    1 
ATOM   826  C CD    . LYS A 1 103 ? -4.604  12.054  -10.849 1.00 22.14 ? 103 LYS A CD    1 
ATOM   827  C CE    . LYS A 1 103 ? -3.623  13.130  -11.310 1.00 24.62 ? 103 LYS A CE    1 
ATOM   828  N NZ    . LYS A 1 103 ? -2.689  12.635  -12.357 1.00 26.51 ? 103 LYS A NZ    1 
ATOM   829  N N     . LEU A 1 104 ? -5.271  10.720  -6.485  1.00 10.22 ? 104 LEU A N     1 
ATOM   830  C CA    . LEU A 1 104 ? -4.280  10.925  -5.437  1.00 10.25 ? 104 LEU A CA    1 
ATOM   831  C C     . LEU A 1 104 ? -3.447  9.662   -5.223  1.00 10.39 ? 104 LEU A C     1 
ATOM   832  O O     . LEU A 1 104 ? -2.219  9.724   -5.125  1.00 9.04  ? 104 LEU A O     1 
ATOM   833  C CB    . LEU A 1 104 ? -4.976  11.320  -4.134  1.00 14.11 ? 104 LEU A CB    1 
ATOM   834  C CG    . LEU A 1 104 ? -4.090  11.742  -2.964  1.00 16.74 ? 104 LEU A CG    1 
ATOM   835  C CD1   . LEU A 1 104 ? -3.087  12.799  -3.419  1.00 19.01 ? 104 LEU A CD1   1 
ATOM   836  C CD2   . LEU A 1 104 ? -4.971  12.282  -1.850  1.00 16.01 ? 104 LEU A CD2   1 
ATOM   837  N N     . ALA A 1 105 ? -4.117  8.516   -5.158  1.00 10.43 ? 105 ALA A N     1 
ATOM   838  C CA    . ALA A 1 105 ? -3.428  7.242   -4.957  1.00 10.61 ? 105 ALA A CA    1 
ATOM   839  C C     . ALA A 1 105 ? -2.467  6.956   -6.105  1.00 11.57 ? 105 ALA A C     1 
ATOM   840  O O     . ALA A 1 105 ? -1.351  6.478   -5.893  1.00 9.80  ? 105 ALA A O     1 
ATOM   841  C CB    . ALA A 1 105 ? -4.441  6.109   -4.831  1.00 9.91  ? 105 ALA A CB    1 
ATOM   842  N N     . VAL A 1 106 ? -2.913  7.230   -7.329  1.00 10.15 ? 106 VAL A N     1 
ATOM   843  C CA    . VAL A 1 106 ? -2.075  7.012   -8.504  1.00 11.30 ? 106 VAL A CA    1 
ATOM   844  C C     . VAL A 1 106 ? -0.835  7.900   -8.444  1.00 10.69 ? 106 VAL A C     1 
ATOM   845  O O     . VAL A 1 106 ? 0.280   7.427   -8.651  1.00 12.26 ? 106 VAL A O     1 
ATOM   846  C CB    . VAL A 1 106 ? -2.852  7.312   -9.803  1.00 12.75 ? 106 VAL A CB    1 
ATOM   847  C CG1   . VAL A 1 106 ? -1.897  7.372   -10.988 1.00 15.33 ? 106 VAL A CG1   1 
ATOM   848  C CG2   . VAL A 1 106 ? -3.903  6.237   -10.024 1.00 14.17 ? 106 VAL A CG2   1 
ATOM   849  N N     . ASP A 1 107 ? -1.026  9.184   -8.152  1.00 10.60 ? 107 ASP A N     1 
ATOM   850  C CA    . ASP A 1 107 ? 0.105   10.106  -8.065  1.00 11.53 ? 107 ASP A CA    1 
ATOM   851  C C     . ASP A 1 107 ? 1.085   9.689   -6.970  1.00 12.03 ? 107 ASP A C     1 
ATOM   852  O O     . ASP A 1 107 ? 2.301   9.777   -7.152  1.00 12.63 ? 107 ASP A O     1 
ATOM   853  C CB    . ASP A 1 107 ? -0.372  11.534  -7.782  1.00 11.64 ? 107 ASP A CB    1 
ATOM   854  C CG    . ASP A 1 107 ? -1.044  12.180  -8.983  1.00 15.17 ? 107 ASP A CG    1 
ATOM   855  O OD1   . ASP A 1 107 ? -0.958  11.628  -10.101 1.00 17.07 ? 107 ASP A OD1   1 
ATOM   856  O OD2   . ASP A 1 107 ? -1.651  13.257  -8.807  1.00 17.59 ? 107 ASP A OD2   1 
ATOM   857  N N     . MET A 1 108 ? 0.564   9.248   -5.829  1.00 10.51 ? 108 MET A N     1 
ATOM   858  C CA    . MET A 1 108 ? 1.433   8.819   -4.739  1.00 10.24 ? 108 MET A CA    1 
ATOM   859  C C     . MET A 1 108 ? 2.273   7.621   -5.171  1.00 9.86  ? 108 MET A C     1 
ATOM   860  O O     . MET A 1 108 ? 3.461   7.549   -4.861  1.00 11.92 ? 108 MET A O     1 
ATOM   861  C CB    . MET A 1 108 ? 0.615   8.451   -3.501  1.00 9.52  ? 108 MET A CB    1 
ATOM   862  C CG    . MET A 1 108 ? -0.061  9.630   -2.824  1.00 8.51  ? 108 MET A CG    1 
ATOM   863  S SD    . MET A 1 108 ? -1.145  9.081   -1.483  1.00 10.44 ? 108 MET A SD    1 
ATOM   864  C CE    . MET A 1 108 ? -1.467  10.640  -0.627  1.00 11.18 ? 108 MET A CE    1 
ATOM   865  N N     . ARG A 1 109 ? 1.659   6.676   -5.880  1.00 8.61  ? 109 ARG A N     1 
ATOM   866  C CA    . ARG A 1 109 ? 2.389   5.500   -6.346  1.00 9.37  ? 109 ARG A CA    1 
ATOM   867  C C     . ARG A 1 109 ? 3.496   5.886   -7.316  1.00 11.53 ? 109 ARG A C     1 
ATOM   868  O O     . ARG A 1 109 ? 4.607   5.354   -7.246  1.00 11.24 ? 109 ARG A O     1 
ATOM   869  C CB    . ARG A 1 109 ? 1.449   4.501   -7.029  1.00 8.27  ? 109 ARG A CB    1 
ATOM   870  C CG    . ARG A 1 109 ? 2.180   3.334   -7.717  1.00 9.54  ? 109 ARG A CG    1 
ATOM   871  C CD    . ARG A 1 109 ? 3.027   2.527   -6.726  1.00 11.00 ? 109 ARG A CD    1 
ATOM   872  N NE    . ARG A 1 109 ? 3.724   1.414   -7.374  1.00 11.08 ? 109 ARG A NE    1 
ATOM   873  C CZ    . ARG A 1 109 ? 4.810   1.546   -8.130  1.00 10.96 ? 109 ARG A CZ    1 
ATOM   874  N NH1   . ARG A 1 109 ? 5.342   2.744   -8.338  1.00 10.94 ? 109 ARG A NH1   1 
ATOM   875  N NH2   . ARG A 1 109 ? 5.364   0.475   -8.690  1.00 12.37 ? 109 ARG A NH2   1 
ATOM   876  N N     . ASN A 1 110 ? 3.200   6.806   -8.227  1.00 12.73 ? 110 ASN A N     1 
ATOM   877  C CA    . ASN A 1 110 ? 4.206   7.225   -9.195  1.00 15.56 ? 110 ASN A CA    1 
ATOM   878  C C     . ASN A 1 110 ? 5.346   8.026   -8.570  1.00 16.13 ? 110 ASN A C     1 
ATOM   879  O O     . ASN A 1 110 ? 6.432   8.115   -9.142  1.00 19.69 ? 110 ASN A O     1 
ATOM   880  C CB    . ASN A 1 110 ? 3.557   8.023   -10.332 1.00 16.50 ? 110 ASN A CB    1 
ATOM   881  C CG    . ASN A 1 110 ? 2.824   7.130   -11.319 1.00 21.05 ? 110 ASN A CG    1 
ATOM   882  O OD1   . ASN A 1 110 ? 3.345   6.095   -11.734 1.00 23.44 ? 110 ASN A OD1   1 
ATOM   883  N ND2   . ASN A 1 110 ? 1.617   7.527   -11.704 1.00 22.57 ? 110 ASN A ND2   1 
ATOM   884  N N     . ASN A 1 111 ? 5.111   8.588   -7.388  1.00 14.64 ? 111 ASN A N     1 
ATOM   885  C CA    . ASN A 1 111 ? 6.136   9.377   -6.714  1.00 15.70 ? 111 ASN A CA    1 
ATOM   886  C C     . ASN A 1 111 ? 6.805   8.663   -5.542  1.00 16.42 ? 111 ASN A C     1 
ATOM   887  O O     . ASN A 1 111 ? 7.714   9.207   -4.916  1.00 18.02 ? 111 ASN A O     1 
ATOM   888  C CB    . ASN A 1 111 ? 5.538   10.701  -6.240  1.00 19.51 ? 111 ASN A CB    1 
ATOM   889  C CG    . ASN A 1 111 ? 5.204   11.628  -7.394  1.00 24.01 ? 111 ASN A CG    1 
ATOM   890  O OD1   . ASN A 1 111 ? 6.093   12.083  -8.115  1.00 26.21 ? 111 ASN A OD1   1 
ATOM   891  N ND2   . ASN A 1 111 ? 3.920   11.905  -7.581  1.00 26.94 ? 111 ASN A ND2   1 
ATOM   892  N N     . TYR A 1 112 ? 6.359   7.447   -5.245  1.00 13.81 ? 112 TYR A N     1 
ATOM   893  C CA    . TYR A 1 112 ? 6.940   6.680   -4.143  1.00 12.78 ? 112 TYR A CA    1 
ATOM   894  C C     . TYR A 1 112 ? 7.346   5.304   -4.664  1.00 13.13 ? 112 TYR A C     1 
ATOM   895  O O     . TYR A 1 112 ? 6.697   4.302   -4.369  1.00 13.00 ? 112 TYR A O     1 
ATOM   896  C CB    . TYR A 1 112 ? 5.926   6.528   -3.005  1.00 12.76 ? 112 TYR A CB    1 
ATOM   897  C CG    . TYR A 1 112 ? 6.557   6.310   -1.641  1.00 13.21 ? 112 TYR A CG    1 
ATOM   898  C CD1   . TYR A 1 112 ? 6.915   7.393   -0.837  1.00 12.08 ? 112 TYR A CD1   1 
ATOM   899  C CD2   . TYR A 1 112 ? 6.808   5.024   -1.162  1.00 13.08 ? 112 TYR A CD2   1 
ATOM   900  C CE1   . TYR A 1 112 ? 7.506   7.202   0.417   1.00 12.60 ? 112 TYR A CE1   1 
ATOM   901  C CE2   . TYR A 1 112 ? 7.402   4.820   0.089   1.00 14.36 ? 112 TYR A CE2   1 
ATOM   902  C CZ    . TYR A 1 112 ? 7.746   5.912   0.870   1.00 13.96 ? 112 TYR A CZ    1 
ATOM   903  O OH    . TYR A 1 112 ? 8.324   5.720   2.110   1.00 16.12 ? 112 TYR A OH    1 
ATOM   904  N N     . ASP A 1 113 ? 8.423   5.272   -5.444  1.00 12.43 ? 113 ASP A N     1 
ATOM   905  C CA    . ASP A 1 113 ? 8.943   4.039   -6.035  1.00 13.77 ? 113 ASP A CA    1 
ATOM   906  C C     . ASP A 1 113 ? 9.877   3.358   -5.034  1.00 12.20 ? 113 ASP A C     1 
ATOM   907  O O     . ASP A 1 113 ? 11.042  3.723   -4.907  1.00 11.89 ? 113 ASP A O     1 
ATOM   908  C CB    . ASP A 1 113 ? 9.684   4.394   -7.332  1.00 15.68 ? 113 ASP A CB    1 
ATOM   909  C CG    . ASP A 1 113 ? 10.335  3.193   -8.000  1.00 20.07 ? 113 ASP A CG    1 
ATOM   910  O OD1   . ASP A 1 113 ? 10.112  2.046   -7.561  1.00 18.86 ? 113 ASP A OD1   1 
ATOM   911  O OD2   . ASP A 1 113 ? 11.074  3.412   -8.984  1.00 23.71 ? 113 ASP A OD2   1 
ATOM   912  N N     . ILE A 1 114 ? 9.342   2.368   -4.326  1.00 10.60 ? 114 ILE A N     1 
ATOM   913  C CA    . ILE A 1 114 ? 10.076  1.636   -3.299  1.00 10.39 ? 114 ILE A CA    1 
ATOM   914  C C     . ILE A 1 114 ? 11.300  0.863   -3.798  1.00 11.35 ? 114 ILE A C     1 
ATOM   915  O O     . ILE A 1 114 ? 12.404  1.037   -3.277  1.00 11.20 ? 114 ILE A O     1 
ATOM   916  C CB    . ILE A 1 114 ? 9.114   0.678   -2.568  1.00 9.72  ? 114 ILE A CB    1 
ATOM   917  C CG1   . ILE A 1 114 ? 8.015   1.502   -1.885  1.00 10.29 ? 114 ILE A CG1   1 
ATOM   918  C CG2   . ILE A 1 114 ? 9.863   -0.166  -1.546  1.00 9.70  ? 114 ILE A CG2   1 
ATOM   919  C CD1   . ILE A 1 114 ? 6.848   0.673   -1.373  1.00 13.66 ? 114 ILE A CD1   1 
ATOM   920  N N     . ILE A 1 115 ? 11.110  0.007   -4.795  1.00 12.08 ? 115 ILE A N     1 
ATOM   921  C CA    . ILE A 1 115 ? 12.223  -0.776  -5.329  1.00 13.67 ? 115 ILE A CA    1 
ATOM   922  C C     . ILE A 1 115 ? 13.306  0.135   -5.895  1.00 14.97 ? 115 ILE A C     1 
ATOM   923  O O     . ILE A 1 115 ? 14.502  -0.126  -5.730  1.00 15.32 ? 115 ILE A O     1 
ATOM   924  C CB    . ILE A 1 115 ? 11.759  -1.731  -6.453  1.00 15.87 ? 115 ILE A CB    1 
ATOM   925  C CG1   . ILE A 1 115 ? 10.617  -2.616  -5.953  1.00 17.35 ? 115 ILE A CG1   1 
ATOM   926  C CG2   . ILE A 1 115 ? 12.933  -2.593  -6.921  1.00 15.62 ? 115 ILE A CG2   1 
ATOM   927  C CD1   . ILE A 1 115 ? 10.977  -3.501  -4.793  1.00 20.46 ? 115 ILE A CD1   1 
ATOM   928  N N     . GLY A 1 116 ? 12.884  1.199   -6.567  1.00 15.17 ? 116 GLY A N     1 
ATOM   929  C CA    . GLY A 1 116 ? 13.833  2.129   -7.148  1.00 16.22 ? 116 GLY A CA    1 
ATOM   930  C C     . GLY A 1 116 ? 14.703  2.774   -6.089  1.00 16.60 ? 116 GLY A C     1 
ATOM   931  O O     . GLY A 1 116 ? 15.881  3.058   -6.323  1.00 16.69 ? 116 GLY A O     1 
ATOM   932  N N     . ALA A 1 117 ? 14.122  2.999   -4.916  1.00 13.71 ? 117 ALA A N     1 
ATOM   933  C CA    . ALA A 1 117 ? 14.843  3.619   -3.815  1.00 13.62 ? 117 ALA A CA    1 
ATOM   934  C C     . ALA A 1 117 ? 15.788  2.651   -3.106  1.00 12.92 ? 117 ALA A C     1 
ATOM   935  O O     . ALA A 1 117 ? 16.794  3.070   -2.543  1.00 14.99 ? 117 ALA A O     1 
ATOM   936  C CB    . ALA A 1 117 ? 13.850  4.196   -2.806  1.00 11.91 ? 117 ALA A CB    1 
ATOM   937  N N     . LEU A 1 118 ? 15.468  1.361   -3.146  1.00 12.45 ? 118 LEU A N     1 
ATOM   938  C CA    . LEU A 1 118 ? 16.265  0.346   -2.460  1.00 13.33 ? 118 LEU A CA    1 
ATOM   939  C C     . LEU A 1 118 ? 17.327  -0.380  -3.285  1.00 14.44 ? 118 LEU A C     1 
ATOM   940  O O     . LEU A 1 118 ? 18.404  -0.697  -2.777  1.00 13.85 ? 118 LEU A O     1 
ATOM   941  C CB    . LEU A 1 118 ? 15.334  -0.709  -1.858  1.00 12.51 ? 118 LEU A CB    1 
ATOM   942  C CG    . LEU A 1 118 ? 14.289  -0.235  -0.845  1.00 12.92 ? 118 LEU A CG    1 
ATOM   943  C CD1   . LEU A 1 118 ? 13.366  -1.391  -0.492  1.00 13.68 ? 118 LEU A CD1   1 
ATOM   944  C CD2   . LEU A 1 118 ? 14.981  0.295   0.404   1.00 13.97 ? 118 LEU A CD2   1 
ATOM   945  N N     . ARG A 1 119 ? 17.011  -0.655  -4.544  1.00 16.37 ? 119 ARG A N     1 
ATOM   946  C CA    . ARG A 1 119 ? 17.905  -1.394  -5.437  1.00 18.73 ? 119 ARG A CA    1 
ATOM   947  C C     . ARG A 1 119 ? 19.384  -0.991  -5.432  1.00 18.05 ? 119 ARG A C     1 
ATOM   948  O O     . ARG A 1 119 ? 20.256  -1.841  -5.251  1.00 17.96 ? 119 ARG A O     1 
ATOM   949  C CB    . ARG A 1 119 ? 17.376  -1.328  -6.876  1.00 22.65 ? 119 ARG A CB    1 
ATOM   950  C CG    . ARG A 1 119 ? 17.897  -2.439  -7.776  1.00 27.58 ? 119 ARG A CG    1 
ATOM   951  C CD    . ARG A 1 119 ? 17.641  -2.148  -9.254  1.00 30.06 ? 119 ARG A CD    1 
ATOM   952  N NE    . ARG A 1 119 ? 16.268  -1.732  -9.529  1.00 32.67 ? 119 ARG A NE    1 
ATOM   953  C CZ    . ARG A 1 119 ? 15.908  -0.485  -9.821  1.00 34.26 ? 119 ARG A CZ    1 
ATOM   954  N NH1   . ARG A 1 119 ? 16.822  0.477   -9.878  1.00 36.10 ? 119 ARG A NH1   1 
ATOM   955  N NH2   . ARG A 1 119 ? 14.636  -0.196  -10.058 1.00 34.53 ? 119 ARG A NH2   1 
ATOM   956  N N     . PRO A 1 120 ? 19.685  0.306   -5.625  1.00 18.10 ? 120 PRO A N     1 
ATOM   957  C CA    . PRO A 1 120 ? 21.064  0.809   -5.651  1.00 17.84 ? 120 PRO A CA    1 
ATOM   958  C C     . PRO A 1 120 ? 21.879  0.569   -4.388  1.00 18.03 ? 120 PRO A C     1 
ATOM   959  O O     . PRO A 1 120 ? 23.111  0.562   -4.430  1.00 18.17 ? 120 PRO A O     1 
ATOM   960  C CB    . PRO A 1 120 ? 20.885  2.305   -5.915  1.00 19.27 ? 120 PRO A CB    1 
ATOM   961  C CG    . PRO A 1 120 ? 19.577  2.377   -6.638  1.00 19.56 ? 120 PRO A CG    1 
ATOM   962  C CD    . PRO A 1 120 ? 18.736  1.407   -5.856  1.00 17.81 ? 120 PRO A CD    1 
ATOM   963  N N     . HIS A 1 121 ? 21.194  0.376   -3.269  1.00 15.86 ? 121 HIS A N     1 
ATOM   964  C CA    . HIS A 1 121 ? 21.868  0.171   -1.993  1.00 17.44 ? 121 HIS A CA    1 
ATOM   965  C C     . HIS A 1 121 ? 21.872  -1.286  -1.559  1.00 17.78 ? 121 HIS A C     1 
ATOM   966  O O     . HIS A 1 121 ? 21.979  -1.589  -0.371  1.00 18.05 ? 121 HIS A O     1 
ATOM   967  C CB    . HIS A 1 121 ? 21.198  1.050   -0.939  1.00 17.39 ? 121 HIS A CB    1 
ATOM   968  C CG    . HIS A 1 121 ? 20.957  2.448   -1.415  1.00 20.92 ? 121 HIS A CG    1 
ATOM   969  N ND1   . HIS A 1 121 ? 21.975  3.360   -1.591  1.00 20.52 ? 121 HIS A ND1   1 
ATOM   970  C CD2   . HIS A 1 121 ? 19.828  3.056   -1.854  1.00 21.20 ? 121 HIS A CD2   1 
ATOM   971  C CE1   . HIS A 1 121 ? 21.487  4.466   -2.123  1.00 22.65 ? 121 HIS A CE1   1 
ATOM   972  N NE2   . HIS A 1 121 ? 20.187  4.307   -2.294  1.00 23.44 ? 121 HIS A NE2   1 
ATOM   973  N N     . ALA A 1 122 ? 21.759  -2.181  -2.535  1.00 18.88 ? 122 ALA A N     1 
ATOM   974  C CA    . ALA A 1 122 ? 21.757  -3.616  -2.284  1.00 20.68 ? 122 ALA A CA    1 
ATOM   975  C C     . ALA A 1 122 ? 20.665  -4.002  -1.296  1.00 20.47 ? 122 ALA A C     1 
ATOM   976  O O     . ALA A 1 122 ? 20.845  -4.907  -0.480  1.00 20.03 ? 122 ALA A O     1 
ATOM   977  C CB    . ALA A 1 122 ? 23.121  -4.051  -1.755  1.00 21.43 ? 122 ALA A CB    1 
ATOM   978  N N     . ALA A 1 123 ? 19.526  -3.320  -1.376  1.00 18.68 ? 123 ALA A N     1 
ATOM   979  C CA    . ALA A 1 123 ? 18.417  -3.600  -0.475  1.00 17.55 ? 123 ALA A CA    1 
ATOM   980  C C     . ALA A 1 123 ? 17.174  -4.055  -1.234  1.00 18.14 ? 123 ALA A C     1 
ATOM   981  O O     . ALA A 1 123 ? 16.089  -4.147  -0.660  1.00 17.69 ? 123 ALA A O     1 
ATOM   982  C CB    . ALA A 1 123 ? 18.102  -2.364  0.356   1.00 18.09 ? 123 ALA A CB    1 
ATOM   983  N N     . GLY A 1 124 ? 17.336  -4.341  -2.524  1.00 16.10 ? 124 GLY A N     1 
ATOM   984  C CA    . GLY A 1 124 ? 16.214  -4.795  -3.324  1.00 16.24 ? 124 GLY A CA    1 
ATOM   985  C C     . GLY A 1 124 ? 15.786  -6.196  -2.929  1.00 15.72 ? 124 GLY A C     1 
ATOM   986  O O     . GLY A 1 124 ? 16.533  -6.896  -2.248  1.00 15.62 ? 124 GLY A O     1 
ATOM   987  N N     . PRO A 1 125 ? 14.589  -6.641  -3.339  1.00 16.13 ? 125 PRO A N     1 
ATOM   988  C CA    . PRO A 1 125 ? 14.125  -7.985  -2.982  1.00 16.47 ? 125 PRO A CA    1 
ATOM   989  C C     . PRO A 1 125 ? 14.926  -9.102  -3.638  1.00 18.09 ? 125 PRO A C     1 
ATOM   990  O O     . PRO A 1 125 ? 15.174  -9.077  -4.844  1.00 18.33 ? 125 PRO A O     1 
ATOM   991  C CB    . PRO A 1 125 ? 12.667  -7.975  -3.433  1.00 17.41 ? 125 PRO A CB    1 
ATOM   992  C CG    . PRO A 1 125 ? 12.701  -7.071  -4.628  1.00 17.68 ? 125 PRO A CG    1 
ATOM   993  C CD    . PRO A 1 125 ? 13.582  -5.935  -4.152  1.00 16.86 ? 125 PRO A CD    1 
ATOM   994  N N     . ASN A 1 126 ? 15.328  -10.083 -2.838  1.00 18.72 ? 126 ASN A N     1 
ATOM   995  C CA    . ASN A 1 126 ? 16.092  -11.212 -3.353  1.00 20.87 ? 126 ASN A CA    1 
ATOM   996  C C     . ASN A 1 126 ? 15.817  -12.478 -2.549  1.00 22.11 ? 126 ASN A C     1 
ATOM   997  O O     . ASN A 1 126 ? 16.545  -13.464 -2.660  1.00 22.92 ? 126 ASN A O     1 
ATOM   998  C CB    . ASN A 1 126 ? 17.594  -10.893 -3.348  1.00 22.34 ? 126 ASN A CB    1 
ATOM   999  C CG    . ASN A 1 126 ? 18.159  -10.715 -1.951  1.00 24.14 ? 126 ASN A CG    1 
ATOM   1000 O OD1   . ASN A 1 126 ? 17.428  -10.712 -0.962  1.00 24.38 ? 126 ASN A OD1   1 
ATOM   1001 N ND2   . ASN A 1 126 ? 19.476  -10.558 -1.866  1.00 27.64 ? 126 ASN A ND2   1 
ATOM   1002 N N     . GLY A 1 127 ? 14.759  -12.439 -1.741  1.00 21.32 ? 127 GLY A N     1 
ATOM   1003 C CA    . GLY A 1 127 ? 14.385  -13.589 -0.939  1.00 21.82 ? 127 GLY A CA    1 
ATOM   1004 C C     . GLY A 1 127 ? 15.273  -13.850 0.264   1.00 21.91 ? 127 GLY A C     1 
ATOM   1005 O O     . GLY A 1 127 ? 15.197  -14.918 0.870   1.00 21.86 ? 127 GLY A O     1 
ATOM   1006 N N     . ARG A 1 128 ? 16.113  -12.880 0.614   1.00 21.93 ? 128 ARG A N     1 
ATOM   1007 C CA    . ARG A 1 128 ? 17.010  -13.028 1.755   1.00 22.97 ? 128 ARG A CA    1 
ATOM   1008 C C     . ARG A 1 128 ? 16.595  -12.130 2.915   1.00 22.21 ? 128 ARG A C     1 
ATOM   1009 O O     . ARG A 1 128 ? 15.701  -11.292 2.779   1.00 20.20 ? 128 ARG A O     1 
ATOM   1010 C CB    . ARG A 1 128 ? 18.449  -12.711 1.339   1.00 26.73 ? 128 ARG A CB    1 
ATOM   1011 C CG    . ARG A 1 128 ? 18.990  -13.622 0.244   1.00 32.38 ? 128 ARG A CG    1 
ATOM   1012 C CD    . ARG A 1 128 ? 20.405  -13.226 -0.155  1.00 37.23 ? 128 ARG A CD    1 
ATOM   1013 N NE    . ARG A 1 128 ? 20.865  -13.939 -1.344  1.00 41.22 ? 128 ARG A NE    1 
ATOM   1014 C CZ    . ARG A 1 128 ? 21.039  -15.255 -1.412  1.00 43.48 ? 128 ARG A CZ    1 
ATOM   1015 N NH1   . ARG A 1 128 ? 20.794  -16.015 -0.353  1.00 45.39 ? 128 ARG A NH1   1 
ATOM   1016 N NH2   . ARG A 1 128 ? 21.457  -15.812 -2.541  1.00 44.97 ? 128 ARG A NH2   1 
ATOM   1017 N N     . THR A 1 129 ? 17.256  -12.305 4.054   1.00 20.56 ? 129 THR A N     1 
ATOM   1018 C CA    . THR A 1 129 ? 16.950  -11.529 5.249   1.00 20.75 ? 129 THR A CA    1 
ATOM   1019 C C     . THR A 1 129 ? 17.386  -10.072 5.154   1.00 19.84 ? 129 THR A C     1 
ATOM   1020 O O     . THR A 1 129 ? 18.484  -9.768  4.690   1.00 18.73 ? 129 THR A O     1 
ATOM   1021 C CB    . THR A 1 129 ? 17.604  -12.167 6.492   1.00 22.28 ? 129 THR A CB    1 
ATOM   1022 O OG1   . THR A 1 129 ? 17.162  -13.524 6.616   1.00 25.00 ? 129 THR A OG1   1 
ATOM   1023 C CG2   . THR A 1 129 ? 17.227  -11.404 7.752   1.00 22.79 ? 129 THR A CG2   1 
ATOM   1024 N N     . LYS A 1 130 ? 16.506  -9.177  5.600   1.00 17.19 ? 130 LYS A N     1 
ATOM   1025 C CA    . LYS A 1 130 ? 16.770  -7.742  5.594   1.00 17.53 ? 130 LYS A CA    1 
ATOM   1026 C C     . LYS A 1 130 ? 16.547  -7.191  6.995   1.00 16.51 ? 130 LYS A C     1 
ATOM   1027 O O     . LYS A 1 130 ? 15.794  -7.761  7.785   1.00 15.63 ? 130 LYS A O     1 
ATOM   1028 C CB    . LYS A 1 130 ? 15.825  -7.012  4.629   1.00 18.38 ? 130 LYS A CB    1 
ATOM   1029 C CG    . LYS A 1 130 ? 15.933  -7.410  3.160   1.00 20.15 ? 130 LYS A CG    1 
ATOM   1030 C CD    . LYS A 1 130 ? 17.276  -7.029  2.563   1.00 21.65 ? 130 LYS A CD    1 
ATOM   1031 C CE    . LYS A 1 130 ? 17.246  -7.127  1.043   1.00 22.09 ? 130 LYS A CE    1 
ATOM   1032 N NZ    . LYS A 1 130 ? 16.930  -8.506  0.563   1.00 21.95 ? 130 LYS A NZ    1 
ATOM   1033 N N     . SER A 1 131 ? 17.201  -6.076  7.294   1.00 15.15 ? 131 SER A N     1 
ATOM   1034 C CA    . SER A 1 131 ? 17.067  -5.422  8.589   1.00 16.18 ? 131 SER A CA    1 
ATOM   1035 C C     . SER A 1 131 ? 16.007  -4.324  8.509   1.00 15.54 ? 131 SER A C     1 
ATOM   1036 O O     . SER A 1 131 ? 15.993  -3.541  7.563   1.00 15.88 ? 131 SER A O     1 
ATOM   1037 C CB    . SER A 1 131 ? 18.402  -4.796  8.997   1.00 16.84 ? 131 SER A CB    1 
ATOM   1038 O OG    . SER A 1 131 ? 18.205  -3.776  9.958   1.00 21.16 ? 131 SER A OG    1 
ATOM   1039 N N     . ARG A 1 132 ? 15.131  -4.269  9.507   1.00 15.90 ? 132 ARG A N     1 
ATOM   1040 C CA    . ARG A 1 132 ? 14.073  -3.259  9.551   1.00 15.66 ? 132 ARG A CA    1 
ATOM   1041 C C     . ARG A 1 132 ? 14.660  -1.849  9.604   1.00 16.71 ? 132 ARG A C     1 
ATOM   1042 O O     . ARG A 1 132 ? 14.177  -0.935  8.928   1.00 15.12 ? 132 ARG A O     1 
ATOM   1043 C CB    . ARG A 1 132 ? 13.182  -3.483  10.775  1.00 17.45 ? 132 ARG A CB    1 
ATOM   1044 C CG    . ARG A 1 132 ? 12.046  -2.479  10.915  1.00 19.29 ? 132 ARG A CG    1 
ATOM   1045 C CD    . ARG A 1 132 ? 11.273  -2.704  12.207  1.00 21.63 ? 132 ARG A CD    1 
ATOM   1046 N NE    . ARG A 1 132 ? 12.092  -2.417  13.380  1.00 25.57 ? 132 ARG A NE    1 
ATOM   1047 C CZ    . ARG A 1 132 ? 11.823  -2.859  14.605  1.00 27.18 ? 132 ARG A CZ    1 
ATOM   1048 N NH1   . ARG A 1 132 ? 10.753  -3.614  14.820  1.00 27.74 ? 132 ARG A NH1   1 
ATOM   1049 N NH2   . ARG A 1 132 ? 12.625  -2.550  15.616  1.00 29.49 ? 132 ARG A NH2   1 
ATOM   1050 N N     . GLN A 1 133 ? 15.698  -1.674  10.416  1.00 15.99 ? 133 GLN A N     1 
ATOM   1051 C CA    . GLN A 1 133 ? 16.350  -0.376  10.556  1.00 16.75 ? 133 GLN A CA    1 
ATOM   1052 C C     . GLN A 1 133 ? 16.977  0.066   9.240   1.00 15.21 ? 133 GLN A C     1 
ATOM   1053 O O     . GLN A 1 133 ? 16.954  1.250   8.892   1.00 16.24 ? 133 GLN A O     1 
ATOM   1054 C CB    . GLN A 1 133 ? 17.443  -0.439  11.625  1.00 20.71 ? 133 GLN A CB    1 
ATOM   1055 C CG    . GLN A 1 133 ? 16.971  -0.878  12.992  1.00 28.56 ? 133 GLN A CG    1 
ATOM   1056 C CD    . GLN A 1 133 ? 18.119  -1.025  13.971  1.00 33.36 ? 133 GLN A CD    1 
ATOM   1057 O OE1   . GLN A 1 133 ? 18.771  -0.043  14.334  1.00 36.65 ? 133 GLN A OE1   1 
ATOM   1058 N NE2   . GLN A 1 133 ? 18.381  -2.257  14.397  1.00 37.19 ? 133 GLN A NE2   1 
ATOM   1059 N N     . ALA A 1 134 ? 17.550  -0.890  8.516   1.00 13.34 ? 134 ALA A N     1 
ATOM   1060 C CA    . ALA A 1 134 ? 18.189  -0.596  7.241   1.00 13.29 ? 134 ALA A CA    1 
ATOM   1061 C C     . ALA A 1 134 ? 17.171  -0.120  6.214   1.00 12.31 ? 134 ALA A C     1 
ATOM   1062 O O     . ALA A 1 134 ? 17.358  0.916   5.583   1.00 13.79 ? 134 ALA A O     1 
ATOM   1063 C CB    . ALA A 1 134 ? 18.908  -1.832  6.719   1.00 15.52 ? 134 ALA A CB    1 
ATOM   1064 N N     . ILE A 1 135 ? 16.094  -0.883  6.053   1.00 12.39 ? 135 ILE A N     1 
ATOM   1065 C CA    . ILE A 1 135 ? 15.051  -0.543  5.087   1.00 12.58 ? 135 ILE A CA    1 
ATOM   1066 C C     . ILE A 1 135 ? 14.392  0.791   5.409   1.00 13.44 ? 135 ILE A C     1 
ATOM   1067 O O     . ILE A 1 135 ? 14.168  1.615   4.522   1.00 13.49 ? 135 ILE A O     1 
ATOM   1068 C CB    . ILE A 1 135 ? 13.961  -1.632  5.030   1.00 13.05 ? 135 ILE A CB    1 
ATOM   1069 C CG1   . ILE A 1 135 ? 14.577  -2.965  4.593   1.00 16.12 ? 135 ILE A CG1   1 
ATOM   1070 C CG2   . ILE A 1 135 ? 12.854  -1.209  4.064   1.00 12.89 ? 135 ILE A CG2   1 
ATOM   1071 C CD1   . ILE A 1 135 ? 15.255  -2.923  3.238   1.00 17.41 ? 135 ILE A CD1   1 
ATOM   1072 N N     . LYS A 1 136 ? 14.068  1.006   6.677   1.00 12.86 ? 136 LYS A N     1 
ATOM   1073 C CA    . LYS A 1 136 ? 13.453  2.265   7.064   1.00 14.82 ? 136 LYS A CA    1 
ATOM   1074 C C     . LYS A 1 136 ? 14.436  3.404   6.830   1.00 14.89 ? 136 LYS A C     1 
ATOM   1075 O O     . LYS A 1 136 ? 14.051  4.488   6.391   1.00 14.65 ? 136 LYS A O     1 
ATOM   1076 C CB    . LYS A 1 136 ? 13.024  2.216   8.528   1.00 16.93 ? 136 LYS A CB    1 
ATOM   1077 C CG    . LYS A 1 136 ? 11.991  1.131   8.785   1.00 21.16 ? 136 LYS A CG    1 
ATOM   1078 C CD    . LYS A 1 136 ? 11.369  1.229   10.162  1.00 24.00 ? 136 LYS A CD    1 
ATOM   1079 C CE    . LYS A 1 136 ? 10.485  2.452   10.277  1.00 25.23 ? 136 LYS A CE    1 
ATOM   1080 N NZ    . LYS A 1 136 ? 9.655   2.404   11.506  1.00 28.14 ? 136 LYS A NZ    1 
ATOM   1081 N N     . GLY A 1 137 ? 15.711  3.146   7.110   1.00 13.94 ? 137 GLY A N     1 
ATOM   1082 C CA    . GLY A 1 137 ? 16.734  4.158   6.917   1.00 13.65 ? 137 GLY A CA    1 
ATOM   1083 C C     . GLY A 1 137 ? 16.903  4.583   5.469   1.00 12.56 ? 137 GLY A C     1 
ATOM   1084 O O     . GLY A 1 137 ? 17.029  5.773   5.181   1.00 13.49 ? 137 GLY A O     1 
ATOM   1085 N N     . PHE A 1 138 ? 16.915  3.616   4.555   1.00 12.31 ? 138 PHE A N     1 
ATOM   1086 C CA    . PHE A 1 138 ? 17.065  3.919   3.135   1.00 12.23 ? 138 PHE A CA    1 
ATOM   1087 C C     . PHE A 1 138 ? 15.884  4.730   2.614   1.00 13.60 ? 138 PHE A C     1 
ATOM   1088 O O     . PHE A 1 138 ? 16.066  5.696   1.875   1.00 13.49 ? 138 PHE A O     1 
ATOM   1089 C CB    . PHE A 1 138 ? 17.194  2.627   2.326   1.00 13.57 ? 138 PHE A CB    1 
ATOM   1090 C CG    . PHE A 1 138 ? 18.496  1.899   2.541   1.00 16.23 ? 138 PHE A CG    1 
ATOM   1091 C CD1   . PHE A 1 138 ? 18.521  0.511   2.624   1.00 16.82 ? 138 PHE A CD1   1 
ATOM   1092 C CD2   . PHE A 1 138 ? 19.697  2.599   2.637   1.00 17.26 ? 138 PHE A CD2   1 
ATOM   1093 C CE1   . PHE A 1 138 ? 19.724  -0.175  2.802   1.00 18.15 ? 138 PHE A CE1   1 
ATOM   1094 C CE2   . PHE A 1 138 ? 20.905  1.923   2.813   1.00 18.92 ? 138 PHE A CE2   1 
ATOM   1095 C CZ    . PHE A 1 138 ? 20.918  0.533   2.896   1.00 17.62 ? 138 PHE A CZ    1 
ATOM   1096 N N     . LEU A 1 139 ? 14.673  4.341   3.000   1.00 12.38 ? 139 LEU A N     1 
ATOM   1097 C CA    . LEU A 1 139 ? 13.487  5.060   2.551   1.00 12.57 ? 139 LEU A CA    1 
ATOM   1098 C C     . LEU A 1 139 ? 13.437  6.467   3.148   1.00 13.04 ? 139 LEU A C     1 
ATOM   1099 O O     . LEU A 1 139 ? 13.037  7.418   2.475   1.00 14.30 ? 139 LEU A O     1 
ATOM   1100 C CB    . LEU A 1 139 ? 12.224  4.262   2.900   1.00 12.75 ? 139 LEU A CB    1 
ATOM   1101 C CG    . LEU A 1 139 ? 12.137  2.936   2.129   1.00 14.10 ? 139 LEU A CG    1 
ATOM   1102 C CD1   . LEU A 1 139 ? 10.867  2.177   2.498   1.00 14.85 ? 139 LEU A CD1   1 
ATOM   1103 C CD2   . LEU A 1 139 ? 12.161  3.227   0.636   1.00 16.02 ? 139 LEU A CD2   1 
ATOM   1104 N N     . LYS A 1 140 ? 13.857  6.598   4.402   1.00 13.51 ? 140 LYS A N     1 
ATOM   1105 C CA    . LYS A 1 140 ? 13.881  7.899   5.072   1.00 16.36 ? 140 LYS A CA    1 
ATOM   1106 C C     . LYS A 1 140 ? 14.835  8.838   4.329   1.00 17.08 ? 140 LYS A C     1 
ATOM   1107 O O     . LYS A 1 140 ? 14.540  10.020  4.131   1.00 16.46 ? 140 LYS A O     1 
ATOM   1108 C CB    . LYS A 1 140 ? 14.351  7.729   6.522   1.00 17.49 ? 140 LYS A CB    1 
ATOM   1109 C CG    . LYS A 1 140 ? 14.780  9.015   7.227   1.00 24.15 ? 140 LYS A CG    1 
ATOM   1110 C CD    . LYS A 1 140 ? 13.598  9.843   7.676   1.00 27.85 ? 140 LYS A CD    1 
ATOM   1111 C CE    . LYS A 1 140 ? 14.049  11.024  8.531   1.00 30.67 ? 140 LYS A CE    1 
ATOM   1112 N NZ    . LYS A 1 140 ? 12.890  11.783  9.083   1.00 32.37 ? 140 LYS A NZ    1 
ATOM   1113 N N     . ALA A 1 141 ? 15.975  8.301   3.913   1.00 16.96 ? 141 ALA A N     1 
ATOM   1114 C CA    . ALA A 1 141 ? 16.979  9.088   3.204   1.00 18.71 ? 141 ALA A CA    1 
ATOM   1115 C C     . ALA A 1 141 ? 16.503  9.560   1.833   1.00 18.87 ? 141 ALA A C     1 
ATOM   1116 O O     . ALA A 1 141 ? 16.796  10.679  1.417   1.00 18.89 ? 141 ALA A O     1 
ATOM   1117 C CB    . ALA A 1 141 ? 18.264  8.277   3.054   1.00 17.05 ? 141 ALA A CB    1 
ATOM   1118 N N     . LYS A 1 142 ? 15.758  8.709   1.137   1.00 17.81 ? 142 LYS A N     1 
ATOM   1119 C CA    . LYS A 1 142 ? 15.279  9.057   -0.193  1.00 18.31 ? 142 LYS A CA    1 
ATOM   1120 C C     . LYS A 1 142 ? 14.014  9.905   -0.206  1.00 17.60 ? 142 LYS A C     1 
ATOM   1121 O O     . LYS A 1 142 ? 13.891  10.823  -1.021  1.00 18.12 ? 142 LYS A O     1 
ATOM   1122 C CB    . LYS A 1 142 ? 15.070  7.781   -1.014  1.00 21.11 ? 142 LYS A CB    1 
ATOM   1123 C CG    . LYS A 1 142 ? 16.374  7.119   -1.460  1.00 26.73 ? 142 LYS A CG    1 
ATOM   1124 C CD    . LYS A 1 142 ? 17.354  6.965   -0.301  1.00 31.47 ? 142 LYS A CD    1 
ATOM   1125 C CE    . LYS A 1 142 ? 18.668  6.355   -0.744  1.00 35.21 ? 142 LYS A CE    1 
ATOM   1126 N NZ    . LYS A 1 142 ? 19.305  7.160   -1.824  1.00 37.60 ? 142 LYS A NZ    1 
ATOM   1127 N N     . PHE A 1 143 ? 13.086  9.622   0.699   1.00 14.73 ? 143 PHE A N     1 
ATOM   1128 C CA    . PHE A 1 143 ? 11.832  10.367  0.737   1.00 14.66 ? 143 PHE A CA    1 
ATOM   1129 C C     . PHE A 1 143 ? 11.720  11.411  1.839   1.00 14.21 ? 143 PHE A C     1 
ATOM   1130 O O     . PHE A 1 143 ? 10.844  12.275  1.785   1.00 15.31 ? 143 PHE A O     1 
ATOM   1131 C CB    . PHE A 1 143 ? 10.665  9.383   0.791   1.00 14.81 ? 143 PHE A CB    1 
ATOM   1132 C CG    . PHE A 1 143 ? 10.615  8.468   -0.398  1.00 16.17 ? 143 PHE A CG    1 
ATOM   1133 C CD1   . PHE A 1 143 ? 10.888  7.113   -0.265  1.00 16.38 ? 143 PHE A CD1   1 
ATOM   1134 C CD2   . PHE A 1 143 ? 10.341  8.975   -1.665  1.00 17.68 ? 143 PHE A CD2   1 
ATOM   1135 C CE1   . PHE A 1 143 ? 10.892  6.276   -1.376  1.00 16.45 ? 143 PHE A CE1   1 
ATOM   1136 C CE2   . PHE A 1 143 ? 10.343  8.145   -2.782  1.00 18.12 ? 143 PHE A CE2   1 
ATOM   1137 C CZ    . PHE A 1 143 ? 10.620  6.794   -2.638  1.00 18.30 ? 143 PHE A CZ    1 
ATOM   1138 N N     . GLY A 1 144 ? 12.594  11.331  2.838   1.00 13.78 ? 144 GLY A N     1 
ATOM   1139 C CA    . GLY A 1 144 ? 12.589  12.327  3.900   1.00 14.76 ? 144 GLY A CA    1 
ATOM   1140 C C     . GLY A 1 144 ? 11.916  12.000  5.215   1.00 12.17 ? 144 GLY A C     1 
ATOM   1141 O O     . GLY A 1 144 ? 12.150  12.681  6.211   1.00 14.41 ? 144 GLY A O     1 
ATOM   1142 N N     . LYS A 1 145 ? 11.087  10.962  5.231   1.00 10.81 ? 145 LYS A N     1 
ATOM   1143 C CA    . LYS A 1 145 ? 10.381  10.574  6.443   1.00 9.71  ? 145 LYS A CA    1 
ATOM   1144 C C     . LYS A 1 145 ? 10.386  9.057   6.567   1.00 10.12 ? 145 LYS A C     1 
ATOM   1145 O O     . LYS A 1 145 ? 10.598  8.346   5.581   1.00 10.02 ? 145 LYS A O     1 
ATOM   1146 C CB    . LYS A 1 145 ? 8.934   11.074  6.398   1.00 10.70 ? 145 LYS A CB    1 
ATOM   1147 C CG    . LYS A 1 145 ? 8.793   12.593  6.300   1.00 11.02 ? 145 LYS A CG    1 
ATOM   1148 C CD    . LYS A 1 145 ? 9.320   13.294  7.545   1.00 14.29 ? 145 LYS A CD    1 
ATOM   1149 C CE    . LYS A 1 145 ? 9.166   14.804  7.420   1.00 17.55 ? 145 LYS A CE    1 
ATOM   1150 N NZ    . LYS A 1 145 ? 9.709   15.530  8.602   1.00 21.76 ? 145 LYS A NZ    1 
ATOM   1151 N N     . PHE A 1 146 ? 10.147  8.567   7.779   1.00 8.49  ? 146 PHE A N     1 
ATOM   1152 C CA    . PHE A 1 146 ? 10.133  7.129   8.024   1.00 9.37  ? 146 PHE A CA    1 
ATOM   1153 C C     . PHE A 1 146 ? 8.864   6.462   7.516   1.00 8.26  ? 146 PHE A C     1 
ATOM   1154 O O     . PHE A 1 146 ? 7.761   6.967   7.718   1.00 8.54  ? 146 PHE A O     1 
ATOM   1155 C CB    . PHE A 1 146 ? 10.251  6.835   9.519   1.00 9.34  ? 146 PHE A CB    1 
ATOM   1156 C CG    . PHE A 1 146 ? 11.580  7.197   10.111  1.00 11.60 ? 146 PHE A CG    1 
ATOM   1157 C CD1   . PHE A 1 146 ? 11.691  8.255   11.008  1.00 13.28 ? 146 PHE A CD1   1 
ATOM   1158 C CD2   . PHE A 1 146 ? 12.716  6.467   9.788   1.00 13.28 ? 146 PHE A CD2   1 
ATOM   1159 C CE1   . PHE A 1 146 ? 12.923  8.576   11.579  1.00 15.43 ? 146 PHE A CE1   1 
ATOM   1160 C CE2   . PHE A 1 146 ? 13.955  6.780   10.355  1.00 14.70 ? 146 PHE A CE2   1 
ATOM   1161 C CZ    . PHE A 1 146 ? 14.055  7.835   11.250  1.00 14.19 ? 146 PHE A CZ    1 
ATOM   1162 N N     . PRO A 1 147 ? 9.009   5.310   6.847   1.00 7.74  ? 147 PRO A N     1 
ATOM   1163 C CA    . PRO A 1 147 ? 7.855   4.576   6.325   1.00 9.11  ? 147 PRO A CA    1 
ATOM   1164 C C     . PRO A 1 147 ? 7.407   3.613   7.416   1.00 8.85  ? 147 PRO A C     1 
ATOM   1165 O O     . PRO A 1 147 ? 8.060   3.494   8.453   1.00 9.74  ? 147 PRO A O     1 
ATOM   1166 C CB    . PRO A 1 147 ? 8.442   3.819   5.148   1.00 8.80  ? 147 PRO A CB    1 
ATOM   1167 C CG    . PRO A 1 147 ? 9.787   3.411   5.708   1.00 8.72  ? 147 PRO A CG    1 
ATOM   1168 C CD    . PRO A 1 147 ? 10.267  4.714   6.361   1.00 8.76  ? 147 PRO A CD    1 
ATOM   1169 N N     . GLY A 1 148 ? 6.286   2.945   7.186   1.00 8.54  ? 148 GLY A N     1 
ATOM   1170 C CA    . GLY A 1 148 ? 5.810   1.961   8.135   1.00 7.71  ? 148 GLY A CA    1 
ATOM   1171 C C     . GLY A 1 148 ? 6.018   0.640   7.423   1.00 9.16  ? 148 GLY A C     1 
ATOM   1172 O O     . GLY A 1 148 ? 5.761   0.545   6.224   1.00 10.32 ? 148 GLY A O     1 
ATOM   1173 N N     . LEU A 1 149 ? 6.508   -0.370  8.132   1.00 8.42  ? 149 LEU A N     1 
ATOM   1174 C CA    . LEU A 1 149 ? 6.733   -1.672  7.512   1.00 8.45  ? 149 LEU A CA    1 
ATOM   1175 C C     . LEU A 1 149 ? 5.785   -2.692  8.124   1.00 9.09  ? 149 LEU A C     1 
ATOM   1176 O O     . LEU A 1 149 ? 5.652   -2.768  9.343   1.00 10.47 ? 149 LEU A O     1 
ATOM   1177 C CB    . LEU A 1 149 ? 8.189   -2.106  7.709   1.00 9.83  ? 149 LEU A CB    1 
ATOM   1178 C CG    . LEU A 1 149 ? 9.246   -1.128  7.174   1.00 10.95 ? 149 LEU A CG    1 
ATOM   1179 C CD1   . LEU A 1 149 ? 10.631  -1.712  7.402   1.00 14.34 ? 149 LEU A CD1   1 
ATOM   1180 C CD2   . LEU A 1 149 ? 9.023   -0.865  5.688   1.00 12.33 ? 149 LEU A CD2   1 
ATOM   1181 N N     . ARG A 1 150 ? 5.108   -3.461  7.274   1.00 8.21  ? 150 ARG A N     1 
ATOM   1182 C CA    . ARG A 1 150 ? 4.163   -4.465  7.744   1.00 8.59  ? 150 ARG A CA    1 
ATOM   1183 C C     . ARG A 1 150 ? 4.566   -5.847  7.262   1.00 9.60  ? 150 ARG A C     1 
ATOM   1184 O O     . ARG A 1 150 ? 4.822   -6.065  6.075   1.00 9.92  ? 150 ARG A O     1 
ATOM   1185 C CB    . ARG A 1 150 ? 2.748   -4.112  7.281   1.00 9.64  ? 150 ARG A CB    1 
ATOM   1186 C CG    . ARG A 1 150 ? 2.203   -2.870  7.985   1.00 12.48 ? 150 ARG A CG    1 
ATOM   1187 C CD    . ARG A 1 150 ? 1.063   -2.226  7.219   1.00 16.21 ? 150 ARG A CD    1 
ATOM   1188 N NE    . ARG A 1 150 ? -0.124  -3.070  7.123   1.00 19.55 ? 150 ARG A NE    1 
ATOM   1189 C CZ    . ARG A 1 150 ? -0.979  -3.289  8.118   1.00 20.73 ? 150 ARG A CZ    1 
ATOM   1190 N NH1   . ARG A 1 150 ? -0.785  -2.730  9.306   1.00 23.39 ? 150 ARG A NH1   1 
ATOM   1191 N NH2   . ARG A 1 150 ? -2.044  -4.051  7.915   1.00 23.01 ? 150 ARG A NH2   1 
ATOM   1192 N N     . CYS A 1 151 ? 4.613   -6.779  8.205   1.00 10.19 ? 151 CYS A N     1 
ATOM   1193 C CA    . CYS A 1 151 ? 5.034   -8.144  7.931   1.00 10.08 ? 151 CYS A CA    1 
ATOM   1194 C C     . CYS A 1 151 ? 3.982   -9.172  8.324   1.00 11.41 ? 151 CYS A C     1 
ATOM   1195 O O     . CYS A 1 151 ? 3.037   -8.871  9.045   1.00 12.45 ? 151 CYS A O     1 
ATOM   1196 C CB    . CYS A 1 151 ? 6.320   -8.440  8.715   1.00 9.63  ? 151 CYS A CB    1 
ATOM   1197 S SG    . CYS A 1 151 ? 7.854   -7.655  8.116   1.00 10.52 ? 151 CYS A SG    1 
ATOM   1198 N N     . ARG A 1 152 ? 4.159   -10.392 7.831   1.00 12.29 ? 152 ARG A N     1 
ATOM   1199 C CA    . ARG A 1 152 ? 3.270   -11.494 8.175   1.00 13.42 ? 152 ARG A CA    1 
ATOM   1200 C C     . ARG A 1 152 ? 4.158   -12.709 8.387   1.00 13.21 ? 152 ARG A C     1 
ATOM   1201 O O     . ARG A 1 152 ? 5.166   -12.872 7.700   1.00 11.70 ? 152 ARG A O     1 
ATOM   1202 C CB    . ARG A 1 152 ? 2.257   -11.758 7.061   1.00 15.17 ? 152 ARG A CB    1 
ATOM   1203 C CG    . ARG A 1 152 ? 1.147   -10.724 7.010   1.00 18.56 ? 152 ARG A CG    1 
ATOM   1204 C CD    . ARG A 1 152 ? 0.181   -10.998 5.870   1.00 23.53 ? 152 ARG A CD    1 
ATOM   1205 N NE    . ARG A 1 152 ? -0.511  -12.273 6.032   1.00 25.74 ? 152 ARG A NE    1 
ATOM   1206 C CZ    . ARG A 1 152 ? -1.350  -12.783 5.134   1.00 28.19 ? 152 ARG A CZ    1 
ATOM   1207 N NH1   . ARG A 1 152 ? -1.599  -12.125 4.007   1.00 27.17 ? 152 ARG A NH1   1 
ATOM   1208 N NH2   . ARG A 1 152 ? -1.939  -13.948 5.361   1.00 28.68 ? 152 ARG A NH2   1 
ATOM   1209 N N     . THR A 1 153 ? 3.794   -13.550 9.348   1.00 13.81 ? 153 THR A N     1 
ATOM   1210 C CA    . THR A 1 153 ? 4.581   -14.740 9.652   1.00 14.97 ? 153 THR A CA    1 
ATOM   1211 C C     . THR A 1 153 ? 4.017   -15.975 8.965   1.00 16.87 ? 153 THR A C     1 
ATOM   1212 O O     . THR A 1 153 ? 2.813   -16.231 9.020   1.00 17.35 ? 153 THR A O     1 
ATOM   1213 C CB    . THR A 1 153 ? 4.626   -14.984 11.171  1.00 14.78 ? 153 THR A CB    1 
ATOM   1214 O OG1   . THR A 1 153 ? 5.158   -13.822 11.819  1.00 16.71 ? 153 THR A OG1   1 
ATOM   1215 C CG2   . THR A 1 153 ? 5.505   -16.191 11.496  1.00 15.34 ? 153 THR A CG2   1 
ATOM   1216 N N     . ASP A 1 154 ? 4.891   -16.737 8.314   1.00 17.53 ? 154 ASP A N     1 
ATOM   1217 C CA    . ASP A 1 154 ? 4.468   -17.945 7.619   1.00 21.59 ? 154 ASP A CA    1 
ATOM   1218 C C     . ASP A 1 154 ? 4.122   -19.009 8.652   1.00 23.57 ? 154 ASP A C     1 
ATOM   1219 O O     . ASP A 1 154 ? 4.932   -19.330 9.520   1.00 21.88 ? 154 ASP A O     1 
ATOM   1220 C CB    . ASP A 1 154 ? 5.579   -18.445 6.696   1.00 21.74 ? 154 ASP A CB    1 
ATOM   1221 C CG    . ASP A 1 154 ? 5.156   -19.649 5.873   1.00 25.42 ? 154 ASP A CG    1 
ATOM   1222 O OD1   . ASP A 1 154 ? 5.104   -20.764 6.428   1.00 26.81 ? 154 ASP A OD1   1 
ATOM   1223 O OD2   . ASP A 1 154 ? 4.865   -19.474 4.672   1.00 26.84 ? 154 ASP A OD2   1 
ATOM   1224 N N     . PRO A 1 155 ? 2.902   -19.562 8.576   1.00 25.40 ? 155 PRO A N     1 
ATOM   1225 C CA    . PRO A 1 155 ? 2.438   -20.592 9.508   1.00 27.32 ? 155 PRO A CA    1 
ATOM   1226 C C     . PRO A 1 155 ? 3.294   -21.858 9.525   1.00 27.25 ? 155 PRO A C     1 
ATOM   1227 O O     . PRO A 1 155 ? 3.391   -22.529 10.546  1.00 29.18 ? 155 PRO A O     1 
ATOM   1228 C CB    . PRO A 1 155 ? 1.014   -20.873 9.028   1.00 28.53 ? 155 PRO A CB    1 
ATOM   1229 C CG    . PRO A 1 155 ? 0.592   -19.561 8.434   1.00 27.74 ? 155 PRO A CG    1 
ATOM   1230 C CD    . PRO A 1 155 ? 1.822   -19.167 7.656   1.00 26.44 ? 155 PRO A CD    1 
ATOM   1231 N N     . GLN A 1 156 ? 3.918   -22.175 8.397   1.00 27.77 ? 156 GLN A N     1 
ATOM   1232 C CA    . GLN A 1 156 ? 4.743   -23.379 8.293   1.00 27.63 ? 156 GLN A CA    1 
ATOM   1233 C C     . GLN A 1 156 ? 6.174   -23.266 8.818   1.00 26.92 ? 156 GLN A C     1 
ATOM   1234 O O     . GLN A 1 156 ? 6.644   -24.151 9.536   1.00 25.61 ? 156 GLN A O     1 
ATOM   1235 C CB    . GLN A 1 156 ? 4.780   -23.858 6.839   1.00 30.06 ? 156 GLN A CB    1 
ATOM   1236 C CG    . GLN A 1 156 ? 3.769   -24.950 6.516   1.00 34.33 ? 156 GLN A CG    1 
ATOM   1237 C CD    . GLN A 1 156 ? 2.375   -24.621 7.006   1.00 35.77 ? 156 GLN A CD    1 
ATOM   1238 O OE1   . GLN A 1 156 ? 1.740   -23.680 6.527   1.00 39.20 ? 156 GLN A OE1   1 
ATOM   1239 N NE2   . GLN A 1 156 ? 1.891   -25.396 7.969   1.00 37.93 ? 156 GLN A NE2   1 
ATOM   1240 N N     . THR A 1 157 ? 6.865   -22.189 8.462   1.00 24.64 ? 157 THR A N     1 
ATOM   1241 C CA    . THR A 1 157 ? 8.250   -22.006 8.887   1.00 23.23 ? 157 THR A CA    1 
ATOM   1242 C C     . THR A 1 157 ? 8.427   -21.001 10.018  1.00 21.59 ? 157 THR A C     1 
ATOM   1243 O O     . THR A 1 157 ? 9.491   -20.935 10.636  1.00 20.71 ? 157 THR A O     1 
ATOM   1244 C CB    . THR A 1 157 ? 9.128   -21.554 7.709   1.00 24.83 ? 157 THR A CB    1 
ATOM   1245 O OG1   . THR A 1 157 ? 8.641   -20.303 7.201   1.00 25.24 ? 157 THR A OG1   1 
ATOM   1246 C CG2   . THR A 1 157 ? 9.101   -22.593 6.599   1.00 25.71 ? 157 THR A CG2   1 
ATOM   1247 N N     . LYS A 1 158 ? 7.382   -20.222 10.281  1.00 20.70 ? 158 LYS A N     1 
ATOM   1248 C CA    . LYS A 1 158 ? 7.406   -19.208 11.331  1.00 20.64 ? 158 LYS A CA    1 
ATOM   1249 C C     . LYS A 1 158 ? 8.386   -18.087 10.997  1.00 20.02 ? 158 LYS A C     1 
ATOM   1250 O O     . LYS A 1 158 ? 8.825   -17.348 11.878  1.00 20.27 ? 158 LYS A O     1 
ATOM   1251 C CB    . LYS A 1 158 ? 7.769   -19.836 12.680  1.00 23.45 ? 158 LYS A CB    1 
ATOM   1252 C CG    . LYS A 1 158 ? 6.837   -20.960 13.110  1.00 26.80 ? 158 LYS A CG    1 
ATOM   1253 C CD    . LYS A 1 158 ? 5.398   -20.485 13.250  1.00 29.31 ? 158 LYS A CD    1 
ATOM   1254 C CE    . LYS A 1 158 ? 4.478   -21.640 13.626  1.00 31.77 ? 158 LYS A CE    1 
ATOM   1255 N NZ    . LYS A 1 158 ? 3.055   -21.215 13.755  1.00 34.79 ? 158 LYS A NZ    1 
ATOM   1256 N N     . VAL A 1 159 ? 8.727   -17.971 9.718   1.00 19.17 ? 159 VAL A N     1 
ATOM   1257 C CA    . VAL A 1 159 ? 9.633   -16.927 9.255   1.00 17.42 ? 159 VAL A CA    1 
ATOM   1258 C C     . VAL A 1 159 ? 8.777   -15.718 8.879   1.00 16.57 ? 159 VAL A C     1 
ATOM   1259 O O     . VAL A 1 159 ? 7.675   -15.877 8.357   1.00 14.84 ? 159 VAL A O     1 
ATOM   1260 C CB    . VAL A 1 159 ? 10.437  -17.394 8.026   1.00 19.61 ? 159 VAL A CB    1 
ATOM   1261 C CG1   . VAL A 1 159 ? 11.285  -16.251 7.490   1.00 20.40 ? 159 VAL A CG1   1 
ATOM   1262 C CG2   . VAL A 1 159 ? 11.332  -18.571 8.411   1.00 21.71 ? 159 VAL A CG2   1 
ATOM   1263 N N     . SER A 1 160 ? 9.287   -14.520 9.147   1.00 14.69 ? 160 SER A N     1 
ATOM   1264 C CA    . SER A 1 160 ? 8.561   -13.283 8.860   1.00 13.99 ? 160 SER A CA    1 
ATOM   1265 C C     . SER A 1 160 ? 8.897   -12.725 7.482   1.00 14.17 ? 160 SER A C     1 
ATOM   1266 O O     . SER A 1 160 ? 10.063  -12.691 7.092   1.00 13.29 ? 160 SER A O     1 
ATOM   1267 C CB    . SER A 1 160 ? 8.891   -12.238 9.932   1.00 16.29 ? 160 SER A CB    1 
ATOM   1268 O OG    . SER A 1 160 ? 8.148   -11.047 9.744   1.00 17.67 ? 160 SER A OG    1 
ATOM   1269 N N     . TYR A 1 161 ? 7.869   -12.286 6.755   1.00 11.50 ? 161 TYR A N     1 
ATOM   1270 C CA    . TYR A 1 161 ? 8.046   -11.722 5.419   1.00 10.92 ? 161 TYR A CA    1 
ATOM   1271 C C     . TYR A 1 161 ? 7.469   -10.324 5.324   1.00 10.68 ? 161 TYR A C     1 
ATOM   1272 O O     . TYR A 1 161 ? 6.398   -10.058 5.863   1.00 11.27 ? 161 TYR A O     1 
ATOM   1273 C CB    . TYR A 1 161 ? 7.329   -12.561 4.362   1.00 11.58 ? 161 TYR A CB    1 
ATOM   1274 C CG    . TYR A 1 161 ? 7.942   -13.910 4.096   1.00 13.58 ? 161 TYR A CG    1 
ATOM   1275 C CD1   . TYR A 1 161 ? 7.826   -14.945 5.020   1.00 16.73 ? 161 TYR A CD1   1 
ATOM   1276 C CD2   . TYR A 1 161 ? 8.632   -14.153 2.914   1.00 16.50 ? 161 TYR A CD2   1 
ATOM   1277 C CE1   . TYR A 1 161 ? 8.384   -16.195 4.769   1.00 16.01 ? 161 TYR A CE1   1 
ATOM   1278 C CE2   . TYR A 1 161 ? 9.193   -15.398 2.654   1.00 18.58 ? 161 TYR A CE2   1 
ATOM   1279 C CZ    . TYR A 1 161 ? 9.064   -16.412 3.585   1.00 17.66 ? 161 TYR A CZ    1 
ATOM   1280 O OH    . TYR A 1 161 ? 9.615   -17.647 3.326   1.00 21.10 ? 161 TYR A OH    1 
ATOM   1281 N N     . LEU A 1 162 ? 8.174   -9.436  4.626   1.00 8.98  ? 162 LEU A N     1 
ATOM   1282 C CA    . LEU A 1 162 ? 7.677   -8.082  4.424   1.00 7.78  ? 162 LEU A CA    1 
ATOM   1283 C C     . LEU A 1 162 ? 6.570   -8.206  3.386   1.00 9.14  ? 162 LEU A C     1 
ATOM   1284 O O     . LEU A 1 162 ? 6.773   -8.818  2.337   1.00 10.24 ? 162 LEU A O     1 
ATOM   1285 C CB    . LEU A 1 162 ? 8.778   -7.176  3.876   1.00 9.47  ? 162 LEU A CB    1 
ATOM   1286 C CG    . LEU A 1 162 ? 8.319   -5.752  3.545   1.00 11.22 ? 162 LEU A CG    1 
ATOM   1287 C CD1   . LEU A 1 162 ? 7.989   -5.026  4.842   1.00 11.39 ? 162 LEU A CD1   1 
ATOM   1288 C CD2   . LEU A 1 162 ? 9.413   -5.011  2.786   1.00 14.70 ? 162 LEU A CD2   1 
ATOM   1289 N N     . VAL A 1 163 ? 5.403   -7.633  3.671   1.00 8.64  ? 163 VAL A N     1 
ATOM   1290 C CA    . VAL A 1 163 ? 4.288   -7.706  2.736   1.00 9.10  ? 163 VAL A CA    1 
ATOM   1291 C C     . VAL A 1 163 ? 3.787   -6.340  2.281   1.00 9.68  ? 163 VAL A C     1 
ATOM   1292 O O     . VAL A 1 163 ? 3.337   -6.190  1.146   1.00 7.72  ? 163 VAL A O     1 
ATOM   1293 C CB    . VAL A 1 163 ? 3.104   -8.499  3.344   1.00 11.35 ? 163 VAL A CB    1 
ATOM   1294 C CG1   . VAL A 1 163 ? 1.894   -8.426  2.431   1.00 15.54 ? 163 VAL A CG1   1 
ATOM   1295 C CG2   . VAL A 1 163 ? 3.506   -9.958  3.531   1.00 11.79 ? 163 VAL A CG2   1 
ATOM   1296 N N     . GLN A 1 164 ? 3.859   -5.343  3.160   1.00 7.76  ? 164 GLN A N     1 
ATOM   1297 C CA    . GLN A 1 164 ? 3.390   -4.005  2.805   1.00 7.36  ? 164 GLN A CA    1 
ATOM   1298 C C     . GLN A 1 164 ? 4.323   -2.915  3.305   1.00 6.95  ? 164 GLN A C     1 
ATOM   1299 O O     . GLN A 1 164 ? 4.998   -3.081  4.318   1.00 6.49  ? 164 GLN A O     1 
ATOM   1300 C CB    . GLN A 1 164 ? 1.998   -3.760  3.394   1.00 8.54  ? 164 GLN A CB    1 
ATOM   1301 C CG    . GLN A 1 164 ? 0.918   -4.699  2.866   1.00 10.16 ? 164 GLN A CG    1 
ATOM   1302 C CD    . GLN A 1 164 ? -0.348  -4.648  3.694   1.00 14.91 ? 164 GLN A CD    1 
ATOM   1303 O OE1   . GLN A 1 164 ? -0.296  -4.548  4.919   1.00 18.77 ? 164 GLN A OE1   1 
ATOM   1304 N NE2   . GLN A 1 164 ? -1.493  -4.735  3.033   1.00 15.29 ? 164 GLN A NE2   1 
ATOM   1305 N N     . VAL A 1 165 ? 4.360   -1.802  2.581   1.00 6.90  ? 165 VAL A N     1 
ATOM   1306 C CA    . VAL A 1 165 ? 5.170   -0.656  2.969   1.00 6.40  ? 165 VAL A CA    1 
ATOM   1307 C C     . VAL A 1 165 ? 4.201   0.515   2.993   1.00 6.97  ? 165 VAL A C     1 
ATOM   1308 O O     . VAL A 1 165 ? 3.447   0.732   2.041   1.00 7.01  ? 165 VAL A O     1 
ATOM   1309 C CB    . VAL A 1 165 ? 6.308   -0.378  1.960   1.00 8.00  ? 165 VAL A CB    1 
ATOM   1310 C CG1   . VAL A 1 165 ? 7.033   0.912   2.335   1.00 9.47  ? 165 VAL A CG1   1 
ATOM   1311 C CG2   . VAL A 1 165 ? 7.293   -1.544  1.954   1.00 7.78  ? 165 VAL A CG2   1 
ATOM   1312 N N     . VAL A 1 166 ? 4.214   1.257   4.091   1.00 6.67  ? 166 VAL A N     1 
ATOM   1313 C CA    . VAL A 1 166 ? 3.307   2.388   4.252   1.00 6.93  ? 166 VAL A CA    1 
ATOM   1314 C C     . VAL A 1 166 ? 4.023   3.724   4.200   1.00 7.84  ? 166 VAL A C     1 
ATOM   1315 O O     . VAL A 1 166 ? 5.100   3.887   4.772   1.00 8.01  ? 166 VAL A O     1 
ATOM   1316 C CB    . VAL A 1 166 ? 2.564   2.304   5.610   1.00 8.42  ? 166 VAL A CB    1 
ATOM   1317 C CG1   . VAL A 1 166 ? 1.570   3.459   5.745   1.00 8.92  ? 166 VAL A CG1   1 
ATOM   1318 C CG2   . VAL A 1 166 ? 1.861   0.966   5.736   1.00 9.11  ? 166 VAL A CG2   1 
ATOM   1319 N N     . ALA A 1 167 ? 3.418   4.674   3.493   1.00 6.84  ? 167 ALA A N     1 
ATOM   1320 C CA    . ALA A 1 167 ? 3.946   6.030   3.413   1.00 7.71  ? 167 ALA A CA    1 
ATOM   1321 C C     . ALA A 1 167 ? 2.869   6.834   4.128   1.00 8.45  ? 167 ALA A C     1 
ATOM   1322 O O     . ALA A 1 167 ? 1.691   6.711   3.800   1.00 8.13  ? 167 ALA A O     1 
ATOM   1323 C CB    . ALA A 1 167 ? 4.067   6.482   1.957   1.00 9.96  ? 167 ALA A CB    1 
ATOM   1324 N N     . CYS A 1 168 ? 3.263   7.631   5.114   1.00 8.17  ? 168 CYS A N     1 
ATOM   1325 C CA    . CYS A 1 168 ? 2.302   8.425   5.876   1.00 6.75  ? 168 CYS A CA    1 
ATOM   1326 C C     . CYS A 1 168 ? 2.258   9.862   5.377   1.00 7.35  ? 168 CYS A C     1 
ATOM   1327 O O     . CYS A 1 168 ? 3.301   10.472  5.148   1.00 7.80  ? 168 CYS A O     1 
ATOM   1328 C CB    . CYS A 1 168 ? 2.660   8.359   7.372   1.00 8.19  ? 168 CYS A CB    1 
ATOM   1329 S SG    . CYS A 1 168 ? 2.416   6.656   7.976   1.00 11.09 ? 168 CYS A SG    1 
ATOM   1330 N N     . PHE A 1 169 ? 1.045   10.381  5.186   1.00 8.46  ? 169 PHE A N     1 
ATOM   1331 C CA    . PHE A 1 169 ? 0.842   11.746  4.695   1.00 9.16  ? 169 PHE A CA    1 
ATOM   1332 C C     . PHE A 1 169 ? -0.065  12.553  5.617   1.00 10.30 ? 169 PHE A C     1 
ATOM   1333 O O     . PHE A 1 169 ? -0.935  11.999  6.290   1.00 10.10 ? 169 PHE A O     1 
ATOM   1334 C CB    . PHE A 1 169 ? 0.188   11.745  3.302   1.00 9.48  ? 169 PHE A CB    1 
ATOM   1335 C CG    . PHE A 1 169 ? 1.080   11.256  2.197   1.00 9.67  ? 169 PHE A CG    1 
ATOM   1336 C CD1   . PHE A 1 169 ? 1.176   9.899   1.909   1.00 10.10 ? 169 PHE A CD1   1 
ATOM   1337 C CD2   . PHE A 1 169 ? 1.824   12.157  1.440   1.00 9.41  ? 169 PHE A CD2   1 
ATOM   1338 C CE1   . PHE A 1 169 ? 2.002   9.447   0.879   1.00 10.57 ? 169 PHE A CE1   1 
ATOM   1339 C CE2   . PHE A 1 169 ? 2.654   11.715  0.410   1.00 12.49 ? 169 PHE A CE2   1 
ATOM   1340 C CZ    . PHE A 1 169 ? 2.743   10.357  0.129   1.00 12.50 ? 169 PHE A CZ    1 
ATOM   1341 N N     . ALA A 1 170 ? 0.135   13.869  5.632   1.00 12.07 ? 170 ALA A N     1 
ATOM   1342 C CA    . ALA A 1 170 ? -0.696  14.750  6.444   1.00 13.45 ? 170 ALA A CA    1 
ATOM   1343 C C     . ALA A 1 170 ? -2.071  14.828  5.779   1.00 15.30 ? 170 ALA A C     1 
ATOM   1344 O O     . ALA A 1 170 ? -2.269  14.291  4.691   1.00 14.76 ? 170 ALA A O     1 
ATOM   1345 C CB    . ALA A 1 170 ? -0.075  16.140  6.529   1.00 13.13 ? 170 ALA A CB    1 
ATOM   1346 N N     . GLN A 1 171 ? -3.011  15.513  6.423   1.00 16.50 ? 171 GLN A N     1 
ATOM   1347 C CA    . GLN A 1 171 ? -4.366  15.630  5.889   1.00 19.68 ? 171 GLN A CA    1 
ATOM   1348 C C     . GLN A 1 171 ? -4.468  16.293  4.521   1.00 19.47 ? 171 GLN A C     1 
ATOM   1349 O O     . GLN A 1 171 ? -5.495  16.170  3.848   1.00 20.36 ? 171 GLN A O     1 
ATOM   1350 C CB    . GLN A 1 171 ? -5.258  16.369  6.889   1.00 22.58 ? 171 GLN A CB    1 
ATOM   1351 C CG    . GLN A 1 171 ? -4.624  17.611  7.483   1.00 28.96 ? 171 GLN A CG    1 
ATOM   1352 C CD    . GLN A 1 171 ? -5.469  18.224  8.584   1.00 33.06 ? 171 GLN A CD    1 
ATOM   1353 O OE1   . GLN A 1 171 ? -5.000  19.078  9.339   1.00 35.37 ? 171 GLN A OE1   1 
ATOM   1354 N NE2   . GLN A 1 171 ? -6.724  17.793  8.678   1.00 33.98 ? 171 GLN A NE2   1 
ATOM   1355 N N     . ASP A 1 172 ? -3.417  16.991  4.098   1.00 19.03 ? 172 ASP A N     1 
ATOM   1356 C CA    . ASP A 1 172 ? -3.450  17.647  2.795   1.00 19.58 ? 172 ASP A CA    1 
ATOM   1357 C C     . ASP A 1 172 ? -3.176  16.670  1.655   1.00 20.53 ? 172 ASP A C     1 
ATOM   1358 O O     . ASP A 1 172 ? -3.289  17.025  0.482   1.00 21.55 ? 172 ASP A O     1 
ATOM   1359 C CB    . ASP A 1 172 ? -2.451  18.812  2.743   1.00 19.33 ? 172 ASP A CB    1 
ATOM   1360 C CG    . ASP A 1 172 ? -1.018  18.374  2.960   1.00 21.15 ? 172 ASP A CG    1 
ATOM   1361 O OD1   . ASP A 1 172 ? -0.763  17.155  3.068   1.00 17.03 ? 172 ASP A OD1   1 
ATOM   1362 O OD2   . ASP A 1 172 ? -0.139  19.259  3.019   1.00 20.78 ? 172 ASP A OD2   1 
ATOM   1363 N N     . GLY A 1 173 ? -2.821  15.439  2.007   1.00 19.04 ? 173 GLY A N     1 
ATOM   1364 C CA    . GLY A 1 173 ? -2.555  14.419  1.008   1.00 18.69 ? 173 GLY A CA    1 
ATOM   1365 C C     . GLY A 1 173 ? -1.319  14.601  0.146   1.00 18.65 ? 173 GLY A C     1 
ATOM   1366 O O     . GLY A 1 173 ? -1.181  13.930  -0.876  1.00 19.35 ? 173 GLY A O     1 
ATOM   1367 N N     . SER A 1 174 ? -0.411  15.486  0.543   1.00 17.41 ? 174 SER A N     1 
ATOM   1368 C CA    . SER A 1 174 ? 0.796   15.712  -0.245  1.00 17.60 ? 174 SER A CA    1 
ATOM   1369 C C     . SER A 1 174 ? 2.048   15.819  0.611   1.00 16.50 ? 174 SER A C     1 
ATOM   1370 O O     . SER A 1 174 ? 3.148   15.519  0.149   1.00 17.68 ? 174 SER A O     1 
ATOM   1371 C CB    . SER A 1 174 ? 0.652   16.978  -1.095  1.00 20.56 ? 174 SER A CB    1 
ATOM   1372 O OG    . SER A 1 174 ? 0.505   18.128  -0.281  1.00 24.03 ? 174 SER A OG    1 
ATOM   1373 N N     . THR A 1 175 ? 1.885   16.242  1.859   1.00 12.79 ? 175 THR A N     1 
ATOM   1374 C CA    . THR A 1 175 ? 3.028   16.380  2.753   1.00 13.74 ? 175 THR A CA    1 
ATOM   1375 C C     . THR A 1 175 ? 3.311   15.079  3.493   1.00 11.42 ? 175 THR A C     1 
ATOM   1376 O O     . THR A 1 175 ? 2.468   14.589  4.243   1.00 10.94 ? 175 THR A O     1 
ATOM   1377 C CB    . THR A 1 175 ? 2.795   17.489  3.793   1.00 15.62 ? 175 THR A CB    1 
ATOM   1378 O OG1   . THR A 1 175 ? 2.493   18.717  3.121   1.00 16.69 ? 175 THR A OG1   1 
ATOM   1379 C CG2   . THR A 1 175 ? 4.040   17.685  4.649   1.00 19.25 ? 175 THR A CG2   1 
ATOM   1380 N N     . LEU A 1 176 ? 4.497   14.523  3.273   1.00 11.49 ? 176 LEU A N     1 
ATOM   1381 C CA    . LEU A 1 176 ? 4.900   13.284  3.936   1.00 12.62 ? 176 LEU A CA    1 
ATOM   1382 C C     . LEU A 1 176 ? 5.212   13.545  5.399   1.00 11.88 ? 176 LEU A C     1 
ATOM   1383 O O     . LEU A 1 176 ? 5.766   14.589  5.742   1.00 12.92 ? 176 LEU A O     1 
ATOM   1384 C CB    . LEU A 1 176 ? 6.167   12.705  3.297   1.00 15.11 ? 176 LEU A CB    1 
ATOM   1385 C CG    . LEU A 1 176 ? 6.150   11.617  2.223   1.00 19.53 ? 176 LEU A CG    1 
ATOM   1386 C CD1   . LEU A 1 176 ? 7.596   11.225  1.925   1.00 20.88 ? 176 LEU A CD1   1 
ATOM   1387 C CD2   . LEU A 1 176 ? 5.372   10.395  2.700   1.00 16.59 ? 176 LEU A CD2   1 
ATOM   1388 N N     . ILE A 1 177 ? 4.855   12.594  6.258   1.00 10.66 ? 177 ILE A N     1 
ATOM   1389 C CA    . ILE A 1 177 ? 5.155   12.693  7.685   1.00 10.95 ? 177 ILE A CA    1 
ATOM   1390 C C     . ILE A 1 177 ? 5.658   11.318  8.110   1.00 11.09 ? 177 ILE A C     1 
ATOM   1391 O O     . ILE A 1 177 ? 5.470   10.343  7.385   1.00 8.95  ? 177 ILE A O     1 
ATOM   1392 C CB    . ILE A 1 177 ? 3.915   13.072  8.525   1.00 11.49 ? 177 ILE A CB    1 
ATOM   1393 C CG1   . ILE A 1 177 ? 2.819   12.018  8.362   1.00 11.10 ? 177 ILE A CG1   1 
ATOM   1394 C CG2   . ILE A 1 177 ? 3.417   14.462  8.117   1.00 12.38 ? 177 ILE A CG2   1 
ATOM   1395 C CD1   . ILE A 1 177 ? 1.578   12.297  9.200   1.00 15.25 ? 177 ILE A CD1   1 
ATOM   1396 N N     . ASP A 1 178 ? 6.309   11.235  9.265   1.00 11.05 ? 178 ASP A N     1 
ATOM   1397 C CA    . ASP A 1 178 ? 6.823   9.951   9.733   1.00 10.78 ? 178 ASP A CA    1 
ATOM   1398 C C     . ASP A 1 178 ? 5.706   9.000   10.131  1.00 12.24 ? 178 ASP A C     1 
ATOM   1399 O O     . ASP A 1 178 ? 4.710   9.405   10.731  1.00 12.41 ? 178 ASP A O     1 
ATOM   1400 C CB    . ASP A 1 178 ? 7.726   10.117  10.966  1.00 12.45 ? 178 ASP A CB    1 
ATOM   1401 C CG    . ASP A 1 178 ? 9.035   10.808  10.660  1.00 14.11 ? 178 ASP A CG    1 
ATOM   1402 O OD1   . ASP A 1 178 ? 9.670   10.481  9.640   1.00 14.02 ? 178 ASP A OD1   1 
ATOM   1403 O OD2   . ASP A 1 178 ? 9.440   11.670  11.466  1.00 19.78 ? 178 ASP A OD2   1 
ATOM   1404 N N     . CYS A 1 179 ? 5.876   7.729   9.791   1.00 9.07  ? 179 CYS A N     1 
ATOM   1405 C CA    . CYS A 1 179 ? 4.914   6.720   10.193  1.00 9.43  ? 179 CYS A CA    1 
ATOM   1406 C C     . CYS A 1 179 ? 5.408   6.282   11.567  1.00 13.61 ? 179 CYS A C     1 
ATOM   1407 O O     . CYS A 1 179 ? 6.584   6.462   11.877  1.00 14.74 ? 179 CYS A O     1 
ATOM   1408 C CB    . CYS A 1 179 ? 4.965   5.529   9.256   1.00 8.80  ? 179 CYS A CB    1 
ATOM   1409 S SG    . CYS A 1 179 ? 4.194   5.740   7.627   1.00 10.39 ? 179 CYS A SG    1 
ATOM   1410 N N     . THR A 1 180 ? 4.541   5.687   12.378  1.00 16.01 ? 180 THR A N     1 
ATOM   1411 C CA    . THR A 1 180 ? 4.958   5.269   13.713  1.00 22.09 ? 180 THR A CA    1 
ATOM   1412 C C     . THR A 1 180 ? 4.662   3.819   14.073  1.00 24.02 ? 180 THR A C     1 
ATOM   1413 O O     . THR A 1 180 ? 5.140   3.330   15.095  1.00 27.04 ? 180 THR A O     1 
ATOM   1414 C CB    . THR A 1 180 ? 4.296   6.144   14.788  1.00 23.79 ? 180 THR A CB    1 
ATOM   1415 O OG1   . THR A 1 180 ? 2.875   5.977   14.721  1.00 25.69 ? 180 THR A OG1   1 
ATOM   1416 C CG2   . THR A 1 180 ? 4.631   7.607   14.566  1.00 26.65 ? 180 THR A CG2   1 
ATOM   1417 N N     . ARG A 1 181 ? 3.880   3.125   13.254  1.00 23.83 ? 181 ARG A N     1 
ATOM   1418 C CA    . ARG A 1 181 ? 3.547   1.741   13.570  1.00 26.11 ? 181 ARG A CA    1 
ATOM   1419 C C     . ARG A 1 181 ? 3.996   0.707   12.551  1.00 24.83 ? 181 ARG A C     1 
ATOM   1420 O O     . ARG A 1 181 ? 3.623   0.761   11.376  1.00 26.68 ? 181 ARG A O     1 
ATOM   1421 C CB    . ARG A 1 181 ? 2.040   1.612   13.798  1.00 29.43 ? 181 ARG A CB    1 
ATOM   1422 C CG    . ARG A 1 181 ? 1.562   2.346   15.035  1.00 34.18 ? 181 ARG A CG    1 
ATOM   1423 C CD    . ARG A 1 181 ? 0.318   3.149   14.744  1.00 38.24 ? 181 ARG A CD    1 
ATOM   1424 N NE    . ARG A 1 181 ? 0.061   4.129   15.794  1.00 42.23 ? 181 ARG A NE    1 
ATOM   1425 C CZ    . ARG A 1 181 ? -0.848  5.090   15.702  1.00 44.48 ? 181 ARG A CZ    1 
ATOM   1426 N NH1   . ARG A 1 181 ? -1.586  5.195   14.605  1.00 46.00 ? 181 ARG A NH1   1 
ATOM   1427 N NH2   . ARG A 1 181 ? -1.015  5.947   16.701  1.00 45.41 ? 181 ARG A NH2   1 
ATOM   1428 N N     . ASP A 1 182 ? 4.798   -0.242  13.023  1.00 21.43 ? 182 ASP A N     1 
ATOM   1429 C CA    . ASP A 1 182 ? 5.305   -1.323  12.191  1.00 19.45 ? 182 ASP A CA    1 
ATOM   1430 C C     . ASP A 1 182 ? 4.801   -2.631  12.775  1.00 19.44 ? 182 ASP A C     1 
ATOM   1431 O O     . ASP A 1 182 ? 4.577   -2.728  13.982  1.00 19.41 ? 182 ASP A O     1 
ATOM   1432 C CB    . ASP A 1 182 ? 6.831   -1.366  12.222  1.00 20.03 ? 182 ASP A CB    1 
ATOM   1433 C CG    . ASP A 1 182 ? 7.462   -0.064  11.806  1.00 21.41 ? 182 ASP A CG    1 
ATOM   1434 O OD1   . ASP A 1 182 ? 7.277   0.334   10.642  1.00 15.92 ? 182 ASP A OD1   1 
ATOM   1435 O OD2   . ASP A 1 182 ? 8.144   0.557   12.647  1.00 23.97 ? 182 ASP A OD2   1 
ATOM   1436 N N     . THR A 1 183 ? 4.615   -3.633  11.925  1.00 16.63 ? 183 THR A N     1 
ATOM   1437 C CA    . THR A 1 183 ? 4.206   -4.939  12.415  1.00 16.11 ? 183 THR A CA    1 
ATOM   1438 C C     . THR A 1 183 ? 5.358   -5.891  12.129  1.00 17.77 ? 183 THR A C     1 
ATOM   1439 O O     . THR A 1 183 ? 5.241   -7.102  12.309  1.00 21.02 ? 183 THR A O     1 
ATOM   1440 C CB    . THR A 1 183 ? 2.921   -5.449  11.734  1.00 15.40 ? 183 THR A CB    1 
ATOM   1441 O OG1   . THR A 1 183 ? 3.094   -5.460  10.312  1.00 14.54 ? 183 THR A OG1   1 
ATOM   1442 C CG2   . THR A 1 183 ? 1.745   -4.560  12.104  1.00 17.32 ? 183 THR A CG2   1 
ATOM   1443 N N     . CYS A 1 184 ? 6.476   -5.325  11.681  1.00 16.34 ? 184 CYS A N     1 
ATOM   1444 C CA    . CYS A 1 184 ? 7.673   -6.106  11.388  1.00 15.27 ? 184 CYS A CA    1 
ATOM   1445 C C     . CYS A 1 184 ? 8.614   -6.108  12.579  1.00 16.85 ? 184 CYS A C     1 
ATOM   1446 O O     . CYS A 1 184 ? 8.707   -5.124  13.309  1.00 16.79 ? 184 CYS A O     1 
ATOM   1447 C CB    . CYS A 1 184 ? 8.448   -5.526  10.207  1.00 13.52 ? 184 CYS A CB    1 
ATOM   1448 S SG    . CYS A 1 184 ? 7.673   -5.686  8.572   1.00 11.30 ? 184 CYS A SG    1 
ATOM   1449 N N     . GLY A 1 185 ? 9.318   -7.220  12.753  1.00 16.42 ? 185 GLY A N     1 
ATOM   1450 C CA    . GLY A 1 185 ? 10.281  -7.334  13.831  1.00 17.51 ? 185 GLY A CA    1 
ATOM   1451 C C     . GLY A 1 185 ? 11.595  -6.771  13.331  1.00 16.96 ? 185 GLY A C     1 
ATOM   1452 O O     . GLY A 1 185 ? 11.623  -6.084  12.308  1.00 16.53 ? 185 GLY A O     1 
ATOM   1453 N N     . ALA A 1 186 ? 12.687  -7.071  14.029  1.00 15.23 ? 186 ALA A N     1 
ATOM   1454 C CA    . ALA A 1 186 ? 14.004  -6.567  13.650  1.00 16.18 ? 186 ALA A CA    1 
ATOM   1455 C C     . ALA A 1 186 ? 14.482  -7.062  12.288  1.00 16.41 ? 186 ALA A C     1 
ATOM   1456 O O     . ALA A 1 186 ? 15.222  -6.361  11.594  1.00 16.82 ? 186 ALA A O     1 
ATOM   1457 C CB    . ALA A 1 186 ? 15.025  -6.938  14.722  1.00 16.40 ? 186 ALA A CB    1 
ATOM   1458 N N     . ASN A 1 187 ? 14.069  -8.268  11.914  1.00 16.63 ? 187 ASN A N     1 
ATOM   1459 C CA    . ASN A 1 187 ? 14.461  -8.853  10.636  1.00 18.10 ? 187 ASN A CA    1 
ATOM   1460 C C     . ASN A 1 187 ? 13.278  -9.515  9.945   1.00 17.43 ? 187 ASN A C     1 
ATOM   1461 O O     . ASN A 1 187 ? 12.296  -9.882  10.588  1.00 17.76 ? 187 ASN A O     1 
ATOM   1462 C CB    . ASN A 1 187 ? 15.566  -9.895  10.839  1.00 22.74 ? 187 ASN A CB    1 
ATOM   1463 C CG    . ASN A 1 187 ? 16.836  -9.294  11.399  1.00 27.04 ? 187 ASN A CG    1 
ATOM   1464 O OD1   . ASN A 1 187 ? 17.436  -8.406  10.793  1.00 29.87 ? 187 ASN A OD1   1 
ATOM   1465 N ND2   . ASN A 1 187 ? 17.255  -9.777  12.564  1.00 30.89 ? 187 ASN A ND2   1 
ATOM   1466 N N     . PHE A 1 188 ? 13.393  -9.671  8.630   1.00 15.28 ? 188 PHE A N     1 
ATOM   1467 C CA    . PHE A 1 188 ? 12.349  -10.289 7.824   1.00 15.19 ? 188 PHE A CA    1 
ATOM   1468 C C     . PHE A 1 188 ? 12.885  -10.596 6.435   1.00 14.75 ? 188 PHE A C     1 
ATOM   1469 O O     . PHE A 1 188 ? 13.901  -10.044 6.016   1.00 14.78 ? 188 PHE A O     1 
ATOM   1470 C CB    . PHE A 1 188 ? 11.141  -9.352  7.720   1.00 14.18 ? 188 PHE A CB    1 
ATOM   1471 C CG    . PHE A 1 188 ? 11.494  -7.954  7.293   1.00 14.98 ? 188 PHE A CG    1 
ATOM   1472 C CD1   . PHE A 1 188 ? 11.788  -7.668  5.965   1.00 13.03 ? 188 PHE A CD1   1 
ATOM   1473 C CD2   . PHE A 1 188 ? 11.558  -6.928  8.231   1.00 15.65 ? 188 PHE A CD2   1 
ATOM   1474 C CE1   . PHE A 1 188 ? 12.142  -6.378  5.575   1.00 14.61 ? 188 PHE A CE1   1 
ATOM   1475 C CE2   . PHE A 1 188 ? 11.912  -5.631  7.850   1.00 15.58 ? 188 PHE A CE2   1 
ATOM   1476 C CZ    . PHE A 1 188 ? 12.204  -5.360  6.519   1.00 15.03 ? 188 PHE A CZ    1 
ATOM   1477 N N     . ILE A 1 189 ? 12.202  -11.486 5.724   1.00 13.83 ? 189 ILE A N     1 
ATOM   1478 C CA    . ILE A 1 189 ? 12.617  -11.844 4.379   1.00 13.43 ? 189 ILE A CA    1 
ATOM   1479 C C     . ILE A 1 189 ? 12.004  -10.899 3.355   1.00 13.37 ? 189 ILE A C     1 
ATOM   1480 O O     . ILE A 1 189 ? 10.831  -10.536 3.450   1.00 11.81 ? 189 ILE A O     1 
ATOM   1481 C CB    . ILE A 1 189 ? 12.198  -13.289 4.031   1.00 16.17 ? 189 ILE A CB    1 
ATOM   1482 C CG1   . ILE A 1 189 ? 13.040  -14.273 4.846   1.00 18.40 ? 189 ILE A CG1   1 
ATOM   1483 C CG2   . ILE A 1 189 ? 12.354  -13.541 2.536   1.00 18.66 ? 189 ILE A CG2   1 
ATOM   1484 C CD1   . ILE A 1 189 ? 12.806  -15.727 4.496   1.00 24.49 ? 189 ILE A CD1   1 
ATOM   1485 N N     . PHE A 1 190 ? 12.820  -10.494 2.387   1.00 13.27 ? 190 PHE A N     1 
ATOM   1486 C CA    . PHE A 1 190 ? 12.387  -9.618  1.304   1.00 13.49 ? 190 PHE A CA    1 
ATOM   1487 C C     . PHE A 1 190 ? 13.303  -9.851  0.107   1.00 14.38 ? 190 PHE A C     1 
ATOM   1488 O O     . PHE A 1 190 ? 14.477  -9.440  0.185   1.00 15.40 ? 190 PHE A O     1 
ATOM   1489 C CB    . PHE A 1 190 ? 12.449  -8.147  1.721   1.00 13.05 ? 190 PHE A CB    1 
ATOM   1490 C CG    . PHE A 1 190 ? 12.005  -7.191  0.640   1.00 15.39 ? 190 PHE A CG    1 
ATOM   1491 C CD1   . PHE A 1 190 ? 10.776  -7.357  0.010   1.00 15.08 ? 190 PHE A CD1   1 
ATOM   1492 C CD2   . PHE A 1 190 ? 12.812  -6.123  0.261   1.00 16.40 ? 190 PHE A CD2   1 
ATOM   1493 C CE1   . PHE A 1 190 ? 10.353  -6.468  -0.985  1.00 16.07 ? 190 PHE A CE1   1 
ATOM   1494 C CE2   . PHE A 1 190 ? 12.399  -5.229  -0.731  1.00 17.54 ? 190 PHE A CE2   1 
ATOM   1495 C CZ    . PHE A 1 190 ? 11.169  -5.402  -1.354  1.00 16.81 ? 190 PHE A CZ    1 
ATOM   1496 O OXT   . PHE A 1 190 ? 12.839  -10.457 -0.878  1.00 16.12 ? 190 PHE A OXT   1 
HETATM 1497 N N1    . U3P B 2 .   ? -7.517  -7.447  -0.595  1.00 31.65 ? 300 U3P A N1    1 
HETATM 1498 C C2    . U3P B 2 .   ? -8.072  -7.707  -1.889  1.00 29.06 ? 300 U3P A C2    1 
HETATM 1499 N N3    . U3P B 2 .   ? -7.144  -7.619  -2.937  1.00 23.84 ? 300 U3P A N3    1 
HETATM 1500 C C4    . U3P B 2 .   ? -5.774  -7.306  -2.809  1.00 22.55 ? 300 U3P A C4    1 
HETATM 1501 C C5    . U3P B 2 .   ? -5.302  -7.054  -1.444  1.00 23.27 ? 300 U3P A C5    1 
HETATM 1502 C C6    . U3P B 2 .   ? -6.221  -7.140  -0.387  1.00 28.39 ? 300 U3P A C6    1 
HETATM 1503 O O2    . U3P B 2 .   ? -9.242  -7.989  -2.122  1.00 28.39 ? 300 U3P A O2    1 
HETATM 1504 O O4    . U3P B 2 .   ? -5.031  -7.248  -3.774  1.00 18.39 ? 300 U3P A O4    1 
HETATM 1505 P P     . U3P B 2 .   ? -10.827 -7.246  3.960   1.00 56.47 ? 300 U3P A P     1 
HETATM 1506 O O1P   . U3P B 2 .   ? -10.098 -6.381  4.885   1.00 55.75 ? 300 U3P A O1P   1 
HETATM 1507 O O2P   . U3P B 2 .   ? -11.623 -8.344  4.578   1.00 55.68 ? 300 U3P A O2P   1 
HETATM 1508 O O3P   . U3P B 2 .   ? -11.873 -6.296  4.340   1.00 55.82 ? 300 U3P A O3P   1 
HETATM 1509 O "O5'" . U3P B 2 .   ? -12.436 -9.930  0.739   1.00 50.13 ? 300 U3P A "O5'" 1 
HETATM 1510 C "C5'" . U3P B 2 .   ? -11.028 -9.845  0.404   1.00 47.90 ? 300 U3P A "C5'" 1 
HETATM 1511 C "C4'" . U3P B 2 .   ? -10.307 -8.923  1.400   1.00 46.53 ? 300 U3P A "C4'" 1 
HETATM 1512 O "O4'" . U3P B 2 .   ? -8.857  -8.844  1.049   1.00 42.66 ? 300 U3P A "O4'" 1 
HETATM 1513 C "C3'" . U3P B 2 .   ? -10.738 -7.451  1.229   1.00 47.56 ? 300 U3P A "C3'" 1 
HETATM 1514 O "O3'" . U3P B 2 .   ? -11.359 -6.945  2.493   1.00 52.38 ? 300 U3P A "O3'" 1 
HETATM 1515 C "C2'" . U3P B 2 .   ? -9.517  -6.561  0.887   1.00 43.88 ? 300 U3P A "C2'" 1 
HETATM 1516 O "O2'" . U3P B 2 .   ? -9.243  -5.690  2.013   1.00 46.58 ? 300 U3P A "O2'" 1 
HETATM 1517 C "C1'" . U3P B 2 .   ? -8.309  -7.487  0.671   1.00 39.82 ? 300 U3P A "C1'" 1 
HETATM 1518 O O     . HOH C 3 .   ? 6.192   8.196   5.634   1.00 8.56  ? 200 HOH A O     1 
HETATM 1519 O O     . HOH C 3 .   ? -2.583  -3.960  -5.838  1.00 10.50 ? 201 HOH A O     1 
HETATM 1520 O O     . HOH C 3 .   ? 3.649   3.126   0.298   1.00 11.64 ? 202 HOH A O     1 
HETATM 1521 O O     . HOH C 3 .   ? 8.350   7.786   3.929   1.00 13.16 ? 203 HOH A O     1 
HETATM 1522 O O     . HOH C 3 .   ? 8.737   -10.475 1.452   1.00 13.54 ? 204 HOH A O     1 
HETATM 1523 O O     . HOH C 3 .   ? 6.510   1.499   -5.211  1.00 11.54 ? 205 HOH A O     1 
HETATM 1524 O O     . HOH C 3 .   ? -11.941 10.524  -0.336  1.00 14.11 ? 206 HOH A O     1 
HETATM 1525 O O     . HOH C 3 .   ? -8.116  2.533   -0.208  1.00 17.24 ? 207 HOH A O     1 
HETATM 1526 O O     . HOH C 3 .   ? -4.338  -25.201 -4.508  1.00 18.58 ? 208 HOH A O     1 
HETATM 1527 O O     . HOH C 3 .   ? 5.512   -26.539 10.362  1.00 18.97 ? 209 HOH A O     1 
HETATM 1528 O O     . HOH C 3 .   ? -6.155  -8.842  -10.982 1.00 25.21 ? 210 HOH A O     1 
HETATM 1529 O O     . HOH C 3 .   ? 0.875   -6.950  9.142   1.00 24.21 ? 211 HOH A O     1 
HETATM 1530 O O     . HOH C 3 .   ? 16.559  -3.778  12.547  1.00 24.08 ? 212 HOH A O     1 
HETATM 1531 O O     . HOH C 3 .   ? -5.726  5.740   -17.828 1.00 22.18 ? 213 HOH A O     1 
HETATM 1532 O O     . HOH C 3 .   ? 3.359   -16.335 -4.315  1.00 23.86 ? 214 HOH A O     1 
HETATM 1533 O O     . HOH C 3 .   ? 24.848  0.107   -6.391  1.00 23.08 ? 215 HOH A O     1 
HETATM 1534 O O     . HOH C 3 .   ? 19.542  -5.332  5.766   1.00 25.40 ? 216 HOH A O     1 
HETATM 1535 O O     . HOH C 3 .   ? 5.731   -11.301 10.877  1.00 21.74 ? 217 HOH A O     1 
HETATM 1536 O O     . HOH C 3 .   ? 19.539  -4.527  -4.392  1.00 24.47 ? 218 HOH A O     1 
HETATM 1537 O O     . HOH C 3 .   ? -1.828  -7.080  1.489   1.00 21.29 ? 219 HOH A O     1 
HETATM 1538 O O     . HOH C 3 .   ? 18.218  5.428   -3.271  1.00 31.53 ? 220 HOH A O     1 
HETATM 1539 O O     . HOH C 3 .   ? 8.255   -0.388  -6.432  1.00 19.54 ? 221 HOH A O     1 
HETATM 1540 O O     . HOH C 3 .   ? -19.162 3.420   3.549   1.00 28.48 ? 222 HOH A O     1 
HETATM 1541 O O     . HOH C 3 .   ? 9.711   -9.387  11.249  1.00 21.87 ? 223 HOH A O     1 
HETATM 1542 O O     . HOH C 3 .   ? -2.567  -13.351 1.591   1.00 32.92 ? 224 HOH A O     1 
HETATM 1543 O O     . HOH C 3 .   ? -17.394 11.719  -4.664  1.00 27.12 ? 225 HOH A O     1 
HETATM 1544 O O     . HOH C 3 .   ? 9.846   14.803  3.246   1.00 30.57 ? 226 HOH A O     1 
HETATM 1545 O O     . HOH C 3 .   ? -9.241  4.360   6.564   1.00 27.37 ? 227 HOH A O     1 
HETATM 1546 O O     . HOH C 3 .   ? -18.591 8.382   -5.771  1.00 28.89 ? 228 HOH A O     1 
HETATM 1547 O O     . HOH C 3 .   ? 19.755  2.437   6.263   1.00 25.35 ? 229 HOH A O     1 
HETATM 1548 O O     . HOH C 3 .   ? -8.281  -2.616  2.696   1.00 41.72 ? 230 HOH A O     1 
HETATM 1549 O O     . HOH C 3 .   ? -2.199  16.413  9.328   1.00 27.17 ? 231 HOH A O     1 
HETATM 1550 O O     . HOH C 3 .   ? 22.549  -2.810  2.082   1.00 25.25 ? 232 HOH A O     1 
HETATM 1551 O O     . HOH C 3 .   ? 10.199  7.512   -6.403  1.00 30.71 ? 233 HOH A O     1 
HETATM 1552 O O     . HOH C 3 .   ? -12.850 16.843  -3.710  1.00 28.03 ? 234 HOH A O     1 
HETATM 1553 O O     . HOH C 3 .   ? 7.645   16.239  4.501   1.00 30.47 ? 235 HOH A O     1 
HETATM 1554 O O     . HOH C 3 .   ? 9.984   -11.267 -1.230  1.00 30.71 ? 236 HOH A O     1 
HETATM 1555 O O     . HOH C 3 .   ? 2.472   2.696   9.611   1.00 28.84 ? 237 HOH A O     1 
HETATM 1556 O O     . HOH C 3 .   ? -6.233  -15.822 -3.605  1.00 28.16 ? 238 HOH A O     1 
HETATM 1557 O O     . HOH C 3 .   ? 16.566  3.724   10.276  1.00 32.20 ? 239 HOH A O     1 
HETATM 1558 O O     . HOH C 3 .   ? -11.275 17.852  -5.573  1.00 28.76 ? 240 HOH A O     1 
HETATM 1559 O O     . HOH C 3 .   ? 1.089   -1.254  10.632  1.00 30.43 ? 241 HOH A O     1 
HETATM 1560 O O     . HOH C 3 .   ? -0.305  -25.957 0.146   1.00 24.83 ? 242 HOH A O     1 
HETATM 1561 O O     . HOH C 3 .   ? -15.773 12.148  -8.229  1.00 25.69 ? 243 HOH A O     1 
HETATM 1562 O O     . HOH C 3 .   ? 24.454  -4.883  2.379   1.00 29.83 ? 244 HOH A O     1 
HETATM 1563 O O     . HOH C 3 .   ? 18.235  7.633   6.986   1.00 29.17 ? 245 HOH A O     1 
HETATM 1564 O O     . HOH C 3 .   ? -3.701  9.592   13.051  1.00 30.59 ? 246 HOH A O     1 
HETATM 1565 O O     . HOH C 3 .   ? -8.148  -16.164 -7.216  1.00 32.43 ? 247 HOH A O     1 
HETATM 1566 O O     . HOH C 3 .   ? 4.337   11.742  12.382  1.00 31.43 ? 248 HOH A O     1 
HETATM 1567 O O     . HOH C 3 .   ? -19.710 1.667   -10.726 1.00 35.02 ? 249 HOH A O     1 
HETATM 1568 O O     . HOH C 3 .   ? 19.684  -9.290  1.487   1.00 37.03 ? 250 HOH A O     1 
HETATM 1569 O O     . HOH C 3 .   ? -3.356  14.180  -6.981  1.00 29.90 ? 251 HOH A O     1 
HETATM 1570 O O     . HOH C 3 .   ? -0.685  -19.053 4.933   1.00 41.33 ? 252 HOH A O     1 
HETATM 1571 O O     . HOH C 3 .   ? 7.994   13.026  12.925  1.00 38.48 ? 253 HOH A O     1 
HETATM 1572 O O     . HOH C 3 .   ? 12.383  -8.532  16.609  1.00 36.53 ? 254 HOH A O     1 
HETATM 1573 O O     . HOH C 3 .   ? 6.284   15.654  1.202   1.00 37.57 ? 255 HOH A O     1 
HETATM 1574 O O     . HOH C 3 .   ? -4.136  -7.974  2.536   1.00 41.26 ? 256 HOH A O     1 
HETATM 1575 O O     . HOH C 3 .   ? -3.164  -5.423  5.306   1.00 37.78 ? 257 HOH A O     1 
HETATM 1576 O O     . HOH C 3 .   ? 1.026   10.369  -11.599 1.00 37.50 ? 258 HOH A O     1 
HETATM 1577 O O     . HOH C 3 .   ? 1.799   5.800   11.532  1.00 37.95 ? 259 HOH A O     1 
HETATM 1578 O O     . HOH C 3 .   ? -4.653  -5.845  -13.797 1.00 38.22 ? 260 HOH A O     1 
HETATM 1579 O O     . HOH C 3 .   ? -21.809 8.059   -6.599  1.00 33.91 ? 261 HOH A O     1 
HETATM 1580 O O     . HOH C 3 .   ? -7.217  8.603   -20.178 1.00 37.22 ? 262 HOH A O     1 
HETATM 1581 O O     . HOH C 3 .   ? 4.622   -22.703 1.686   1.00 37.64 ? 263 HOH A O     1 
HETATM 1582 O O     . HOH C 3 .   ? 1.538   -12.713 11.129  1.00 31.75 ? 264 HOH A O     1 
HETATM 1583 O O     . HOH C 3 .   ? 12.438  6.048   -5.832  1.00 35.63 ? 265 HOH A O     1 
HETATM 1584 O O     . HOH C 3 .   ? 7.875   18.654  6.389   1.00 48.11 ? 266 HOH A O     1 
HETATM 1585 O O     . HOH C 3 .   ? -7.404  18.106  3.456   1.00 35.96 ? 267 HOH A O     1 
HETATM 1586 O O     . HOH C 3 .   ? 11.817  -14.015 10.714  1.00 33.54 ? 268 HOH A O     1 
HETATM 1587 O O     . HOH C 3 .   ? 12.382  12.169  -3.350  1.00 42.43 ? 269 HOH A O     1 
HETATM 1588 O O     . HOH C 3 .   ? 10.731  14.321  10.937  1.00 52.29 ? 270 HOH A O     1 
HETATM 1589 O O     . HOH C 3 .   ? 17.362  2.016   13.845  1.00 42.09 ? 271 HOH A O     1 
HETATM 1590 O O     . HOH C 3 .   ? 20.167  -1.080  16.178  1.00 44.53 ? 272 HOH A O     1 
HETATM 1591 O O     . HOH C 3 .   ? 8.772   -19.874 4.530   1.00 47.70 ? 273 HOH A O     1 
HETATM 1592 O O     . HOH C 3 .   ? -14.681 13.060  5.115   1.00 37.36 ? 274 HOH A O     1 
HETATM 1593 O O     . HOH C 3 .   ? 21.456  -7.662  -1.595  1.00 49.47 ? 275 HOH A O     1 
HETATM 1594 O O     . HOH C 3 .   ? -0.940  -9.129  3.409   1.00 50.82 ? 276 HOH A O     1 
HETATM 1595 O O     . HOH C 3 .   ? 4.927   -17.501 2.880   1.00 38.32 ? 277 HOH A O     1 
HETATM 1596 O O     . HOH C 3 .   ? 17.496  5.105   -8.055  1.00 39.54 ? 278 HOH A O     1 
HETATM 1597 O O     . HOH C 3 .   ? 3.229   4.788   -13.995 1.00 43.25 ? 279 HOH A O     1 
HETATM 1598 O O     . HOH C 3 .   ? 15.224  -4.107  -9.849  1.00 49.26 ? 280 HOH A O     1 
HETATM 1599 O O     . HOH C 3 .   ? 9.063   7.833   -9.042  1.00 37.98 ? 281 HOH A O     1 
HETATM 1600 O O     . HOH C 3 .   ? 14.073  0.122   13.369  1.00 46.65 ? 282 HOH A O     1 
HETATM 1601 O O     . HOH C 3 .   ? 2.029   3.601   -15.891 1.00 40.89 ? 283 HOH A O     1 
HETATM 1602 O O     . HOH C 3 .   ? 6.618   -21.961 3.727   1.00 38.41 ? 284 HOH A O     1 
HETATM 1603 O O     . HOH C 3 .   ? 6.459   -19.611 1.970   1.00 42.89 ? 285 HOH A O     1 
HETATM 1604 O O     . HOH C 3 .   ? -9.521  -15.341 -9.508  1.00 39.62 ? 286 HOH A O     1 
HETATM 1605 O O     . HOH C 3 .   ? -0.133  -7.029  6.707   1.00 33.02 ? 287 HOH A O     1 
HETATM 1606 O O     . HOH C 3 .   ? -4.360  -10.912 2.294   1.00 38.81 ? 288 HOH A O     1 
HETATM 1607 O O     . HOH C 3 .   ? -2.452  5.235   -19.331 1.00 48.08 ? 289 HOH A O     1 
HETATM 1608 O O     . HOH C 3 .   ? -10.964 -3.555  -14.731 1.00 41.42 ? 290 HOH A O     1 
HETATM 1609 O O     . HOH C 3 .   ? 1.708   9.040   11.161  1.00 38.63 ? 291 HOH A O     1 
HETATM 1610 O O     . HOH C 3 .   ? -20.516 1.502   -3.517  1.00 44.89 ? 292 HOH A O     1 
HETATM 1611 O O     . HOH C 3 .   ? -9.583  14.129  17.569  1.00 49.08 ? 293 HOH A O     1 
# 
